data_1KBW
#
_entry.id   1KBW
#
_cell.length_a   66.230
_cell.length_b   99.550
_cell.length_c   103.710
_cell.angle_alpha   83.55
_cell.angle_beta   73.70
_cell.angle_gamma   73.01
#
_symmetry.space_group_name_H-M   'P 1'
#
loop_
_entity.id
_entity.type
_entity.pdbx_description
1 polymer 'Major outer membrane protein PAN 1'
2 non-polymer 'COPPER (II) ION'
3 water water
#
_entity_poly.entity_id   1
_entity_poly.type   'polypeptide(L)'
_entity_poly.pdbx_seq_one_letter_code
;MAAQATAETPAGELPVIDAVTTHAPEVPPAIDRDYPAKVRVKMETVEKTMKMDDGVEYRYWTFDGDVPGRMIRVREGDTV
EVEFSNNPSSTVPHNVDFHAATGQGGGAAATFTAPGRTSTFSFKALQPGLYIYHCAVAPVGMHIANGMYGLILVEPKEGL
PKVDKEFYIVQGDFYTKGKKGAQGLQPFDMDKAVAEQPEYVVFNGHVGALTGDNALKAKAGETVRMYVGNGGPNLVSSFH
VIGEIFDKVYVEGGKLINENVQSTIVPAGGSAIVEFKVDIPGNYTLVDHSIFRAFNKGALGQLKVEGAENPEIMTQKLSD
TAYAVPR
;
_entity_poly.pdbx_strand_id   A,B,C,D,E,F
#
loop_
_chem_comp.id
_chem_comp.type
_chem_comp.name
_chem_comp.formula
CU non-polymer 'COPPER (II) ION' 'Cu 2'
#
# COMPACT_ATOMS: atom_id res chain seq x y z
N GLU A 13 54.06 50.31 37.16
CA GLU A 13 52.72 50.69 37.72
C GLU A 13 51.71 51.09 36.67
N LEU A 14 51.80 50.51 35.47
CA LEU A 14 50.85 50.78 34.38
C LEU A 14 50.53 52.21 33.97
N PRO A 15 50.33 52.43 32.66
CA PRO A 15 50.00 53.75 32.13
C PRO A 15 48.58 54.09 32.59
N VAL A 16 48.34 55.36 32.88
CA VAL A 16 47.03 55.78 33.33
C VAL A 16 46.16 56.24 32.17
N ILE A 17 44.90 55.78 32.16
CA ILE A 17 43.98 56.11 31.09
C ILE A 17 42.62 56.52 31.64
N ASP A 18 42.14 57.70 31.25
CA ASP A 18 40.83 58.12 31.70
C ASP A 18 39.84 57.53 30.73
N ALA A 19 39.00 56.62 31.23
CA ALA A 19 38.03 55.96 30.39
C ALA A 19 36.99 56.89 29.79
N VAL A 20 36.65 56.62 28.53
CA VAL A 20 35.63 57.37 27.83
C VAL A 20 34.39 56.50 27.96
N THR A 21 33.42 56.93 28.78
CA THR A 21 32.21 56.16 28.95
C THR A 21 31.12 56.88 28.18
N THR A 22 30.27 56.11 27.51
CA THR A 22 29.23 56.70 26.68
C THR A 22 27.81 56.55 27.15
N HIS A 23 27.00 57.59 26.90
CA HIS A 23 25.61 57.48 27.27
C HIS A 23 24.96 56.57 26.26
N ALA A 24 23.86 55.94 26.62
CA ALA A 24 23.37 54.95 25.66
C ALA A 24 22.52 55.36 24.44
N PRO A 25 22.77 54.68 23.34
CA PRO A 25 22.99 53.97 22.08
C PRO A 25 24.48 53.87 21.74
N GLU A 26 25.23 54.88 22.18
CA GLU A 26 26.65 54.97 21.88
C GLU A 26 27.60 54.07 22.67
N VAL A 27 28.64 53.65 21.96
CA VAL A 27 29.66 52.77 22.48
C VAL A 27 31.01 53.48 22.42
N PRO A 28 31.85 53.27 23.45
CA PRO A 28 33.16 53.92 23.44
C PRO A 28 34.02 53.43 22.28
N PRO A 29 35.07 54.19 21.93
CA PRO A 29 35.96 53.82 20.84
C PRO A 29 36.60 52.46 21.08
N ALA A 30 36.88 51.74 20.01
CA ALA A 30 37.51 50.41 20.16
C ALA A 30 38.89 50.66 20.76
N ILE A 31 39.38 49.68 21.51
CA ILE A 31 40.68 49.78 22.16
C ILE A 31 41.82 49.70 21.16
N ASP A 32 42.57 50.79 21.04
CA ASP A 32 43.71 50.85 20.12
C ASP A 32 45.04 50.82 20.86
N ARG A 33 45.20 49.87 21.76
CA ARG A 33 46.43 49.68 22.51
C ARG A 33 46.62 48.20 22.75
N ASP A 34 47.87 47.76 22.79
CA ASP A 34 48.13 46.36 23.01
C ASP A 34 48.97 46.10 24.25
N TYR A 35 48.72 46.90 25.29
CA TYR A 35 49.42 46.77 26.56
C TYR A 35 48.42 47.10 27.67
N PRO A 36 48.63 46.53 28.87
CA PRO A 36 47.74 46.76 30.01
C PRO A 36 47.83 48.19 30.52
N ALA A 37 46.75 48.66 31.13
CA ALA A 37 46.73 50.00 31.67
C ALA A 37 45.77 50.11 32.85
N LYS A 38 45.91 51.20 33.60
CA LYS A 38 45.01 51.45 34.72
C LYS A 38 43.99 52.41 34.14
N VAL A 39 42.75 51.95 34.03
CA VAL A 39 41.72 52.80 33.47
C VAL A 39 40.86 53.46 34.54
N ARG A 40 40.94 54.78 34.61
CA ARG A 40 40.17 55.55 35.59
C ARG A 40 38.76 55.83 35.10
N VAL A 41 37.78 55.37 35.86
CA VAL A 41 36.39 55.56 35.53
C VAL A 41 35.71 56.36 36.64
N LYS A 42 34.95 57.37 36.26
CA LYS A 42 34.22 58.16 37.23
C LYS A 42 32.74 57.86 37.06
N MET A 43 32.11 57.45 38.15
CA MET A 43 30.68 57.14 38.13
C MET A 43 29.99 57.87 39.25
N GLU A 44 28.79 58.36 38.95
CA GLU A 44 28.00 59.05 39.96
C GLU A 44 26.61 58.46 39.95
N THR A 45 26.03 58.26 41.13
CA THR A 45 24.68 57.73 41.19
C THR A 45 23.76 58.88 41.56
N VAL A 46 22.77 59.13 40.71
CA VAL A 46 21.83 60.21 40.96
C VAL A 46 20.40 59.74 40.76
N GLU A 47 19.53 60.13 41.69
CA GLU A 47 18.12 59.77 41.65
C GLU A 47 17.39 60.93 40.98
N LYS A 48 16.55 60.62 40.01
CA LYS A 48 15.82 61.67 39.30
C LYS A 48 14.54 61.20 38.66
N THR A 49 13.57 62.10 38.57
CA THR A 49 12.29 61.80 37.96
C THR A 49 12.37 62.09 36.48
N MET A 50 11.94 61.12 35.68
CA MET A 50 11.95 61.28 34.24
C MET A 50 10.70 60.69 33.66
N LYS A 51 10.55 60.85 32.36
CA LYS A 51 9.39 60.35 31.65
C LYS A 51 9.61 58.89 31.25
N MET A 52 8.70 58.02 31.67
CA MET A 52 8.78 56.59 31.34
C MET A 52 8.08 56.41 30.01
N ASP A 53 6.96 57.13 29.87
CA ASP A 53 6.14 57.09 28.68
C ASP A 53 5.43 58.44 28.65
N ASP A 54 4.65 58.70 27.61
CA ASP A 54 3.94 59.98 27.51
C ASP A 54 3.05 60.17 28.73
N GLY A 55 3.24 61.27 29.44
CA GLY A 55 2.42 61.52 30.61
C GLY A 55 2.66 60.60 31.79
N VAL A 56 3.67 59.75 31.70
CA VAL A 56 4.00 58.83 32.79
C VAL A 56 5.40 59.12 33.31
N GLU A 57 5.50 59.45 34.60
CA GLU A 57 6.78 59.75 35.19
C GLU A 57 7.18 58.65 36.15
N TYR A 58 8.49 58.49 36.34
CA TYR A 58 9.00 57.46 37.21
C TYR A 58 10.22 58.02 37.95
N ARG A 59 10.41 57.57 39.18
CA ARG A 59 11.56 58.03 39.96
C ARG A 59 12.70 57.04 39.73
N TYR A 60 13.52 57.32 38.71
CA TYR A 60 14.65 56.44 38.41
C TYR A 60 15.85 56.66 39.33
N TRP A 61 16.55 55.56 39.62
CA TRP A 61 17.78 55.59 40.41
C TRP A 61 18.77 55.25 39.32
N THR A 62 19.67 56.17 39.01
CA THR A 62 20.60 55.95 37.90
C THR A 62 22.09 56.02 38.16
N PHE A 63 22.81 55.58 37.14
CA PHE A 63 24.26 55.64 37.10
C PHE A 63 24.47 56.72 36.05
N ASP A 64 24.88 57.90 36.49
CA ASP A 64 25.14 59.03 35.61
C ASP A 64 23.99 59.71 34.87
N GLY A 65 22.81 59.73 35.48
CA GLY A 65 21.70 60.44 34.87
C GLY A 65 20.67 59.76 33.99
N ASP A 66 20.86 58.50 33.65
CA ASP A 66 19.87 57.84 32.81
C ASP A 66 20.01 56.34 32.95
N VAL A 67 19.15 55.64 32.21
CA VAL A 67 19.15 54.20 32.17
C VAL A 67 19.37 53.80 30.73
N PRO A 68 20.37 52.95 30.46
CA PRO A 68 21.29 52.34 31.44
C PRO A 68 22.42 53.30 31.79
N GLY A 69 23.37 52.83 32.59
CA GLY A 69 24.49 53.68 32.95
C GLY A 69 25.40 53.82 31.74
N ARG A 70 26.48 54.56 31.90
CA ARG A 70 27.41 54.75 30.79
C ARG A 70 28.19 53.47 30.56
N MET A 71 28.38 53.13 29.30
CA MET A 71 29.12 51.92 28.96
C MET A 71 30.60 52.14 29.18
N ILE A 72 31.25 51.13 29.73
CA ILE A 72 32.70 51.17 29.99
C ILE A 72 33.34 50.17 29.05
N ARG A 73 34.44 50.56 28.44
CA ARG A 73 35.13 49.69 27.50
C ARG A 73 36.60 49.62 27.90
N VAL A 74 37.04 48.42 28.29
CA VAL A 74 38.43 48.21 28.68
C VAL A 74 39.00 46.97 28.01
N ARG A 75 40.28 46.71 28.27
CA ARG A 75 40.95 45.56 27.69
C ARG A 75 41.26 44.51 28.73
N GLU A 76 41.15 43.24 28.33
CA GLU A 76 41.44 42.13 29.21
C GLU A 76 42.81 42.35 29.84
N GLY A 77 42.90 42.29 31.17
CA GLY A 77 44.17 42.49 31.83
C GLY A 77 44.33 43.87 32.45
N ASP A 78 43.46 44.80 32.07
CA ASP A 78 43.50 46.15 32.61
C ASP A 78 43.06 46.20 34.06
N THR A 79 43.52 47.23 34.75
CA THR A 79 43.12 47.45 36.14
C THR A 79 42.13 48.59 36.00
N VAL A 80 40.92 48.39 36.50
CA VAL A 80 39.91 49.43 36.41
C VAL A 80 39.77 50.13 37.75
N GLU A 81 40.13 51.40 37.81
CA GLU A 81 40.01 52.14 39.04
C GLU A 81 38.76 53.00 38.98
N VAL A 82 37.83 52.72 39.88
CA VAL A 82 36.56 53.42 39.92
C VAL A 82 36.42 54.44 41.03
N GLU A 83 36.07 55.66 40.64
CA GLU A 83 35.81 56.71 41.61
C GLU A 83 34.30 56.77 41.57
N PHE A 84 33.69 56.22 42.62
CA PHE A 84 32.25 56.10 42.74
C PHE A 84 31.66 57.18 43.66
N SER A 85 30.82 58.04 43.10
CA SER A 85 30.20 59.12 43.89
C SER A 85 28.69 59.04 43.97
N ASN A 86 28.16 59.15 45.18
CA ASN A 86 26.71 59.13 45.36
C ASN A 86 26.28 60.58 45.55
N ASN A 87 25.53 61.11 44.59
CA ASN A 87 25.06 62.49 44.65
C ASN A 87 24.48 62.88 46.00
N PRO A 88 24.75 64.11 46.45
CA PRO A 88 24.27 64.64 47.74
C PRO A 88 22.76 64.55 47.93
N SER A 89 22.01 64.60 46.85
CA SER A 89 20.55 64.56 46.94
C SER A 89 19.95 63.17 47.01
N SER A 90 20.78 62.14 46.86
CA SER A 90 20.27 60.78 46.91
C SER A 90 19.70 60.50 48.29
N THR A 91 18.68 59.65 48.32
CA THR A 91 18.00 59.32 49.58
C THR A 91 18.45 57.99 50.17
N VAL A 92 19.26 57.24 49.43
CA VAL A 92 19.73 55.95 49.92
C VAL A 92 21.16 55.67 49.47
N PRO A 93 21.82 54.68 50.10
CA PRO A 93 23.19 54.38 49.69
C PRO A 93 23.13 53.69 48.34
N HIS A 94 24.24 53.66 47.63
CA HIS A 94 24.33 53.00 46.34
C HIS A 94 25.73 52.43 46.20
N ASN A 95 25.86 51.38 45.42
CA ASN A 95 27.16 50.77 45.18
C ASN A 95 27.12 50.16 43.81
N VAL A 96 28.12 49.37 43.47
CA VAL A 96 28.14 48.76 42.16
C VAL A 96 28.77 47.37 42.19
N ASP A 97 28.10 46.45 41.53
CA ASP A 97 28.56 45.08 41.41
C ASP A 97 28.84 44.90 39.92
N PHE A 98 30.11 44.72 39.58
CA PHE A 98 30.51 44.51 38.19
C PHE A 98 30.61 43.01 37.93
N HIS A 99 29.85 42.47 36.99
CA HIS A 99 29.95 41.06 36.71
C HIS A 99 31.29 40.77 36.08
N ALA A 100 32.02 41.82 35.72
CA ALA A 100 33.33 41.67 35.10
C ALA A 100 34.43 41.56 36.15
N ALA A 101 34.10 41.90 37.39
CA ALA A 101 35.06 41.86 38.49
C ALA A 101 35.03 40.57 39.29
N THR A 102 36.20 40.09 39.67
CA THR A 102 36.33 38.87 40.45
C THR A 102 36.63 39.25 41.89
N GLY A 103 35.76 38.87 42.80
CA GLY A 103 35.96 39.20 44.20
C GLY A 103 34.68 39.67 44.87
N GLN A 104 34.75 39.82 46.19
CA GLN A 104 33.60 40.23 47.00
C GLN A 104 32.54 41.09 46.32
N GLY A 105 31.37 40.49 46.14
CA GLY A 105 30.23 41.17 45.54
C GLY A 105 30.51 41.92 44.26
N GLY A 106 31.59 41.56 43.57
CA GLY A 106 31.93 42.24 42.33
C GLY A 106 32.21 43.71 42.54
N GLY A 107 32.60 44.07 43.76
CA GLY A 107 32.92 45.45 44.07
C GLY A 107 31.89 46.15 44.96
N ALA A 108 30.77 45.46 45.21
CA ALA A 108 29.69 46.01 46.03
C ALA A 108 30.11 46.47 47.42
N ALA A 109 30.89 45.65 48.11
CA ALA A 109 31.34 46.00 49.46
C ALA A 109 32.22 47.23 49.45
N ALA A 110 33.20 47.24 48.54
CA ALA A 110 34.14 48.35 48.42
C ALA A 110 33.53 49.64 47.88
N THR A 111 32.37 49.55 47.24
CA THR A 111 31.76 50.73 46.66
C THR A 111 30.49 51.24 47.37
N PHE A 112 30.21 50.70 48.56
CA PHE A 112 29.03 51.13 49.32
C PHE A 112 29.22 52.61 49.63
N THR A 113 28.42 53.46 49.01
CA THR A 113 28.56 54.90 49.19
C THR A 113 27.29 55.64 49.60
N ALA A 114 27.32 56.24 50.79
CA ALA A 114 26.19 57.01 51.29
C ALA A 114 26.08 58.29 50.48
N PRO A 115 24.92 58.95 50.53
CA PRO A 115 24.75 60.19 49.77
C PRO A 115 25.80 61.23 50.14
N GLY A 116 26.23 62.01 49.15
CA GLY A 116 27.21 63.05 49.38
C GLY A 116 28.63 62.57 49.62
N ARG A 117 28.85 61.26 49.51
CA ARG A 117 30.16 60.67 49.73
C ARG A 117 30.72 60.07 48.44
N THR A 118 32.03 59.84 48.41
CA THR A 118 32.70 59.25 47.24
C THR A 118 33.56 58.07 47.69
N SER A 119 33.45 56.97 46.96
CA SER A 119 34.25 55.77 47.25
C SER A 119 35.19 55.51 46.10
N THR A 120 36.29 54.84 46.38
CA THR A 120 37.26 54.51 45.34
C THR A 120 37.72 53.08 45.53
N PHE A 121 37.91 52.38 44.44
CA PHE A 121 38.37 51.01 44.49
C PHE A 121 38.78 50.55 43.09
N SER A 122 39.58 49.49 43.02
CA SER A 122 40.02 49.00 41.73
C SER A 122 39.96 47.49 41.66
N PHE A 123 39.79 46.99 40.43
CA PHE A 123 39.71 45.56 40.19
C PHE A 123 40.35 45.28 38.84
N LYS A 124 40.88 44.08 38.68
CA LYS A 124 41.54 43.70 37.43
C LYS A 124 40.54 42.96 36.54
N ALA A 125 40.38 43.44 35.31
CA ALA A 125 39.46 42.81 34.36
C ALA A 125 40.14 41.56 33.81
N LEU A 126 40.00 40.46 34.54
CA LEU A 126 40.62 39.19 34.18
C LEU A 126 40.10 38.49 32.94
N GLN A 127 38.80 38.61 32.69
CA GLN A 127 38.20 37.90 31.55
C GLN A 127 37.44 38.75 30.56
N PRO A 128 37.68 38.51 29.26
CA PRO A 128 36.99 39.28 28.22
C PRO A 128 35.50 38.91 28.22
N GLY A 129 34.66 39.80 27.71
CA GLY A 129 33.24 39.53 27.67
C GLY A 129 32.41 40.80 27.81
N LEU A 130 31.10 40.67 27.68
CA LEU A 130 30.18 41.80 27.82
C LEU A 130 29.47 41.59 29.13
N TYR A 131 29.83 42.39 30.13
CA TYR A 131 29.27 42.25 31.46
C TYR A 131 28.32 43.33 31.96
N ILE A 132 27.32 42.88 32.71
CA ILE A 132 26.36 43.77 33.30
C ILE A 132 26.94 44.22 34.63
N TYR A 133 26.63 45.44 35.01
CA TYR A 133 27.03 45.95 36.31
C TYR A 133 25.75 46.56 36.84
N HIS A 134 25.57 46.49 38.15
CA HIS A 134 24.35 47.02 38.76
C HIS A 134 24.54 47.31 40.24
N CYS A 135 23.58 48.01 40.81
CA CYS A 135 23.63 48.35 42.23
C CYS A 135 23.25 47.11 43.01
N ALA A 136 23.88 46.92 44.17
CA ALA A 136 23.61 45.76 45.00
C ALA A 136 23.35 46.11 46.47
N VAL A 137 22.66 47.22 46.70
CA VAL A 137 22.33 47.65 48.05
C VAL A 137 20.94 47.09 48.37
N ALA A 138 20.75 46.62 49.60
CA ALA A 138 19.46 46.06 50.00
C ALA A 138 18.36 47.12 50.07
N PRO A 139 17.18 46.82 49.50
CA PRO A 139 16.84 45.58 48.80
C PRO A 139 17.36 45.59 47.36
N VAL A 140 18.22 44.62 47.05
CA VAL A 140 18.85 44.50 45.73
C VAL A 140 17.90 44.60 44.55
N GLY A 141 16.78 43.87 44.60
CA GLY A 141 15.84 43.93 43.49
C GLY A 141 15.30 45.31 43.20
N MET A 142 15.06 46.08 44.25
CA MET A 142 14.53 47.44 44.10
C MET A 142 15.55 48.38 43.47
N HIS A 143 16.80 48.28 43.89
CA HIS A 143 17.83 49.13 43.32
C HIS A 143 18.00 48.82 41.85
N ILE A 144 17.91 47.54 41.48
CA ILE A 144 18.03 47.18 40.07
C ILE A 144 16.79 47.62 39.32
N ALA A 145 15.62 47.30 39.87
CA ALA A 145 14.36 47.65 39.23
C ALA A 145 14.21 49.14 38.93
N ASN A 146 14.78 50.01 39.75
CA ASN A 146 14.66 51.43 39.51
C ASN A 146 15.60 51.95 38.43
N GLY A 147 16.32 51.05 37.77
CA GLY A 147 17.21 51.45 36.69
C GLY A 147 18.72 51.44 36.87
N MET A 148 19.20 50.95 38.01
CA MET A 148 20.64 50.93 38.25
C MET A 148 21.41 49.76 37.65
N TYR A 149 21.65 49.81 36.35
CA TYR A 149 22.39 48.78 35.66
C TYR A 149 22.95 49.31 34.33
N GLY A 150 24.13 48.84 33.97
CA GLY A 150 24.77 49.26 32.75
C GLY A 150 25.66 48.13 32.28
N LEU A 151 26.43 48.38 31.22
CA LEU A 151 27.32 47.37 30.67
C LEU A 151 28.78 47.79 30.63
N ILE A 152 29.64 46.83 30.89
CA ILE A 152 31.05 47.05 30.79
C ILE A 152 31.58 46.00 29.82
N LEU A 153 32.16 46.48 28.73
CA LEU A 153 32.70 45.58 27.72
C LEU A 153 34.18 45.39 27.99
N VAL A 154 34.59 44.14 28.17
CA VAL A 154 35.99 43.82 28.42
C VAL A 154 36.48 43.13 27.14
N GLU A 155 37.20 43.87 26.30
CA GLU A 155 37.74 43.35 25.05
C GLU A 155 38.88 42.36 25.24
N PRO A 156 38.98 41.38 24.33
CA PRO A 156 40.05 40.37 24.40
C PRO A 156 41.37 41.07 24.07
N LYS A 157 42.49 40.50 24.52
CA LYS A 157 43.79 41.10 24.24
C LYS A 157 43.87 41.53 22.77
N GLU A 158 43.50 40.61 21.88
CA GLU A 158 43.55 40.85 20.44
C GLU A 158 42.49 41.82 19.91
N GLY A 159 41.52 42.17 20.75
CA GLY A 159 40.47 43.08 20.33
C GLY A 159 39.39 42.39 19.52
N LEU A 160 38.30 43.11 19.26
CA LEU A 160 37.19 42.56 18.48
C LEU A 160 37.30 43.05 17.05
N PRO A 161 36.76 42.27 16.09
CA PRO A 161 36.81 42.63 14.66
C PRO A 161 36.20 44.01 14.42
N LYS A 162 36.76 44.75 13.46
CA LYS A 162 36.22 46.06 13.14
C LYS A 162 34.81 45.89 12.63
N VAL A 163 33.97 46.87 12.92
CA VAL A 163 32.58 46.86 12.50
C VAL A 163 32.25 48.30 12.14
N ASP A 164 31.25 48.49 11.26
CA ASP A 164 30.90 49.84 10.86
C ASP A 164 30.19 50.61 11.97
N LYS A 165 29.18 49.98 12.58
CA LYS A 165 28.46 50.65 13.65
C LYS A 165 28.26 49.79 14.88
N GLU A 166 28.36 50.42 16.04
CA GLU A 166 28.17 49.75 17.33
C GLU A 166 27.11 50.43 18.16
N PHE A 167 26.21 49.63 18.73
CA PHE A 167 25.13 50.17 19.55
C PHE A 167 25.08 49.53 20.93
N TYR A 168 24.72 50.35 21.92
CA TYR A 168 24.60 49.96 23.32
C TYR A 168 23.11 49.86 23.65
N ILE A 169 22.63 48.64 23.82
CA ILE A 169 21.22 48.40 24.12
C ILE A 169 21.05 47.55 25.38
N VAL A 170 20.24 48.02 26.33
CA VAL A 170 19.99 47.26 27.53
C VAL A 170 18.50 47.19 27.80
N GLN A 171 17.98 45.98 27.93
CA GLN A 171 16.56 45.79 28.19
C GLN A 171 16.34 45.70 29.70
N GLY A 172 15.14 46.07 30.13
CA GLY A 172 14.82 46.00 31.54
C GLY A 172 13.32 45.99 31.75
N ASP A 173 12.86 45.38 32.84
CA ASP A 173 11.44 45.34 33.14
C ASP A 173 11.14 46.23 34.34
N PHE A 174 10.12 47.06 34.21
CA PHE A 174 9.75 48.00 35.28
C PHE A 174 8.38 47.71 35.88
N TYR A 175 8.32 47.87 37.19
CA TYR A 175 7.10 47.62 37.94
C TYR A 175 6.49 48.87 38.53
N THR A 176 5.40 49.27 37.90
CA THR A 176 4.66 50.47 38.23
C THR A 176 3.39 50.14 39.02
N LYS A 177 3.05 50.99 40.00
CA LYS A 177 1.85 50.74 40.79
C LYS A 177 0.64 50.77 39.88
N GLY A 178 0.52 51.80 39.05
CA GLY A 178 -0.59 51.88 38.13
C GLY A 178 -0.28 50.98 36.96
N LYS A 179 -1.27 50.72 36.10
CA LYS A 179 -0.96 49.87 34.96
C LYS A 179 -0.39 50.72 33.83
N LYS A 180 0.22 50.06 32.86
CA LYS A 180 0.83 50.73 31.72
C LYS A 180 -0.12 51.82 31.21
N GLY A 181 0.38 53.05 31.14
CA GLY A 181 -0.47 54.14 30.65
C GLY A 181 -1.01 55.07 31.72
N ALA A 182 -1.18 54.56 32.93
CA ALA A 182 -1.70 55.38 34.03
C ALA A 182 -0.84 56.62 34.14
N GLN A 183 -1.46 57.79 33.99
CA GLN A 183 -0.77 59.08 34.05
C GLN A 183 -0.22 59.46 35.42
N GLY A 184 0.82 60.29 35.42
CA GLY A 184 1.41 60.75 36.66
C GLY A 184 2.66 60.03 37.10
N LEU A 185 3.16 60.43 38.27
CA LEU A 185 4.35 59.81 38.84
C LEU A 185 3.95 58.46 39.40
N GLN A 186 4.45 57.39 38.78
CA GLN A 186 4.13 56.04 39.22
C GLN A 186 5.21 55.45 40.12
N PRO A 187 4.84 55.03 41.34
CA PRO A 187 5.78 54.46 42.30
C PRO A 187 6.17 53.03 41.94
N PHE A 188 7.27 52.56 42.52
CA PHE A 188 7.74 51.21 42.29
C PHE A 188 6.74 50.28 43.01
N ASP A 189 6.38 49.17 42.37
CA ASP A 189 5.43 48.23 42.99
C ASP A 189 6.12 46.91 43.32
N MET A 190 6.46 46.75 44.59
CA MET A 190 7.14 45.55 45.09
C MET A 190 6.41 44.25 44.78
N ASP A 191 5.10 44.23 44.93
CA ASP A 191 4.33 43.01 44.69
C ASP A 191 4.39 42.53 43.24
N LYS A 192 4.33 43.47 42.29
CA LYS A 192 4.40 43.05 40.89
C LYS A 192 5.82 42.58 40.58
N ALA A 193 6.80 43.20 41.25
CA ALA A 193 8.18 42.81 41.04
C ALA A 193 8.41 41.37 41.47
N VAL A 194 7.91 41.02 42.64
CA VAL A 194 8.05 39.66 43.17
C VAL A 194 7.30 38.64 42.31
N ALA A 195 6.15 39.05 41.78
CA ALA A 195 5.36 38.15 40.94
C ALA A 195 5.82 38.12 39.49
N GLU A 196 6.83 38.92 39.19
CA GLU A 196 7.38 38.98 37.83
C GLU A 196 6.35 39.42 36.78
N GLN A 197 5.55 40.42 37.15
CA GLN A 197 4.53 40.98 36.27
C GLN A 197 4.81 42.46 36.05
N PRO A 198 5.72 42.78 35.13
CA PRO A 198 6.05 44.18 34.87
C PRO A 198 4.97 44.89 34.05
N GLU A 199 4.96 46.21 34.15
CA GLU A 199 4.01 47.03 33.39
C GLU A 199 4.72 47.53 32.15
N TYR A 200 6.02 47.77 32.30
CA TYR A 200 6.84 48.24 31.18
C TYR A 200 8.06 47.36 31.00
N VAL A 201 8.37 47.04 29.75
CA VAL A 201 9.55 46.28 29.40
C VAL A 201 10.11 47.14 28.29
N VAL A 202 11.25 47.78 28.54
CA VAL A 202 11.79 48.70 27.57
C VAL A 202 13.28 48.54 27.27
N PHE A 203 13.73 49.24 26.23
CA PHE A 203 15.14 49.23 25.86
C PHE A 203 15.60 50.61 26.29
N ASN A 204 16.70 50.67 27.04
CA ASN A 204 17.26 51.93 27.49
C ASN A 204 16.34 52.85 28.33
N GLY A 205 15.80 52.28 29.40
CA GLY A 205 14.97 53.00 30.34
C GLY A 205 13.64 53.69 30.08
N HIS A 206 13.27 53.90 28.83
CA HIS A 206 12.00 54.59 28.57
C HIS A 206 11.32 54.02 27.33
N VAL A 207 10.01 54.21 27.23
CA VAL A 207 9.29 53.77 26.07
C VAL A 207 9.75 54.74 24.99
N GLY A 208 10.12 54.22 23.83
CA GLY A 208 10.56 55.08 22.74
C GLY A 208 11.98 55.62 22.80
N ALA A 209 12.75 55.22 23.80
CA ALA A 209 14.13 55.70 23.93
C ALA A 209 14.95 55.49 22.66
N LEU A 210 14.66 54.41 21.93
CA LEU A 210 15.35 54.07 20.69
C LEU A 210 14.42 54.03 19.50
N THR A 211 13.38 54.86 19.53
CA THR A 211 12.42 54.87 18.43
C THR A 211 12.09 56.28 17.99
N GLY A 212 11.30 56.38 16.93
CA GLY A 212 10.91 57.67 16.41
C GLY A 212 12.13 58.50 16.08
N ASP A 213 12.21 59.69 16.67
CA ASP A 213 13.34 60.57 16.42
C ASP A 213 14.62 60.03 17.04
N ASN A 214 14.48 59.13 18.01
CA ASN A 214 15.65 58.57 18.66
C ASN A 214 16.11 57.25 18.06
N ALA A 215 15.54 56.90 16.92
CA ALA A 215 15.89 55.65 16.24
C ALA A 215 17.38 55.59 15.93
N LEU A 216 17.94 54.39 15.96
CA LEU A 216 19.34 54.19 15.65
C LEU A 216 19.47 54.35 14.15
N LYS A 217 20.64 54.77 13.67
CA LYS A 217 20.82 54.98 12.24
C LYS A 217 22.04 54.28 11.67
N ALA A 218 21.89 53.74 10.47
CA ALA A 218 22.97 53.05 9.77
C ALA A 218 22.74 53.23 8.28
N LYS A 219 23.74 52.90 7.48
CA LYS A 219 23.61 53.03 6.04
C LYS A 219 23.67 51.63 5.43
N ALA A 220 22.94 51.43 4.32
CA ALA A 220 22.91 50.13 3.66
C ALA A 220 24.33 49.65 3.36
N GLY A 221 24.58 48.37 3.64
CA GLY A 221 25.89 47.81 3.39
C GLY A 221 26.76 47.73 4.64
N GLU A 222 26.44 48.53 5.65
CA GLU A 222 27.23 48.53 6.88
C GLU A 222 27.00 47.29 7.74
N THR A 223 28.07 46.86 8.41
CA THR A 223 27.97 45.72 9.31
C THR A 223 27.70 46.35 10.67
N VAL A 224 26.67 45.88 11.33
CA VAL A 224 26.26 46.41 12.62
C VAL A 224 26.46 45.46 13.80
N ARG A 225 27.02 45.96 14.89
CA ARG A 225 27.21 45.16 16.10
C ARG A 225 26.42 45.78 17.23
N MET A 226 25.62 44.97 17.90
CA MET A 226 24.84 45.48 19.03
C MET A 226 25.25 44.78 20.32
N TYR A 227 25.64 45.58 21.31
CA TYR A 227 26.01 45.04 22.61
C TYR A 227 24.69 45.05 23.36
N VAL A 228 24.09 43.87 23.52
CA VAL A 228 22.80 43.77 24.18
C VAL A 228 22.84 43.24 25.62
N GLY A 229 22.42 44.07 26.54
CA GLY A 229 22.40 43.66 27.92
C GLY A 229 20.97 43.48 28.40
N ASN A 230 20.79 42.77 29.50
CA ASN A 230 19.47 42.53 30.06
C ASN A 230 19.57 42.78 31.56
N GLY A 231 19.22 44.00 31.98
CA GLY A 231 19.31 44.34 33.38
C GLY A 231 18.26 43.69 34.25
N GLY A 232 17.25 43.10 33.62
CA GLY A 232 16.20 42.47 34.39
C GLY A 232 15.34 43.55 35.03
N PRO A 233 15.01 43.44 36.32
CA PRO A 233 15.36 42.37 37.27
C PRO A 233 14.98 40.94 36.96
N ASN A 234 13.76 40.73 36.45
CA ASN A 234 13.28 39.39 36.24
C ASN A 234 13.16 38.72 34.87
N LEU A 235 12.81 39.48 33.84
CA LEU A 235 12.64 38.87 32.54
C LEU A 235 13.84 38.39 31.76
N VAL A 236 13.56 37.44 30.87
CA VAL A 236 14.54 36.83 29.97
C VAL A 236 14.08 37.27 28.58
N SER A 237 15.01 37.82 27.81
CA SER A 237 14.67 38.31 26.48
C SER A 237 14.93 37.37 25.31
N SER A 238 13.98 37.33 24.38
CA SER A 238 14.11 36.55 23.16
C SER A 238 14.40 37.65 22.15
N PHE A 239 15.61 38.20 22.22
CA PHE A 239 16.00 39.29 21.34
C PHE A 239 15.92 38.98 19.84
N HIS A 240 15.33 39.88 19.09
CA HIS A 240 15.15 39.72 17.66
C HIS A 240 15.07 41.08 16.95
N VAL A 241 15.51 41.13 15.70
CA VAL A 241 15.43 42.35 14.92
C VAL A 241 14.57 42.04 13.71
N ILE A 242 13.38 42.64 13.67
CA ILE A 242 12.47 42.40 12.56
C ILE A 242 13.06 42.87 11.24
N GLY A 243 13.11 41.96 10.27
CA GLY A 243 13.65 42.28 8.98
C GLY A 243 15.09 41.86 8.77
N GLU A 244 15.73 41.38 9.82
CA GLU A 244 17.13 40.96 9.69
C GLU A 244 17.40 39.63 10.39
N ILE A 245 18.61 39.12 10.19
CA ILE A 245 19.02 37.86 10.79
C ILE A 245 20.40 38.07 11.40
N PHE A 246 20.66 37.43 12.53
CA PHE A 246 21.94 37.56 13.19
C PHE A 246 23.01 36.73 12.50
N ASP A 247 23.99 37.41 11.90
CA ASP A 247 25.07 36.71 11.23
C ASP A 247 25.89 36.02 12.30
N LYS A 248 26.10 36.72 13.41
CA LYS A 248 26.86 36.15 14.51
C LYS A 248 26.22 36.52 15.84
N VAL A 249 26.29 35.58 16.78
CA VAL A 249 25.75 35.77 18.12
C VAL A 249 26.78 35.22 19.10
N TYR A 250 27.27 36.07 20.00
CA TYR A 250 28.21 35.61 21.01
C TYR A 250 27.25 35.10 22.07
N VAL A 251 27.03 33.79 22.08
CA VAL A 251 26.10 33.17 23.01
C VAL A 251 26.28 33.56 24.47
N GLU A 252 25.23 34.15 25.03
CA GLU A 252 25.21 34.61 26.43
C GLU A 252 26.36 35.56 26.77
N GLY A 253 26.90 36.20 25.74
CA GLY A 253 27.99 37.14 25.93
C GLY A 253 29.38 36.54 26.08
N GLY A 254 29.47 35.23 25.95
CA GLY A 254 30.74 34.54 26.07
C GLY A 254 31.52 34.43 24.78
N LYS A 255 32.49 33.51 24.76
CA LYS A 255 33.38 33.27 23.60
C LYS A 255 32.72 32.52 22.45
N LEU A 256 31.77 31.66 22.79
CA LEU A 256 31.06 30.85 21.80
C LEU A 256 30.28 31.68 20.80
N ILE A 257 30.45 31.37 19.52
CA ILE A 257 29.77 32.11 18.48
C ILE A 257 28.82 31.27 17.64
N ASN A 258 27.58 31.70 17.58
CA ASN A 258 26.57 30.99 16.80
C ASN A 258 26.32 31.82 15.54
N GLU A 259 25.70 31.21 14.54
CA GLU A 259 25.46 31.92 13.29
C GLU A 259 24.08 31.65 12.70
N ASN A 260 23.53 32.65 12.02
CA ASN A 260 22.23 32.52 11.38
C ASN A 260 21.14 32.24 12.40
N VAL A 261 21.03 33.11 13.39
CA VAL A 261 20.03 32.99 14.44
C VAL A 261 19.01 34.10 14.28
N GLN A 262 17.73 33.74 14.32
CA GLN A 262 16.68 34.72 14.17
C GLN A 262 16.34 35.38 15.49
N SER A 263 16.46 34.63 16.57
CA SER A 263 16.11 35.14 17.87
C SER A 263 16.91 34.43 18.97
N THR A 264 17.62 35.20 19.81
CA THR A 264 18.41 34.62 20.92
C THR A 264 17.91 34.99 22.28
N ILE A 265 18.19 34.12 23.24
CA ILE A 265 17.82 34.36 24.63
C ILE A 265 18.90 35.22 25.30
N VAL A 266 18.48 36.26 26.00
CA VAL A 266 19.42 37.09 26.74
C VAL A 266 18.98 36.88 28.19
N PRO A 267 19.79 36.16 28.98
CA PRO A 267 19.50 35.87 30.39
C PRO A 267 19.33 37.11 31.25
N ALA A 268 18.63 36.97 32.37
CA ALA A 268 18.46 38.09 33.27
C ALA A 268 19.85 38.33 33.81
N GLY A 269 20.24 39.60 33.91
CA GLY A 269 21.58 39.91 34.37
C GLY A 269 22.61 39.39 33.42
N GLY A 270 22.15 39.03 32.23
CA GLY A 270 23.07 38.50 31.21
C GLY A 270 23.11 39.36 29.96
N SER A 271 23.89 38.92 28.98
CA SER A 271 23.99 39.68 27.75
C SER A 271 24.17 38.81 26.53
N ALA A 272 24.40 39.49 25.40
CA ALA A 272 24.63 38.84 24.14
C ALA A 272 25.21 39.91 23.23
N ILE A 273 25.98 39.47 22.24
CA ILE A 273 26.54 40.38 21.26
C ILE A 273 26.05 39.83 19.95
N VAL A 274 25.37 40.67 19.18
CA VAL A 274 24.88 40.25 17.88
C VAL A 274 25.46 41.14 16.81
N GLU A 275 25.74 40.52 15.67
CA GLU A 275 26.31 41.21 14.51
C GLU A 275 25.53 40.82 13.28
N PHE A 276 25.16 41.80 12.49
CA PHE A 276 24.46 41.56 11.25
C PHE A 276 24.77 42.67 10.27
N LYS A 277 24.77 42.32 9.00
CA LYS A 277 25.05 43.28 7.94
C LYS A 277 23.70 43.72 7.39
N VAL A 278 23.46 45.02 7.36
CA VAL A 278 22.22 45.54 6.83
C VAL A 278 22.44 45.88 5.37
N ASP A 279 22.03 44.99 4.48
CA ASP A 279 22.24 45.21 3.05
C ASP A 279 21.17 45.93 2.25
N ILE A 280 20.02 46.19 2.87
CA ILE A 280 18.96 46.90 2.16
C ILE A 280 18.26 47.92 3.07
N PRO A 281 17.98 49.12 2.54
CA PRO A 281 17.33 50.22 3.26
C PRO A 281 15.99 49.82 3.87
N GLY A 282 15.56 50.59 4.88
CA GLY A 282 14.28 50.31 5.51
C GLY A 282 14.31 50.51 7.02
N ASN A 283 13.20 50.17 7.68
CA ASN A 283 13.11 50.29 9.12
C ASN A 283 13.10 48.91 9.75
N TYR A 284 14.07 48.66 10.62
CA TYR A 284 14.16 47.39 11.31
C TYR A 284 13.83 47.66 12.77
N THR A 285 12.94 46.86 13.34
CA THR A 285 12.57 47.10 14.72
C THR A 285 13.04 46.01 15.66
N LEU A 286 13.78 46.41 16.69
CA LEU A 286 14.28 45.46 17.67
C LEU A 286 13.15 45.18 18.64
N VAL A 287 13.00 43.92 19.03
CA VAL A 287 11.92 43.57 19.97
C VAL A 287 12.31 42.39 20.84
N ASP A 288 11.54 42.20 21.89
CA ASP A 288 11.70 41.03 22.75
C ASP A 288 10.66 40.22 22.01
N HIS A 289 11.02 39.08 21.43
CA HIS A 289 10.03 38.35 20.68
C HIS A 289 8.93 37.70 21.48
N SER A 290 8.95 37.89 22.80
CA SER A 290 7.85 37.43 23.65
C SER A 290 7.05 38.68 23.35
N ILE A 291 6.54 38.63 22.12
CA ILE A 291 5.77 39.65 21.43
C ILE A 291 4.89 40.69 22.13
N PHE A 292 4.11 40.31 23.13
CA PHE A 292 3.30 41.32 23.76
C PHE A 292 4.11 42.34 24.54
N ARG A 293 5.32 41.97 24.92
CA ARG A 293 6.19 42.90 25.65
C ARG A 293 6.59 44.01 24.69
N ALA A 294 6.80 43.64 23.43
CA ALA A 294 7.21 44.58 22.41
C ALA A 294 6.10 45.53 21.98
N PHE A 295 4.96 45.00 21.56
CA PHE A 295 3.89 45.87 21.10
C PHE A 295 2.89 46.36 22.15
N ASN A 296 3.05 45.94 23.39
CA ASN A 296 2.11 46.37 24.44
C ASN A 296 2.79 46.95 25.67
N LYS A 297 4.05 46.59 25.90
CA LYS A 297 4.76 47.08 27.06
C LYS A 297 5.96 47.98 26.78
N GLY A 298 6.27 48.20 25.50
CA GLY A 298 7.37 49.08 25.17
C GLY A 298 8.72 48.53 24.70
N ALA A 299 8.89 47.22 24.66
CA ALA A 299 10.16 46.64 24.22
C ALA A 299 10.27 46.72 22.71
N LEU A 300 10.35 47.94 22.20
CA LEU A 300 10.42 48.17 20.77
C LEU A 300 11.39 49.31 20.44
N GLY A 301 12.34 49.01 19.57
CA GLY A 301 13.32 50.01 19.15
C GLY A 301 13.39 49.99 17.64
N GLN A 302 14.04 51.00 17.06
CA GLN A 302 14.14 51.06 15.62
C GLN A 302 15.53 51.36 15.10
N LEU A 303 15.86 50.71 14.00
CA LEU A 303 17.13 50.90 13.33
C LEU A 303 16.74 51.37 11.93
N LYS A 304 17.00 52.64 11.64
CA LYS A 304 16.66 53.20 10.35
C LYS A 304 17.89 53.09 9.45
N VAL A 305 17.71 52.43 8.32
CA VAL A 305 18.80 52.25 7.38
C VAL A 305 18.54 53.00 6.07
N GLU A 306 19.36 54.01 5.83
CA GLU A 306 19.26 54.81 4.61
C GLU A 306 20.11 54.17 3.53
N GLY A 307 19.98 54.67 2.30
CA GLY A 307 20.73 54.09 1.20
C GLY A 307 19.81 53.79 0.04
N ALA A 308 20.24 52.90 -0.85
CA ALA A 308 19.39 52.59 -2.00
C ALA A 308 18.95 51.13 -2.14
N GLU A 309 17.71 51.02 -2.61
CA GLU A 309 16.96 49.80 -2.87
C GLU A 309 17.50 48.69 -3.77
N ASN A 310 17.47 47.46 -3.28
CA ASN A 310 17.90 46.31 -4.10
C ASN A 310 16.73 45.33 -4.19
N PRO A 311 15.98 45.36 -5.31
CA PRO A 311 14.82 44.51 -5.57
C PRO A 311 15.17 43.02 -5.60
N GLU A 312 16.45 42.70 -5.81
CA GLU A 312 16.90 41.31 -5.84
C GLU A 312 16.78 40.67 -4.48
N ILE A 313 17.13 41.44 -3.44
CA ILE A 313 17.06 40.96 -2.05
C ILE A 313 15.59 40.91 -1.64
N MET A 314 14.86 42.00 -1.90
CA MET A 314 13.45 42.10 -1.56
C MET A 314 12.74 43.12 -2.46
N GLU B 13 31.28 -11.36 31.58
CA GLU B 13 29.97 -10.71 31.89
C GLU B 13 30.10 -9.57 32.90
N LEU B 14 30.65 -8.44 32.47
CA LEU B 14 30.80 -7.26 33.32
C LEU B 14 30.98 -7.40 34.84
N PRO B 15 32.01 -6.74 35.39
CA PRO B 15 32.27 -6.80 36.83
C PRO B 15 31.13 -6.06 37.53
N VAL B 16 30.76 -6.51 38.74
CA VAL B 16 29.68 -5.86 39.47
C VAL B 16 30.24 -4.95 40.56
N ILE B 17 29.77 -3.71 40.58
CA ILE B 17 30.22 -2.71 41.54
C ILE B 17 29.06 -2.02 42.23
N ASP B 18 29.15 -1.84 43.54
CA ASP B 18 28.10 -1.14 44.27
C ASP B 18 28.46 0.33 44.17
N ALA B 19 27.56 1.14 43.64
CA ALA B 19 27.79 2.56 43.47
C ALA B 19 27.83 3.34 44.78
N VAL B 20 28.41 4.52 44.70
CA VAL B 20 28.47 5.40 45.84
C VAL B 20 27.68 6.62 45.38
N THR B 21 26.54 6.85 46.00
CA THR B 21 25.70 8.00 45.65
C THR B 21 25.73 8.93 46.84
N THR B 22 25.94 10.21 46.59
CA THR B 22 26.04 11.18 47.67
C THR B 22 24.85 12.10 47.88
N HIS B 23 24.70 12.59 49.11
CA HIS B 23 23.62 13.50 49.39
C HIS B 23 24.08 14.87 48.94
N ALA B 24 23.17 15.80 48.69
CA ALA B 24 23.65 17.03 48.12
C ALA B 24 24.26 18.11 48.98
N PRO B 25 25.30 18.76 48.42
CA PRO B 25 26.43 19.52 47.89
C PRO B 25 27.51 18.57 47.37
N GLU B 26 27.58 17.38 47.96
CA GLU B 26 28.59 16.40 47.59
C GLU B 26 28.39 15.60 46.31
N VAL B 27 29.53 15.32 45.68
CA VAL B 27 29.59 14.59 44.43
C VAL B 27 30.38 13.30 44.64
N PRO B 28 29.96 12.21 43.98
CA PRO B 28 30.68 10.95 44.14
C PRO B 28 32.09 11.06 43.60
N PRO B 29 32.98 10.14 43.99
CA PRO B 29 34.37 10.12 43.54
C PRO B 29 34.44 10.02 42.00
N ALA B 30 35.45 10.65 41.41
CA ALA B 30 35.61 10.58 39.98
C ALA B 30 35.86 9.12 39.61
N ILE B 31 35.40 8.72 38.42
CA ILE B 31 35.55 7.36 37.95
C ILE B 31 37.01 7.03 37.65
N ASP B 32 37.57 6.08 38.41
CA ASP B 32 38.95 5.67 38.22
C ASP B 32 39.05 4.27 37.63
N ARG B 33 38.34 4.05 36.53
CA ARG B 33 38.35 2.78 35.83
C ARG B 33 38.18 3.06 34.36
N ASP B 34 38.79 2.24 33.52
CA ASP B 34 38.68 2.43 32.08
C ASP B 34 38.07 1.24 31.36
N TYR B 35 37.07 0.63 32.00
CA TYR B 35 36.36 -0.51 31.45
C TYR B 35 34.91 -0.45 31.92
N PRO B 36 33.99 -0.96 31.10
CA PRO B 36 32.56 -0.97 31.43
C PRO B 36 32.25 -1.83 32.64
N ALA B 37 31.18 -1.50 33.34
CA ALA B 37 30.79 -2.26 34.51
C ALA B 37 29.29 -2.16 34.74
N LYS B 38 28.78 -3.04 35.60
CA LYS B 38 27.37 -3.02 35.95
C LYS B 38 27.36 -2.31 37.29
N VAL B 39 26.79 -1.12 37.32
CA VAL B 39 26.75 -0.34 38.56
C VAL B 39 25.41 -0.47 39.28
N ARG B 40 25.44 -1.06 40.46
CA ARG B 40 24.23 -1.25 41.25
C ARG B 40 23.91 -0.03 42.08
N VAL B 41 22.72 0.51 41.86
CA VAL B 41 22.27 1.68 42.59
C VAL B 41 21.01 1.35 43.37
N LYS B 42 20.96 1.75 44.63
CA LYS B 42 19.80 1.51 45.45
C LYS B 42 19.14 2.85 45.71
N MET B 43 17.86 2.96 45.37
CA MET B 43 17.11 4.18 45.58
C MET B 43 15.83 3.89 46.32
N GLU B 44 15.47 4.77 47.24
CA GLU B 44 14.24 4.61 47.97
C GLU B 44 13.49 5.92 47.93
N THR B 45 12.17 5.85 47.71
CA THR B 45 11.36 7.07 47.68
C THR B 45 10.61 7.14 48.99
N VAL B 46 10.81 8.24 49.70
CA VAL B 46 10.14 8.44 50.99
C VAL B 46 9.53 9.83 51.07
N GLU B 47 8.31 9.88 51.58
CA GLU B 47 7.57 11.13 51.74
C GLU B 47 7.80 11.60 53.16
N LYS B 48 8.18 12.86 53.34
CA LYS B 48 8.44 13.38 54.68
C LYS B 48 8.27 14.88 54.79
N THR B 49 7.88 15.32 55.97
CA THR B 49 7.70 16.74 56.22
C THR B 49 9.01 17.32 56.71
N MET B 50 9.41 18.43 56.11
CA MET B 50 10.63 19.09 56.50
C MET B 50 10.43 20.58 56.47
N LYS B 51 11.47 21.30 56.90
CA LYS B 51 11.43 22.74 56.94
C LYS B 51 11.82 23.33 55.59
N MET B 52 10.94 24.16 55.02
CA MET B 52 11.18 24.81 53.74
C MET B 52 11.92 26.10 54.03
N ASP B 53 11.47 26.75 55.09
CA ASP B 53 12.02 28.01 55.55
C ASP B 53 11.74 28.06 57.05
N ASP B 54 12.23 29.09 57.72
CA ASP B 54 12.01 29.21 59.17
C ASP B 54 10.51 29.21 59.46
N GLY B 55 10.06 28.28 60.29
CA GLY B 55 8.65 28.23 60.62
C GLY B 55 7.75 27.76 59.46
N VAL B 56 8.31 27.41 58.36
CA VAL B 56 7.50 26.91 57.21
C VAL B 56 7.83 25.46 56.94
N GLU B 57 6.81 24.62 56.96
CA GLU B 57 7.01 23.20 56.70
C GLU B 57 6.35 22.81 55.38
N TYR B 58 6.88 21.78 54.76
CA TYR B 58 6.35 21.32 53.49
C TYR B 58 6.41 19.81 53.45
N ARG B 59 5.45 19.19 52.78
CA ARG B 59 5.43 17.74 52.67
C ARG B 59 6.19 17.35 51.40
N TYR B 60 7.48 17.11 51.54
CA TYR B 60 8.31 16.74 50.39
C TYR B 60 8.18 15.27 50.03
N TRP B 61 8.27 14.98 48.73
CA TRP B 61 8.25 13.62 48.22
C TRP B 61 9.69 13.52 47.74
N THR B 62 10.46 12.62 48.33
CA THR B 62 11.89 12.54 48.01
C THR B 62 12.49 11.25 47.51
N PHE B 63 13.69 11.38 46.99
CA PHE B 63 14.50 10.25 46.56
C PHE B 63 15.54 10.22 47.68
N ASP B 64 15.46 9.22 48.53
CA ASP B 64 16.40 9.04 49.63
C ASP B 64 16.43 10.05 50.78
N GLY B 65 15.29 10.65 51.10
CA GLY B 65 15.25 11.55 52.25
C GLY B 65 15.41 13.05 52.12
N ASP B 66 15.75 13.56 50.95
CA ASP B 66 15.89 14.99 50.82
C ASP B 66 15.77 15.39 49.36
N VAL B 67 15.91 16.68 49.13
CA VAL B 67 15.84 17.26 47.80
C VAL B 67 17.17 17.97 47.59
N PRO B 68 17.90 17.64 46.50
CA PRO B 68 17.52 16.66 45.48
C PRO B 68 17.88 15.26 45.93
N GLY B 69 17.69 14.29 45.05
CA GLY B 69 18.02 12.93 45.38
C GLY B 69 19.54 12.77 45.40
N ARG B 70 20.03 11.58 45.66
CA ARG B 70 21.45 11.35 45.68
C ARG B 70 22.01 11.34 44.27
N MET B 71 23.16 11.97 44.10
CA MET B 71 23.79 12.04 42.78
C MET B 71 24.40 10.70 42.44
N ILE B 72 24.23 10.29 41.19
CA ILE B 72 24.78 9.04 40.68
C ILE B 72 25.86 9.40 39.68
N ARG B 73 26.98 8.71 39.77
CA ARG B 73 28.10 8.96 38.90
C ARG B 73 28.56 7.66 38.25
N VAL B 74 28.40 7.57 36.92
CA VAL B 74 28.80 6.38 36.20
C VAL B 74 29.63 6.75 34.98
N ARG B 75 30.04 5.73 34.24
CA ARG B 75 30.85 5.93 33.05
C ARG B 75 30.09 5.54 31.79
N GLU B 76 30.27 6.33 30.74
CA GLU B 76 29.64 6.07 29.47
C GLU B 76 29.86 4.61 29.10
N GLY B 77 28.78 3.90 28.78
CA GLY B 77 28.92 2.50 28.43
C GLY B 77 28.55 1.55 29.54
N ASP B 78 28.46 2.05 30.77
CA ASP B 78 28.08 1.23 31.91
C ASP B 78 26.63 0.81 31.86
N THR B 79 26.33 -0.28 32.56
CA THR B 79 24.97 -0.75 32.68
C THR B 79 24.62 -0.36 34.10
N VAL B 80 23.54 0.40 34.24
CA VAL B 80 23.13 0.85 35.56
C VAL B 80 21.95 0.01 36.03
N GLU B 81 22.16 -0.76 37.08
CA GLU B 81 21.10 -1.60 37.62
C GLU B 81 20.53 -0.91 38.84
N VAL B 82 19.25 -0.56 38.76
CA VAL B 82 18.58 0.13 39.84
C VAL B 82 17.60 -0.70 40.64
N GLU B 83 17.80 -0.70 41.95
CA GLU B 83 16.90 -1.40 42.86
C GLU B 83 16.13 -0.22 43.43
N PHE B 84 14.90 -0.08 42.96
CA PHE B 84 14.02 1.03 43.34
C PHE B 84 12.98 0.60 44.38
N SER B 85 13.03 1.20 45.57
CA SER B 85 12.10 0.87 46.63
C SER B 85 11.22 2.03 47.08
N ASN B 86 9.91 1.79 47.13
CA ASN B 86 9.00 2.84 47.58
C ASN B 86 8.67 2.53 49.04
N ASN B 87 9.12 3.40 49.95
CA ASN B 87 8.90 3.20 51.37
C ASN B 87 7.45 2.83 51.71
N PRO B 88 7.26 1.92 52.67
CA PRO B 88 5.95 1.45 53.12
C PRO B 88 4.97 2.54 53.50
N SER B 89 5.49 3.64 54.03
CA SER B 89 4.64 4.73 54.47
C SER B 89 4.17 5.69 53.36
N SER B 90 4.73 5.54 52.16
CA SER B 90 4.34 6.41 51.06
C SER B 90 2.84 6.26 50.79
N THR B 91 2.23 7.34 50.35
CA THR B 91 0.80 7.36 50.07
C THR B 91 0.48 7.19 48.58
N VAL B 92 1.50 7.25 47.73
CA VAL B 92 1.28 7.10 46.31
C VAL B 92 2.40 6.34 45.62
N PRO B 93 2.16 5.87 44.39
CA PRO B 93 3.23 5.14 43.71
C PRO B 93 4.30 6.13 43.29
N HIS B 94 5.51 5.65 43.04
CA HIS B 94 6.61 6.48 42.61
C HIS B 94 7.43 5.68 41.63
N ASN B 95 8.12 6.38 40.73
CA ASN B 95 8.99 5.71 39.78
C ASN B 95 10.10 6.69 39.45
N VAL B 96 10.87 6.37 38.42
CA VAL B 96 11.96 7.26 38.05
C VAL B 96 12.19 7.28 36.56
N ASP B 97 12.35 8.49 36.04
CA ASP B 97 12.62 8.73 34.64
C ASP B 97 14.02 9.33 34.60
N PHE B 98 14.98 8.58 34.07
CA PHE B 98 16.35 9.07 33.96
C PHE B 98 16.54 9.69 32.58
N HIS B 99 16.89 10.96 32.50
CA HIS B 99 17.11 11.56 31.21
C HIS B 99 18.35 10.97 30.57
N ALA B 100 19.08 10.18 31.35
CA ALA B 100 20.30 9.54 30.87
C ALA B 100 19.99 8.19 30.21
N ALA B 101 18.79 7.67 30.45
CA ALA B 101 18.39 6.40 29.88
C ALA B 101 17.62 6.51 28.57
N THR B 102 17.91 5.59 27.66
CA THR B 102 17.26 5.56 26.35
C THR B 102 16.23 4.44 26.37
N GLY B 103 14.97 4.80 26.19
CA GLY B 103 13.92 3.79 26.20
C GLY B 103 12.69 4.26 26.96
N GLN B 104 11.62 3.49 26.85
CA GLN B 104 10.34 3.80 27.49
C GLN B 104 10.40 4.65 28.75
N GLY B 105 9.89 5.87 28.63
CA GLY B 105 9.84 6.80 29.74
C GLY B 105 11.10 6.95 30.56
N GLY B 106 12.24 6.61 29.97
CA GLY B 106 13.50 6.69 30.68
C GLY B 106 13.54 5.83 31.91
N GLY B 107 12.75 4.76 31.91
CA GLY B 107 12.70 3.85 33.05
C GLY B 107 11.45 3.94 33.90
N ALA B 108 10.62 4.91 33.60
CA ALA B 108 9.36 5.13 34.34
C ALA B 108 8.43 3.93 34.39
N ALA B 109 8.22 3.28 33.25
CA ALA B 109 7.34 2.11 33.19
C ALA B 109 7.89 0.97 34.04
N ALA B 110 9.18 0.69 33.87
CA ALA B 110 9.84 -0.40 34.59
C ALA B 110 10.03 -0.14 36.08
N THR B 111 9.95 1.12 36.49
CA THR B 111 10.16 1.45 37.91
C THR B 111 8.93 1.89 38.68
N PHE B 112 7.74 1.70 38.10
CA PHE B 112 6.50 2.06 38.76
C PHE B 112 6.40 1.18 40.01
N THR B 113 6.55 1.80 41.18
CA THR B 113 6.54 1.06 42.42
C THR B 113 5.54 1.56 43.47
N ALA B 114 4.60 0.69 43.83
CA ALA B 114 3.59 1.02 44.84
C ALA B 114 4.28 1.04 46.20
N PRO B 115 3.65 1.66 47.20
CA PRO B 115 4.26 1.71 48.54
C PRO B 115 4.57 0.32 49.08
N GLY B 116 5.67 0.20 49.82
CA GLY B 116 6.06 -1.08 50.39
C GLY B 116 6.57 -2.12 49.41
N ARG B 117 6.71 -1.74 48.15
CA ARG B 117 7.19 -2.65 47.12
C ARG B 117 8.56 -2.21 46.58
N THR B 118 9.26 -3.12 45.92
CA THR B 118 10.58 -2.81 45.34
C THR B 118 10.60 -3.24 43.87
N SER B 119 11.13 -2.37 43.02
CA SER B 119 11.24 -2.68 41.60
C SER B 119 12.71 -2.72 41.22
N THR B 120 13.02 -3.47 40.17
CA THR B 120 14.39 -3.56 39.70
C THR B 120 14.41 -3.48 38.19
N PHE B 121 15.41 -2.78 37.66
CA PHE B 121 15.54 -2.65 36.21
C PHE B 121 16.91 -2.09 35.88
N SER B 122 17.34 -2.27 34.65
CA SER B 122 18.65 -1.77 34.26
C SER B 122 18.61 -1.12 32.88
N PHE B 123 19.52 -0.17 32.68
CA PHE B 123 19.63 0.53 31.42
C PHE B 123 21.09 0.83 31.17
N LYS B 124 21.45 0.97 29.90
CA LYS B 124 22.83 1.23 29.54
C LYS B 124 23.03 2.73 29.34
N ALA B 125 23.99 3.31 30.05
CA ALA B 125 24.29 4.74 29.93
C ALA B 125 25.04 4.95 28.63
N LEU B 126 24.28 5.12 27.55
CA LEU B 126 24.86 5.30 26.21
C LEU B 126 25.59 6.60 25.94
N GLN B 127 25.11 7.69 26.54
CA GLN B 127 25.72 8.99 26.28
C GLN B 127 26.19 9.77 27.50
N PRO B 128 27.40 10.33 27.41
CA PRO B 128 27.95 11.10 28.53
C PRO B 128 27.15 12.40 28.68
N GLY B 129 27.18 12.97 29.88
CA GLY B 129 26.44 14.20 30.13
C GLY B 129 25.96 14.29 31.57
N LEU B 130 25.34 15.42 31.92
CA LEU B 130 24.81 15.63 33.25
C LEU B 130 23.28 15.58 33.09
N TYR B 131 22.67 14.49 33.55
CA TYR B 131 21.24 14.32 33.39
C TYR B 131 20.38 14.38 34.63
N ILE B 132 19.21 14.95 34.45
CA ILE B 132 18.22 15.07 35.53
C ILE B 132 17.43 13.76 35.51
N TYR B 133 17.00 13.34 36.68
CA TYR B 133 16.16 12.16 36.79
C TYR B 133 15.05 12.64 37.72
N HIS B 134 13.85 12.17 37.50
CA HIS B 134 12.72 12.61 38.31
C HIS B 134 11.57 11.60 38.26
N CYS B 135 10.61 11.77 39.15
CA CYS B 135 9.47 10.89 39.21
C CYS B 135 8.52 11.26 38.08
N ALA B 136 7.89 10.26 37.48
CA ALA B 136 6.97 10.49 36.37
C ALA B 136 5.63 9.81 36.53
N VAL B 137 5.12 9.81 37.76
CA VAL B 137 3.82 9.21 38.05
C VAL B 137 2.78 10.32 37.95
N ALA B 138 1.63 10.02 37.37
CA ALA B 138 0.57 11.03 37.23
C ALA B 138 -0.02 11.44 38.58
N PRO B 139 -0.19 12.75 38.82
CA PRO B 139 0.16 13.85 37.91
C PRO B 139 1.65 14.18 37.97
N VAL B 140 2.31 14.03 36.83
CA VAL B 140 3.75 14.26 36.72
C VAL B 140 4.28 15.58 37.31
N GLY B 141 3.57 16.67 37.06
CA GLY B 141 4.01 17.96 37.59
C GLY B 141 4.04 18.00 39.11
N MET B 142 3.07 17.36 39.74
CA MET B 142 3.02 17.35 41.19
C MET B 142 4.14 16.53 41.81
N HIS B 143 4.41 15.36 41.22
CA HIS B 143 5.48 14.53 41.74
C HIS B 143 6.81 15.26 41.64
N ILE B 144 7.02 16.01 40.55
CA ILE B 144 8.25 16.75 40.41
C ILE B 144 8.26 17.95 41.36
N ALA B 145 7.16 18.69 41.38
CA ALA B 145 7.03 19.85 42.24
C ALA B 145 7.30 19.56 43.72
N ASN B 146 6.93 18.37 44.19
CA ASN B 146 7.17 18.05 45.59
C ASN B 146 8.60 17.68 45.91
N GLY B 147 9.48 17.79 44.92
CA GLY B 147 10.89 17.51 45.14
C GLY B 147 11.53 16.25 44.60
N MET B 148 10.81 15.48 43.79
CA MET B 148 11.37 14.25 43.25
C MET B 148 12.24 14.38 42.00
N TYR B 149 13.46 14.88 42.20
CA TYR B 149 14.41 15.04 41.10
C TYR B 149 15.83 15.05 41.61
N GLY B 150 16.73 14.50 40.81
CA GLY B 150 18.13 14.43 41.16
C GLY B 150 18.96 14.41 39.89
N LEU B 151 20.27 14.32 40.05
CA LEU B 151 21.17 14.29 38.90
C LEU B 151 22.00 13.05 38.80
N ILE B 152 22.15 12.57 37.57
CA ILE B 152 23.02 11.44 37.32
C ILE B 152 24.07 11.93 36.35
N LEU B 153 25.33 11.85 36.76
CA LEU B 153 26.42 12.27 35.91
C LEU B 153 26.97 11.06 35.17
N VAL B 154 26.96 11.13 33.85
CA VAL B 154 27.49 10.06 33.04
C VAL B 154 28.78 10.59 32.42
N GLU B 155 29.91 10.18 33.00
CA GLU B 155 31.24 10.60 32.54
C GLU B 155 31.64 10.01 31.19
N PRO B 156 32.41 10.77 30.40
CA PRO B 156 32.86 10.29 29.10
C PRO B 156 33.87 9.17 29.34
N LYS B 157 34.06 8.29 28.35
CA LYS B 157 35.03 7.21 28.51
C LYS B 157 36.33 7.74 29.12
N GLU B 158 36.84 8.80 28.54
CA GLU B 158 38.10 9.41 28.98
C GLU B 158 38.04 10.13 30.32
N GLY B 159 36.83 10.32 30.84
CA GLY B 159 36.66 11.00 32.11
C GLY B 159 36.73 12.51 31.99
N LEU B 160 36.41 13.21 33.07
CA LEU B 160 36.44 14.68 33.07
C LEU B 160 37.74 15.14 33.72
N PRO B 161 38.23 16.33 33.33
CA PRO B 161 39.47 16.89 33.88
C PRO B 161 39.43 16.95 35.41
N LYS B 162 40.57 16.76 36.05
CA LYS B 162 40.63 16.83 37.51
C LYS B 162 40.29 18.25 37.92
N VAL B 163 39.64 18.38 39.06
CA VAL B 163 39.25 19.67 39.59
C VAL B 163 39.44 19.56 41.10
N ASP B 164 39.69 20.70 41.75
CA ASP B 164 39.90 20.67 43.20
C ASP B 164 38.62 20.38 43.96
N LYS B 165 37.53 21.08 43.63
CA LYS B 165 36.29 20.83 44.33
C LYS B 165 35.09 20.67 43.39
N GLU B 166 34.18 19.78 43.77
CA GLU B 166 32.98 19.52 42.98
C GLU B 166 31.74 19.67 43.85
N PHE B 167 30.75 20.37 43.34
CA PHE B 167 29.50 20.57 44.07
C PHE B 167 28.27 20.15 43.26
N TYR B 168 27.29 19.63 43.98
CA TYR B 168 26.01 19.14 43.44
C TYR B 168 24.95 20.16 43.82
N ILE B 169 24.48 20.92 42.83
CA ILE B 169 23.48 21.95 43.05
C ILE B 169 22.27 21.77 42.11
N VAL B 170 21.07 21.75 42.67
CA VAL B 170 19.87 21.60 41.86
C VAL B 170 18.84 22.64 42.28
N GLN B 171 18.39 23.43 41.31
CA GLN B 171 17.39 24.48 41.59
C GLN B 171 15.99 23.91 41.33
N GLY B 172 15.01 24.46 42.02
CA GLY B 172 13.64 24.02 41.85
C GLY B 172 12.66 25.09 42.30
N ASP B 173 11.47 25.12 41.70
CA ASP B 173 10.46 26.09 42.11
C ASP B 173 9.34 25.36 42.86
N PHE B 174 8.94 25.92 44.00
CA PHE B 174 7.90 25.31 44.82
C PHE B 174 6.63 26.13 44.94
N TYR B 175 5.50 25.45 44.87
CA TYR B 175 4.22 26.10 44.94
C TYR B 175 3.47 25.80 46.20
N THR B 176 3.43 26.83 47.05
CA THR B 176 2.81 26.77 48.37
C THR B 176 1.46 27.48 48.38
N LYS B 177 0.50 26.92 49.12
CA LYS B 177 -0.81 27.54 49.20
C LYS B 177 -0.69 28.94 49.78
N GLY B 178 0.00 29.05 50.90
CA GLY B 178 0.18 30.35 51.52
C GLY B 178 1.29 31.06 50.78
N LYS B 179 1.48 32.35 51.01
CA LYS B 179 2.55 33.01 50.31
C LYS B 179 3.86 32.83 51.07
N LYS B 180 4.97 33.12 50.40
CA LYS B 180 6.29 32.99 51.00
C LYS B 180 6.28 33.57 52.40
N GLY B 181 6.66 32.75 53.39
CA GLY B 181 6.69 33.24 54.77
C GLY B 181 5.55 32.77 55.64
N ALA B 182 4.40 32.47 55.03
CA ALA B 182 3.24 32.00 55.79
C ALA B 182 3.67 30.80 56.63
N GLN B 183 3.50 30.92 57.95
CA GLN B 183 3.90 29.87 58.88
C GLN B 183 3.06 28.60 58.83
N GLY B 184 3.67 27.49 59.25
CA GLY B 184 2.96 26.22 59.27
C GLY B 184 3.22 25.30 58.11
N LEU B 185 2.51 24.18 58.10
CA LEU B 185 2.64 23.20 57.02
C LEU B 185 1.88 23.75 55.82
N GLN B 186 2.60 24.04 54.76
CA GLN B 186 2.00 24.59 53.55
C GLN B 186 1.79 23.52 52.49
N PRO B 187 0.53 23.33 52.04
CA PRO B 187 0.20 22.34 51.02
C PRO B 187 0.63 22.76 49.62
N PHE B 188 0.71 21.80 48.71
CA PHE B 188 1.07 22.07 47.34
C PHE B 188 -0.11 22.83 46.73
N ASP B 189 0.17 23.83 45.90
CA ASP B 189 -0.91 24.61 45.27
C ASP B 189 -0.89 24.42 43.75
N MET B 190 -1.79 23.56 43.28
CA MET B 190 -1.89 23.26 41.86
C MET B 190 -2.09 24.49 40.96
N ASP B 191 -2.94 25.41 41.37
CA ASP B 191 -3.21 26.60 40.55
C ASP B 191 -1.98 27.47 40.32
N LYS B 192 -1.15 27.65 41.35
CA LYS B 192 0.04 28.47 41.18
C LYS B 192 1.03 27.71 40.30
N ALA B 193 1.03 26.39 40.43
CA ALA B 193 1.93 25.56 39.63
C ALA B 193 1.62 25.72 38.16
N VAL B 194 0.34 25.62 37.81
CA VAL B 194 -0.07 25.77 36.41
C VAL B 194 0.20 27.17 35.88
N ALA B 195 0.04 28.18 36.73
CA ALA B 195 0.28 29.56 36.29
C ALA B 195 1.76 29.94 36.36
N GLU B 196 2.58 28.99 36.79
CA GLU B 196 4.02 29.22 36.90
C GLU B 196 4.36 30.40 37.82
N GLN B 197 3.72 30.44 38.97
CA GLN B 197 3.93 31.48 39.98
C GLN B 197 4.33 30.82 41.28
N PRO B 198 5.61 30.45 41.42
CA PRO B 198 6.08 29.81 42.64
C PRO B 198 6.25 30.78 43.81
N GLU B 199 6.21 30.25 45.03
CA GLU B 199 6.38 31.07 46.21
C GLU B 199 7.84 30.96 46.62
N TYR B 200 8.42 29.79 46.38
CA TYR B 200 9.82 29.54 46.71
C TYR B 200 10.58 29.02 45.50
N VAL B 201 11.79 29.53 45.32
CA VAL B 201 12.69 29.10 44.25
C VAL B 201 13.96 28.90 45.05
N VAL B 202 14.37 27.64 45.20
CA VAL B 202 15.54 27.35 46.02
C VAL B 202 16.56 26.40 45.41
N PHE B 203 17.73 26.36 46.05
CA PHE B 203 18.79 25.46 45.63
C PHE B 203 18.74 24.35 46.68
N ASN B 204 18.72 23.10 46.23
CA ASN B 204 18.68 21.96 47.14
C ASN B 204 17.55 21.89 48.16
N GLY B 205 16.33 21.99 47.65
CA GLY B 205 15.12 21.86 48.45
C GLY B 205 14.67 22.78 49.59
N HIS B 206 15.55 23.61 50.14
CA HIS B 206 15.13 24.46 51.23
C HIS B 206 15.78 25.83 51.16
N VAL B 207 15.15 26.82 51.77
CA VAL B 207 15.73 28.13 51.81
C VAL B 207 16.95 27.96 52.72
N GLY B 208 18.09 28.49 52.30
CA GLY B 208 19.29 28.38 53.11
C GLY B 208 20.03 27.05 53.10
N ALA B 209 19.55 26.08 52.31
CA ALA B 209 20.20 24.78 52.25
C ALA B 209 21.71 24.88 51.98
N LEU B 210 22.11 25.88 51.20
CA LEU B 210 23.52 26.11 50.87
C LEU B 210 24.02 27.44 51.35
N THR B 211 23.48 27.92 52.45
CA THR B 211 23.89 29.22 52.97
C THR B 211 24.16 29.17 54.47
N GLY B 212 24.66 30.27 55.00
CA GLY B 212 24.95 30.35 56.42
C GLY B 212 25.92 29.27 56.82
N ASP B 213 25.53 28.46 57.79
CA ASP B 213 26.39 27.38 58.26
C ASP B 213 26.53 26.28 57.22
N ASN B 214 25.60 26.24 56.28
CA ASN B 214 25.63 25.21 55.25
C ASN B 214 26.32 25.66 53.97
N ALA B 215 26.97 26.83 54.02
CA ALA B 215 27.66 27.36 52.86
C ALA B 215 28.73 26.40 52.34
N LEU B 216 28.92 26.39 51.03
CA LEU B 216 29.91 25.53 50.40
C LEU B 216 31.26 26.15 50.76
N LYS B 217 32.30 25.32 50.86
CA LYS B 217 33.62 25.85 51.20
C LYS B 217 34.72 25.46 50.22
N ALA B 218 35.61 26.40 49.96
CA ALA B 218 36.74 26.16 49.07
C ALA B 218 37.88 27.04 49.55
N LYS B 219 39.09 26.78 49.04
CA LYS B 219 40.25 27.57 49.43
C LYS B 219 40.72 28.37 48.22
N ALA B 220 41.27 29.55 48.47
CA ALA B 220 41.75 30.41 47.39
C ALA B 220 42.72 29.65 46.50
N GLY B 221 42.56 29.81 45.19
CA GLY B 221 43.44 29.12 44.25
C GLY B 221 42.85 27.85 43.68
N GLU B 222 41.84 27.30 44.36
CA GLU B 222 41.22 26.06 43.88
C GLU B 222 40.33 26.26 42.68
N THR B 223 40.29 25.26 41.81
CA THR B 223 39.43 25.30 40.63
C THR B 223 38.17 24.57 41.08
N VAL B 224 37.02 25.21 40.90
CA VAL B 224 35.75 24.65 41.32
C VAL B 224 34.82 24.26 40.18
N ARG B 225 34.21 23.07 40.29
CA ARG B 225 33.27 22.63 39.28
C ARG B 225 31.91 22.44 39.94
N MET B 226 30.87 23.00 39.36
CA MET B 226 29.54 22.83 39.91
C MET B 226 28.63 22.13 38.91
N TYR B 227 28.04 21.03 39.36
CA TYR B 227 27.11 20.29 38.53
C TYR B 227 25.78 20.92 38.87
N VAL B 228 25.27 21.75 37.97
CA VAL B 228 24.02 22.45 38.23
C VAL B 228 22.81 21.89 37.48
N GLY B 229 21.82 21.43 38.24
CA GLY B 229 20.63 20.90 37.62
C GLY B 229 19.46 21.85 37.86
N ASN B 230 18.38 21.69 37.10
CA ASN B 230 17.20 22.50 37.26
C ASN B 230 15.99 21.56 37.21
N GLY B 231 15.51 21.17 38.39
CA GLY B 231 14.39 20.27 38.46
C GLY B 231 13.07 20.87 38.05
N GLY B 232 13.01 22.20 38.02
CA GLY B 232 11.78 22.84 37.66
C GLY B 232 10.83 22.77 38.84
N PRO B 233 9.55 22.42 38.63
CA PRO B 233 8.88 22.06 37.37
C PRO B 233 8.88 23.06 36.22
N ASN B 234 8.66 24.33 36.54
CA ASN B 234 8.50 25.32 35.48
C ASN B 234 9.57 26.36 35.14
N LEU B 235 10.28 26.87 36.13
CA LEU B 235 11.25 27.91 35.84
C LEU B 235 12.53 27.54 35.10
N VAL B 236 13.10 28.56 34.49
CA VAL B 236 14.34 28.50 33.74
C VAL B 236 15.28 29.40 34.51
N SER B 237 16.45 28.89 34.84
CA SER B 237 17.42 29.64 35.63
C SER B 237 18.49 30.39 34.87
N SER B 238 18.78 31.60 35.31
CA SER B 238 19.85 32.43 34.74
C SER B 238 20.92 32.31 35.80
N PHE B 239 21.53 31.14 35.88
CA PHE B 239 22.54 30.86 36.90
C PHE B 239 23.75 31.80 36.87
N HIS B 240 24.11 32.30 38.06
CA HIS B 240 25.22 33.25 38.19
C HIS B 240 25.84 33.16 39.58
N VAL B 241 27.14 33.41 39.67
CA VAL B 241 27.81 33.40 40.96
C VAL B 241 28.35 34.81 41.17
N ILE B 242 27.79 35.53 42.13
CA ILE B 242 28.21 36.90 42.41
C ILE B 242 29.66 36.94 42.86
N GLY B 243 30.47 37.73 42.15
CA GLY B 243 31.87 37.86 42.48
C GLY B 243 32.80 37.00 41.63
N GLU B 244 32.24 36.15 40.78
CA GLU B 244 33.07 35.31 39.94
C GLU B 244 32.56 35.22 38.50
N ILE B 245 33.35 34.60 37.63
CA ILE B 245 33.00 34.44 36.23
C ILE B 245 33.23 32.99 35.85
N PHE B 246 32.38 32.44 35.00
CA PHE B 246 32.51 31.05 34.57
C PHE B 246 33.62 30.92 33.54
N ASP B 247 34.66 30.20 33.91
CA ASP B 247 35.78 29.97 33.00
C ASP B 247 35.28 29.04 31.90
N LYS B 248 34.50 28.05 32.30
CA LYS B 248 33.93 27.12 31.35
C LYS B 248 32.48 26.79 31.69
N VAL B 249 31.68 26.62 30.64
CA VAL B 249 30.28 26.28 30.77
C VAL B 249 29.96 25.19 29.78
N TYR B 250 29.52 24.02 30.25
CA TYR B 250 29.13 22.96 29.33
C TYR B 250 27.70 23.36 29.02
N VAL B 251 27.52 24.05 27.89
CA VAL B 251 26.21 24.53 27.48
C VAL B 251 25.11 23.49 27.54
N GLU B 252 24.10 23.78 28.35
CA GLU B 252 22.93 22.92 28.55
C GLU B 252 23.30 21.50 28.98
N GLY B 253 24.49 21.35 29.53
CA GLY B 253 24.94 20.05 30.01
C GLY B 253 25.55 19.15 28.96
N GLY B 254 25.61 19.62 27.71
CA GLY B 254 26.18 18.82 26.63
C GLY B 254 27.69 18.93 26.47
N LYS B 255 28.18 18.52 25.31
CA LYS B 255 29.60 18.53 24.97
C LYS B 255 30.17 19.91 24.69
N LEU B 256 29.34 20.79 24.16
CA LEU B 256 29.74 22.15 23.81
C LEU B 256 30.20 22.96 25.01
N ILE B 257 31.36 23.59 24.88
CA ILE B 257 31.92 24.38 25.97
C ILE B 257 32.07 25.85 25.65
N ASN B 258 31.49 26.69 26.51
CA ASN B 258 31.57 28.13 26.32
C ASN B 258 32.53 28.64 27.39
N GLU B 259 33.05 29.84 27.20
CA GLU B 259 34.00 30.41 28.15
C GLU B 259 33.73 31.88 28.46
N ASN B 260 34.10 32.30 29.67
CA ASN B 260 33.91 33.68 30.09
C ASN B 260 32.45 34.09 30.05
N VAL B 261 31.61 33.32 30.75
CA VAL B 261 30.19 33.61 30.79
C VAL B 261 29.83 34.08 32.18
N GLN B 262 29.11 35.20 32.28
CA GLN B 262 28.73 35.73 33.57
C GLN B 262 27.46 35.07 34.10
N SER B 263 26.60 34.66 33.19
CA SER B 263 25.34 34.09 33.58
C SER B 263 24.78 33.18 32.46
N THR B 264 24.49 31.91 32.79
CA THR B 264 23.93 30.96 31.82
C THR B 264 22.53 30.51 32.11
N ILE B 265 21.82 30.14 31.06
CA ILE B 265 20.46 29.63 31.17
C ILE B 265 20.52 28.14 31.47
N VAL B 266 19.79 27.71 32.48
CA VAL B 266 19.72 26.29 32.79
C VAL B 266 18.25 25.96 32.52
N PRO B 267 17.98 25.21 31.45
CA PRO B 267 16.63 24.82 31.04
C PRO B 267 15.87 24.05 32.10
N ALA B 268 14.54 24.10 32.03
CA ALA B 268 13.71 23.36 32.97
C ALA B 268 14.01 21.90 32.64
N GLY B 269 14.20 21.07 33.66
CA GLY B 269 14.49 19.68 33.43
C GLY B 269 15.83 19.54 32.71
N GLY B 270 16.64 20.60 32.78
CA GLY B 270 17.93 20.59 32.14
C GLY B 270 19.05 20.89 33.11
N SER B 271 20.27 20.97 32.59
CA SER B 271 21.41 21.22 33.45
C SER B 271 22.50 22.05 32.78
N ALA B 272 23.59 22.19 33.51
CA ALA B 272 24.76 22.90 33.05
C ALA B 272 25.89 22.53 33.99
N ILE B 273 27.11 22.59 33.47
CA ILE B 273 28.29 22.30 34.26
C ILE B 273 29.10 23.57 34.13
N VAL B 274 29.45 24.16 35.27
CA VAL B 274 30.23 25.39 35.25
C VAL B 274 31.50 25.15 36.06
N GLU B 275 32.59 25.73 35.59
CA GLU B 275 33.89 25.64 36.21
C GLU B 275 34.48 27.03 36.32
N PHE B 276 35.06 27.32 37.47
CA PHE B 276 35.71 28.60 37.69
C PHE B 276 36.75 28.43 38.77
N LYS B 277 37.82 29.19 38.65
CA LYS B 277 38.91 29.15 39.61
C LYS B 277 38.68 30.32 40.56
N VAL B 278 38.64 30.04 41.86
CA VAL B 278 38.44 31.08 42.85
C VAL B 278 39.83 31.53 43.32
N ASP B 279 40.30 32.65 42.80
CA ASP B 279 41.63 33.13 43.15
C ASP B 279 41.77 34.08 44.33
N ILE B 280 40.65 34.56 44.87
CA ILE B 280 40.72 35.47 46.01
C ILE B 280 39.63 35.17 47.03
N PRO B 281 40.00 35.20 48.32
CA PRO B 281 39.08 34.92 49.44
C PRO B 281 37.83 35.79 49.44
N GLY B 282 36.79 35.33 50.14
CA GLY B 282 35.55 36.09 50.21
C GLY B 282 34.32 35.22 50.13
N ASN B 283 33.15 35.86 50.11
CA ASN B 283 31.88 35.14 50.02
C ASN B 283 31.28 35.35 48.64
N TYR B 284 31.04 34.26 47.94
CA TYR B 284 30.44 34.32 46.62
C TYR B 284 29.06 33.74 46.74
N THR B 285 28.05 34.45 46.24
CA THR B 285 26.70 33.93 46.37
C THR B 285 26.11 33.50 45.04
N LEU B 286 25.67 32.24 44.98
CA LEU B 286 25.05 31.73 43.76
C LEU B 286 23.60 32.19 43.73
N VAL B 287 23.13 32.62 42.57
CA VAL B 287 21.76 33.09 42.47
C VAL B 287 21.15 32.81 41.12
N ASP B 288 19.82 32.91 41.04
CA ASP B 288 19.14 32.79 39.77
C ASP B 288 19.17 34.30 39.53
N HIS B 289 19.78 34.74 38.44
CA HIS B 289 19.85 36.19 38.23
C HIS B 289 18.56 36.86 37.86
N SER B 290 17.49 36.09 37.81
CA SER B 290 16.16 36.67 37.61
C SER B 290 16.03 36.99 39.09
N ILE B 291 16.82 38.00 39.43
CA ILE B 291 17.01 38.57 40.75
C ILE B 291 16.02 38.50 41.90
N PHE B 292 14.75 38.76 41.65
CA PHE B 292 13.80 38.66 42.78
C PHE B 292 13.64 37.25 43.31
N ARG B 293 13.95 36.27 42.48
CA ARG B 293 13.87 34.87 42.93
C ARG B 293 14.94 34.67 43.98
N ALA B 294 16.10 35.25 43.74
CA ALA B 294 17.24 35.12 44.65
C ALA B 294 17.05 35.82 45.98
N PHE B 295 16.78 37.11 45.95
CA PHE B 295 16.64 37.84 47.21
C PHE B 295 15.25 37.89 47.83
N ASN B 296 14.26 37.31 47.18
CA ASN B 296 12.92 37.31 47.72
C ASN B 296 12.25 35.96 47.83
N LYS B 297 12.71 35.01 47.02
CA LYS B 297 12.12 33.67 47.04
C LYS B 297 13.05 32.54 47.49
N GLY B 298 14.31 32.86 47.78
CA GLY B 298 15.23 31.84 48.27
C GLY B 298 16.31 31.26 47.37
N ALA B 299 16.37 31.65 46.10
CA ALA B 299 17.39 31.11 45.20
C ALA B 299 18.74 31.78 45.49
N LEU B 300 19.27 31.50 46.67
CA LEU B 300 20.52 32.09 47.09
C LEU B 300 21.38 31.08 47.87
N GLY B 301 22.62 30.90 47.40
CA GLY B 301 23.52 29.99 48.07
C GLY B 301 24.83 30.71 48.27
N GLN B 302 25.73 30.12 49.07
CA GLN B 302 27.01 30.75 49.33
C GLN B 302 28.20 29.83 49.20
N LEU B 303 29.27 30.38 48.66
CA LEU B 303 30.53 29.67 48.51
C LEU B 303 31.52 30.50 49.31
N LYS B 304 31.95 29.98 50.44
CA LYS B 304 32.90 30.69 51.28
C LYS B 304 34.30 30.26 50.89
N VAL B 305 35.11 31.23 50.47
CA VAL B 305 36.46 30.93 50.06
C VAL B 305 37.48 31.59 50.99
N GLU B 306 38.20 30.76 51.73
CA GLU B 306 39.22 31.24 52.66
C GLU B 306 40.54 31.31 51.92
N GLY B 307 41.52 31.98 52.52
CA GLY B 307 42.80 32.10 51.88
C GLY B 307 43.33 33.52 52.03
N ALA B 308 44.40 33.84 51.32
CA ALA B 308 44.96 35.17 51.43
C ALA B 308 44.68 36.10 50.25
N GLU B 309 44.35 37.33 50.63
CA GLU B 309 44.02 38.49 49.81
C GLU B 309 44.96 38.97 48.71
N ASN B 310 44.43 39.14 47.50
CA ASN B 310 45.21 39.69 46.39
C ASN B 310 44.56 40.98 45.90
N PRO B 311 45.06 42.13 46.38
CA PRO B 311 44.55 43.46 46.03
C PRO B 311 44.64 43.77 44.53
N GLU B 312 45.51 43.05 43.82
CA GLU B 312 45.69 43.25 42.39
C GLU B 312 44.44 42.79 41.64
N ILE B 313 43.68 41.89 42.26
CA ILE B 313 42.45 41.37 41.67
C ILE B 313 41.28 42.26 42.08
N MET B 314 41.38 42.84 43.29
CA MET B 314 40.34 43.74 43.82
C MET B 314 40.79 44.33 45.14
N GLU C 13 19.27 34.58 -16.53
CA GLU C 13 18.23 34.49 -15.47
C GLU C 13 18.10 33.12 -14.84
N LEU C 14 17.54 33.07 -13.64
CA LEU C 14 17.30 31.81 -12.92
C LEU C 14 16.14 30.90 -13.35
N PRO C 15 16.27 29.60 -13.11
CA PRO C 15 15.22 28.64 -13.47
C PRO C 15 14.02 28.92 -12.56
N VAL C 16 12.87 28.33 -12.88
CA VAL C 16 11.68 28.55 -12.06
C VAL C 16 11.09 27.22 -11.63
N ILE C 17 11.11 26.96 -10.32
CA ILE C 17 10.62 25.71 -9.77
C ILE C 17 9.45 25.96 -8.83
N ASP C 18 8.36 25.21 -8.99
CA ASP C 18 7.25 25.37 -8.06
C ASP C 18 7.67 24.67 -6.80
N ALA C 19 7.41 25.29 -5.66
CA ALA C 19 7.80 24.72 -4.39
C ALA C 19 6.84 23.63 -3.91
N VAL C 20 7.40 22.67 -3.18
CA VAL C 20 6.62 21.58 -2.62
C VAL C 20 6.58 21.95 -1.14
N THR C 21 5.40 22.35 -0.68
CA THR C 21 5.23 22.73 0.72
C THR C 21 4.39 21.64 1.36
N THR C 22 4.60 21.42 2.64
CA THR C 22 3.88 20.35 3.35
C THR C 22 3.10 20.78 4.57
N HIS C 23 2.00 20.09 4.84
CA HIS C 23 1.20 20.40 6.02
C HIS C 23 1.92 19.76 7.19
N ALA C 24 1.68 20.23 8.40
CA ALA C 24 2.51 19.69 9.48
C ALA C 24 2.17 18.35 10.11
N PRO C 25 3.24 17.60 10.43
CA PRO C 25 4.37 16.75 10.80
C PRO C 25 5.36 16.59 9.65
N GLU C 26 4.82 16.64 8.43
CA GLU C 26 5.62 16.44 7.24
C GLU C 26 6.53 17.57 6.78
N VAL C 27 7.67 17.15 6.24
CA VAL C 27 8.70 18.05 5.75
C VAL C 27 8.88 17.84 4.25
N PRO C 28 9.12 18.92 3.51
CA PRO C 28 9.31 18.78 2.06
C PRO C 28 10.55 17.96 1.75
N PRO C 29 10.64 17.42 0.52
CA PRO C 29 11.79 16.61 0.11
C PRO C 29 13.09 17.40 0.24
N ALA C 30 14.19 16.70 0.53
CA ALA C 30 15.47 17.37 0.65
C ALA C 30 15.81 17.94 -0.73
N ILE C 31 16.51 19.07 -0.74
CA ILE C 31 16.89 19.73 -1.98
C ILE C 31 17.93 18.92 -2.76
N ASP C 32 17.54 18.43 -3.93
CA ASP C 32 18.43 17.65 -4.77
C ASP C 32 18.89 18.44 -6.00
N ARG C 33 19.40 19.63 -5.76
CA ARG C 33 19.91 20.49 -6.83
C ARG C 33 21.06 21.30 -6.26
N ASP C 34 22.05 21.59 -7.09
CA ASP C 34 23.19 22.36 -6.63
C ASP C 34 23.38 23.65 -7.42
N TYR C 35 22.26 24.31 -7.72
CA TYR C 35 22.27 25.57 -8.44
C TYR C 35 21.08 26.40 -7.95
N PRO C 36 21.23 27.74 -7.96
CA PRO C 36 20.17 28.64 -7.51
C PRO C 36 18.94 28.57 -8.40
N ALA C 37 17.78 28.90 -7.84
CA ALA C 37 16.55 28.87 -8.59
C ALA C 37 15.53 29.84 -8.01
N LYS C 38 14.49 30.11 -8.77
CA LYS C 38 13.42 30.98 -8.31
C LYS C 38 12.34 29.99 -7.88
N VAL C 39 12.05 29.97 -6.59
CA VAL C 39 11.06 29.05 -6.06
C VAL C 39 9.72 29.73 -5.82
N ARG C 40 8.71 29.31 -6.58
CA ARG C 40 7.37 29.87 -6.45
C ARG C 40 6.58 29.23 -5.33
N VAL C 41 6.16 30.04 -4.38
CA VAL C 41 5.38 29.56 -3.26
C VAL C 41 4.01 30.22 -3.26
N LYS C 42 2.97 29.42 -3.09
CA LYS C 42 1.63 29.97 -3.03
C LYS C 42 1.13 29.81 -1.60
N MET C 43 0.73 30.92 -1.01
CA MET C 43 0.23 30.91 0.35
C MET C 43 -1.12 31.62 0.43
N GLU C 44 -2.03 31.06 1.22
CA GLU C 44 -3.34 31.67 1.38
C GLU C 44 -3.63 31.77 2.87
N THR C 45 -4.16 32.91 3.29
CA THR C 45 -4.50 33.07 4.70
C THR C 45 -6.01 32.91 4.84
N VAL C 46 -6.42 31.96 5.66
CA VAL C 46 -7.85 31.70 5.87
C VAL C 46 -8.18 31.61 7.35
N GLU C 47 -9.27 32.25 7.73
CA GLU C 47 -9.73 32.24 9.12
C GLU C 47 -10.77 31.13 9.24
N LYS C 48 -10.62 30.27 10.24
CA LYS C 48 -11.56 29.18 10.41
C LYS C 48 -11.65 28.67 11.84
N THR C 49 -12.82 28.16 12.19
CA THR C 49 -13.03 27.64 13.52
C THR C 49 -12.68 26.16 13.53
N MET C 50 -11.87 25.76 14.49
CA MET C 50 -11.47 24.38 14.62
C MET C 50 -11.46 23.97 16.06
N LYS C 51 -11.22 22.69 16.28
CA LYS C 51 -11.19 22.13 17.63
C LYS C 51 -9.81 22.33 18.24
N MET C 52 -9.78 22.98 19.41
CA MET C 52 -8.53 23.23 20.12
C MET C 52 -8.30 22.02 21.02
N ASP C 53 -9.39 21.54 21.60
CA ASP C 53 -9.37 20.40 22.49
C ASP C 53 -10.77 19.81 22.39
N ASP C 54 -11.00 18.69 23.06
CA ASP C 54 -12.33 18.04 23.02
C ASP C 54 -13.38 19.03 23.49
N GLY C 55 -14.39 19.28 22.67
CA GLY C 55 -15.42 20.21 23.07
C GLY C 55 -14.97 21.67 23.13
N VAL C 56 -13.78 21.98 22.78
CA VAL C 56 -13.29 23.37 22.81
C VAL C 56 -12.98 23.83 21.40
N GLU C 57 -13.63 24.90 20.97
CA GLU C 57 -13.38 25.45 19.64
C GLU C 57 -12.68 26.77 19.72
N TYR C 58 -11.92 27.10 18.68
CA TYR C 58 -11.18 28.34 18.64
C TYR C 58 -11.21 28.90 17.23
N ARG C 59 -11.23 30.22 17.12
CA ARG C 59 -11.24 30.85 15.80
C ARG C 59 -9.81 31.10 15.38
N TYR C 60 -9.22 30.12 14.69
CA TYR C 60 -7.84 30.25 14.24
C TYR C 60 -7.70 31.11 12.99
N TRP C 61 -6.58 31.84 12.92
CA TRP C 61 -6.24 32.65 11.75
C TRP C 61 -5.06 31.85 11.23
N THR C 62 -5.20 31.27 10.04
CA THR C 62 -4.15 30.41 9.52
C THR C 62 -3.50 30.71 8.19
N PHE C 63 -2.38 30.02 7.97
CA PHE C 63 -1.66 30.06 6.72
C PHE C 63 -2.02 28.70 6.14
N ASP C 64 -2.84 28.69 5.11
CA ASP C 64 -3.25 27.47 4.44
C ASP C 64 -4.13 26.45 5.16
N GLY C 65 -4.98 26.92 6.06
CA GLY C 65 -5.90 25.99 6.71
C GLY C 65 -5.61 25.35 8.06
N ASP C 66 -4.43 25.53 8.61
CA ASP C 66 -4.13 24.93 9.89
C ASP C 66 -2.94 25.63 10.52
N VAL C 67 -2.61 25.18 11.72
CA VAL C 67 -1.50 25.70 12.48
C VAL C 67 -0.55 24.53 12.70
N PRO C 68 0.73 24.67 12.34
CA PRO C 68 1.34 25.87 11.74
C PRO C 68 1.09 25.90 10.24
N GLY C 69 1.63 26.91 9.58
CA GLY C 69 1.47 27.00 8.13
C GLY C 69 2.27 25.89 7.48
N ARG C 70 2.22 25.83 6.15
CA ARG C 70 2.96 24.82 5.43
C ARG C 70 4.44 25.14 5.46
N MET C 71 5.25 24.12 5.65
CA MET C 71 6.70 24.30 5.70
C MET C 71 7.24 24.51 4.30
N ILE C 72 8.16 25.48 4.19
CA ILE C 72 8.80 25.80 2.93
C ILE C 72 10.25 25.36 3.03
N ARG C 73 10.75 24.75 1.98
CA ARG C 73 12.12 24.27 1.97
C ARG C 73 12.83 24.76 0.73
N VAL C 74 13.83 25.62 0.92
CA VAL C 74 14.58 26.16 -0.21
C VAL C 74 16.07 26.03 0.04
N ARG C 75 16.86 26.50 -0.92
CA ARG C 75 18.31 26.44 -0.82
C ARG C 75 18.91 27.83 -0.70
N GLU C 76 19.94 27.93 0.12
CA GLU C 76 20.66 29.18 0.33
C GLU C 76 20.98 29.77 -1.04
N GLY C 77 20.59 31.02 -1.27
CA GLY C 77 20.88 31.65 -2.55
C GLY C 77 19.67 31.71 -3.48
N ASP C 78 18.64 30.93 -3.18
CA ASP C 78 17.43 30.92 -4.00
C ASP C 78 16.66 32.21 -3.85
N THR C 79 15.84 32.50 -4.85
CA THR C 79 14.97 33.65 -4.82
C THR C 79 13.60 33.02 -4.58
N VAL C 80 12.93 33.46 -3.52
CA VAL C 80 11.64 32.92 -3.18
C VAL C 80 10.55 33.90 -3.61
N GLU C 81 9.75 33.49 -4.59
CA GLU C 81 8.67 34.34 -5.05
C GLU C 81 7.37 33.86 -4.43
N VAL C 82 6.77 34.73 -3.63
CA VAL C 82 5.54 34.40 -2.93
C VAL C 82 4.28 35.03 -3.49
N GLU C 83 3.30 34.19 -3.79
CA GLU C 83 2.01 34.67 -4.26
C GLU C 83 1.18 34.50 -2.99
N PHE C 84 0.90 35.63 -2.34
CA PHE C 84 0.17 35.67 -1.09
C PHE C 84 -1.29 36.07 -1.27
N SER C 85 -2.22 35.17 -0.94
CA SER C 85 -3.65 35.45 -1.09
C SER C 85 -4.41 35.44 0.23
N ASN C 86 -5.21 36.48 0.46
CA ASN C 86 -6.02 36.54 1.67
C ASN C 86 -7.42 36.12 1.26
N ASN C 87 -7.87 34.98 1.77
CA ASN C 87 -9.21 34.48 1.44
C ASN C 87 -10.30 35.54 1.55
N PRO C 88 -11.26 35.52 0.61
CA PRO C 88 -12.38 36.46 0.55
C PRO C 88 -13.18 36.57 1.84
N SER C 89 -13.24 35.48 2.60
CA SER C 89 -14.01 35.48 3.84
C SER C 89 -13.29 36.02 5.06
N SER C 90 -12.00 36.33 4.92
CA SER C 90 -11.25 36.87 6.05
C SER C 90 -11.84 38.19 6.48
N THR C 91 -11.74 38.47 7.78
CA THR C 91 -12.30 39.70 8.33
C THR C 91 -11.25 40.79 8.56
N VAL C 92 -9.99 40.45 8.36
CA VAL C 92 -8.91 41.43 8.57
C VAL C 92 -7.78 41.22 7.56
N PRO C 93 -6.90 42.23 7.43
CA PRO C 93 -5.78 42.07 6.49
C PRO C 93 -4.81 41.05 7.09
N HIS C 94 -3.93 40.53 6.25
CA HIS C 94 -2.92 39.58 6.70
C HIS C 94 -1.70 39.77 5.84
N ASN C 95 -0.54 39.45 6.37
CA ASN C 95 0.68 39.56 5.61
C ASN C 95 1.63 38.52 6.17
N VAL C 96 2.89 38.58 5.78
CA VAL C 96 3.85 37.63 6.26
C VAL C 96 5.22 38.22 6.45
N ASP C 97 5.82 37.91 7.59
CA ASP C 97 7.15 38.36 7.93
C ASP C 97 7.98 37.08 8.00
N PHE C 98 8.92 36.93 7.06
CA PHE C 98 9.79 35.76 7.04
C PHE C 98 11.08 36.10 7.76
N HIS C 99 11.42 35.36 8.81
CA HIS C 99 12.66 35.64 9.51
C HIS C 99 13.84 35.28 8.62
N ALA C 100 13.54 34.60 7.52
CA ALA C 100 14.57 34.19 6.57
C ALA C 100 14.85 35.28 5.54
N ALA C 101 13.98 36.28 5.49
CA ALA C 101 14.13 37.38 4.54
C ALA C 101 14.81 38.60 5.12
N THR C 102 15.67 39.21 4.30
CA THR C 102 16.40 40.41 4.71
C THR C 102 15.75 41.61 4.04
N GLY C 103 15.22 42.52 4.84
CA GLY C 103 14.57 43.70 4.28
C GLY C 103 13.31 44.05 5.02
N GLN C 104 12.76 45.22 4.72
CA GLN C 104 11.55 45.72 5.35
C GLN C 104 10.58 44.69 5.91
N GLY C 105 10.46 44.69 7.23
CA GLY C 105 9.57 43.78 7.93
C GLY C 105 9.59 42.34 7.50
N GLY C 106 10.69 41.92 6.87
CA GLY C 106 10.79 40.54 6.43
C GLY C 106 9.71 40.21 5.40
N GLY C 107 9.24 41.21 4.68
CA GLY C 107 8.23 41.00 3.67
C GLY C 107 6.83 41.47 4.05
N ALA C 108 6.68 41.90 5.30
CA ALA C 108 5.39 42.35 5.83
C ALA C 108 4.74 43.50 5.05
N ALA C 109 5.54 44.51 4.69
CA ALA C 109 5.04 45.66 3.95
C ALA C 109 4.55 45.23 2.56
N ALA C 110 5.38 44.47 1.86
CA ALA C 110 5.07 44.00 0.51
C ALA C 110 3.96 42.96 0.43
N THR C 111 3.65 42.32 1.56
CA THR C 111 2.62 41.29 1.56
C THR C 111 1.31 41.66 2.26
N PHE C 112 1.16 42.94 2.62
CA PHE C 112 -0.06 43.39 3.28
C PHE C 112 -1.22 43.14 2.31
N THR C 113 -2.07 42.16 2.64
CA THR C 113 -3.17 41.80 1.76
C THR C 113 -4.56 41.82 2.38
N ALA C 114 -5.42 42.69 1.86
CA ALA C 114 -6.80 42.78 2.36
C ALA C 114 -7.55 41.53 1.91
N PRO C 115 -8.71 41.25 2.52
CA PRO C 115 -9.48 40.06 2.13
C PRO C 115 -9.85 40.08 0.65
N GLY C 116 -9.86 38.90 0.05
CA GLY C 116 -10.22 38.79 -1.36
C GLY C 116 -9.18 39.32 -2.34
N ARG C 117 -8.01 39.70 -1.83
CA ARG C 117 -6.95 40.24 -2.67
C ARG C 117 -5.73 39.32 -2.67
N THR C 118 -4.83 39.50 -3.64
CA THR C 118 -3.61 38.69 -3.71
C THR C 118 -2.42 39.61 -3.88
N SER C 119 -1.35 39.33 -3.14
CA SER C 119 -0.13 40.12 -3.21
C SER C 119 0.99 39.23 -3.70
N THR C 120 1.99 39.82 -4.33
CA THR C 120 3.12 39.07 -4.83
C THR C 120 4.40 39.81 -4.50
N PHE C 121 5.45 39.07 -4.15
CA PHE C 121 6.71 39.68 -3.83
C PHE C 121 7.78 38.59 -3.74
N SER C 122 9.04 38.98 -3.86
CA SER C 122 10.12 38.00 -3.79
C SER C 122 11.28 38.51 -2.96
N PHE C 123 12.00 37.56 -2.39
CA PHE C 123 13.16 37.87 -1.55
C PHE C 123 14.19 36.77 -1.76
N LYS C 124 15.46 37.12 -1.57
CA LYS C 124 16.54 36.16 -1.73
C LYS C 124 16.91 35.55 -0.38
N ALA C 125 16.87 34.23 -0.30
CA ALA C 125 17.21 33.51 0.93
C ALA C 125 18.73 33.54 1.07
N LEU C 126 19.23 34.62 1.64
CA LEU C 126 20.67 34.82 1.81
C LEU C 126 21.39 33.91 2.81
N GLN C 127 20.70 33.53 3.86
CA GLN C 127 21.32 32.70 4.88
C GLN C 127 20.62 31.41 5.24
N PRO C 128 21.39 30.33 5.38
CA PRO C 128 20.82 29.04 5.73
C PRO C 128 20.32 29.06 7.17
N GLY C 129 19.39 28.17 7.49
CA GLY C 129 18.84 28.12 8.84
C GLY C 129 17.38 27.70 8.85
N LEU C 130 16.83 27.58 10.05
CA LEU C 130 15.43 27.21 10.21
C LEU C 130 14.72 28.45 10.72
N TYR C 131 13.93 29.07 9.86
CA TYR C 131 13.26 30.31 10.21
C TYR C 131 11.75 30.28 10.36
N ILE C 132 11.29 31.04 11.34
CA ILE C 132 9.88 31.19 11.65
C ILE C 132 9.36 32.29 10.72
N TYR C 133 8.12 32.16 10.27
CA TYR C 133 7.51 33.21 9.49
C TYR C 133 6.15 33.38 10.19
N HIS C 134 5.65 34.61 10.21
CA HIS C 134 4.39 34.88 10.88
C HIS C 134 3.75 36.15 10.36
N CYS C 135 2.48 36.33 10.69
CA CYS C 135 1.73 37.51 10.28
C CYS C 135 2.19 38.68 11.15
N ALA C 136 2.27 39.86 10.53
CA ALA C 136 2.72 41.05 11.26
C ALA C 136 1.79 42.25 11.10
N VAL C 137 0.49 41.97 11.04
CA VAL C 137 -0.51 43.03 10.90
C VAL C 137 -0.93 43.46 12.31
N ALA C 138 -1.10 44.75 12.54
CA ALA C 138 -1.49 45.23 13.85
C ALA C 138 -2.92 44.84 14.22
N PRO C 139 -3.12 44.33 15.45
CA PRO C 139 -2.10 44.13 16.49
C PRO C 139 -1.31 42.83 16.27
N VAL C 140 0.00 42.98 16.09
CA VAL C 140 0.89 41.86 15.82
C VAL C 140 0.75 40.65 16.74
N GLY C 141 0.68 40.89 18.04
CA GLY C 141 0.54 39.80 18.99
C GLY C 141 -0.70 38.95 18.76
N MET C 142 -1.81 39.61 18.41
CA MET C 142 -3.05 38.90 18.19
C MET C 142 -3.00 38.04 16.93
N HIS C 143 -2.41 38.58 15.86
CA HIS C 143 -2.32 37.82 14.63
C HIS C 143 -1.46 36.57 14.85
N ILE C 144 -0.39 36.71 15.63
CA ILE C 144 0.47 35.57 15.91
C ILE C 144 -0.25 34.60 16.84
N ALA C 145 -0.82 35.14 17.92
CA ALA C 145 -1.53 34.34 18.88
C ALA C 145 -2.64 33.48 18.29
N ASN C 146 -3.31 33.96 17.25
CA ASN C 146 -4.39 33.17 16.66
C ASN C 146 -3.89 32.04 15.75
N GLY C 147 -2.57 31.84 15.70
CA GLY C 147 -2.02 30.77 14.91
C GLY C 147 -1.29 31.04 13.60
N MET C 148 -1.05 32.31 13.29
CA MET C 148 -0.37 32.64 12.03
C MET C 148 1.15 32.60 12.06
N TYR C 149 1.69 31.39 12.03
CA TYR C 149 3.14 31.18 12.02
C TYR C 149 3.49 29.82 11.45
N GLY C 150 4.63 29.76 10.78
CA GLY C 150 5.11 28.54 10.18
C GLY C 150 6.61 28.59 10.06
N LEU C 151 7.21 27.55 9.50
CA LEU C 151 8.65 27.49 9.34
C LEU C 151 9.10 27.40 7.90
N ILE C 152 10.20 28.07 7.61
CA ILE C 152 10.81 27.99 6.30
C ILE C 152 12.22 27.52 6.53
N LEU C 153 12.57 26.37 5.95
CA LEU C 153 13.90 25.83 6.11
C LEU C 153 14.74 26.24 4.91
N VAL C 154 15.83 26.95 5.20
CA VAL C 154 16.75 27.40 4.14
C VAL C 154 17.99 26.53 4.28
N GLU C 155 18.10 25.53 3.42
CA GLU C 155 19.23 24.60 3.41
C GLU C 155 20.53 25.23 2.95
N PRO C 156 21.67 24.77 3.49
CA PRO C 156 22.98 25.31 3.11
C PRO C 156 23.25 24.85 1.68
N LYS C 157 24.13 25.55 0.97
CA LYS C 157 24.47 25.16 -0.40
C LYS C 157 24.70 23.65 -0.47
N GLU C 158 25.55 23.17 0.43
CA GLU C 158 25.91 21.74 0.47
C GLU C 158 24.79 20.81 0.94
N GLY C 159 23.70 21.37 1.45
CA GLY C 159 22.61 20.55 1.93
C GLY C 159 22.85 19.99 3.31
N LEU C 160 21.81 19.40 3.91
CA LEU C 160 21.91 18.81 5.24
C LEU C 160 22.12 17.30 5.11
N PRO C 161 22.78 16.69 6.10
CA PRO C 161 23.04 15.25 6.09
C PRO C 161 21.74 14.45 5.91
N LYS C 162 21.82 13.31 5.23
CA LYS C 162 20.65 12.48 5.03
C LYS C 162 20.22 11.96 6.39
N VAL C 163 18.92 11.79 6.56
CA VAL C 163 18.34 11.30 7.80
C VAL C 163 17.19 10.40 7.39
N ASP C 164 16.83 9.44 8.24
CA ASP C 164 15.74 8.53 7.91
C ASP C 164 14.39 9.22 7.96
N LYS C 165 14.12 9.95 9.02
CA LYS C 165 12.84 10.63 9.13
C LYS C 165 12.96 12.08 9.58
N GLU C 166 12.08 12.91 9.02
CA GLU C 166 12.06 14.34 9.32
C GLU C 166 10.66 14.77 9.75
N PHE C 167 10.59 15.55 10.82
CA PHE C 167 9.31 16.01 11.34
C PHE C 167 9.29 17.53 11.52
N TYR C 168 8.13 18.11 11.24
CA TYR C 168 7.87 19.55 11.34
C TYR C 168 7.01 19.75 12.59
N ILE C 169 7.61 20.36 13.61
CA ILE C 169 6.94 20.60 14.89
C ILE C 169 7.04 22.08 15.29
N VAL C 170 5.92 22.72 15.60
CA VAL C 170 5.93 24.11 16.03
C VAL C 170 5.09 24.28 17.30
N GLN C 171 5.70 24.81 18.34
CA GLN C 171 5.00 25.03 19.60
C GLN C 171 4.42 26.44 19.62
N GLY C 172 3.33 26.62 20.36
CA GLY C 172 2.71 27.93 20.46
C GLY C 172 1.86 28.01 21.71
N ASP C 173 1.68 29.22 22.26
CA ASP C 173 0.86 29.41 23.43
C ASP C 173 -0.43 30.12 23.03
N PHE C 174 -1.56 29.62 23.53
CA PHE C 174 -2.85 30.22 23.20
C PHE C 174 -3.59 30.79 24.40
N TYR C 175 -4.19 31.95 24.18
CA TYR C 175 -4.91 32.65 25.23
C TYR C 175 -6.40 32.66 25.01
N THR C 176 -7.05 31.85 25.82
CA THR C 176 -8.49 31.64 25.79
C THR C 176 -9.20 32.40 26.92
N LYS C 177 -10.38 32.94 26.62
CA LYS C 177 -11.12 33.67 27.65
C LYS C 177 -11.46 32.74 28.80
N GLY C 178 -12.02 31.58 28.47
CA GLY C 178 -12.34 30.62 29.52
C GLY C 178 -11.06 29.91 29.89
N LYS C 179 -11.08 29.12 30.96
CA LYS C 179 -9.85 28.42 31.30
C LYS C 179 -9.80 27.10 30.55
N LYS C 180 -8.61 26.51 30.51
CA LYS C 180 -8.39 25.25 29.83
C LYS C 180 -9.54 24.29 30.13
N GLY C 181 -10.20 23.78 29.10
CA GLY C 181 -11.31 22.86 29.32
C GLY C 181 -12.69 23.44 29.14
N ALA C 182 -12.83 24.75 29.37
CA ALA C 182 -14.12 25.42 29.22
C ALA C 182 -14.66 25.10 27.83
N GLN C 183 -15.83 24.47 27.79
CA GLN C 183 -16.47 24.09 26.53
C GLN C 183 -16.95 25.24 25.67
N GLY C 184 -17.06 24.98 24.37
CA GLY C 184 -17.53 26.01 23.45
C GLY C 184 -16.48 26.78 22.70
N LEU C 185 -16.94 27.74 21.91
CA LEU C 185 -16.05 28.58 21.13
C LEU C 185 -15.43 29.59 22.10
N GLN C 186 -14.12 29.47 22.30
CA GLN C 186 -13.41 30.36 23.21
C GLN C 186 -12.71 31.50 22.47
N PRO C 187 -13.04 32.75 22.81
CA PRO C 187 -12.44 33.94 22.18
C PRO C 187 -11.02 34.19 22.65
N PHE C 188 -10.27 34.96 21.86
CA PHE C 188 -8.89 35.31 22.22
C PHE C 188 -8.99 36.24 23.43
N ASP C 189 -8.09 36.10 24.40
CA ASP C 189 -8.10 36.95 25.58
C ASP C 189 -6.84 37.81 25.65
N MET C 190 -6.99 39.07 25.26
CA MET C 190 -5.90 40.02 25.24
C MET C 190 -5.17 40.18 26.57
N ASP C 191 -5.92 40.25 27.67
CA ASP C 191 -5.31 40.42 28.98
C ASP C 191 -4.39 39.28 29.38
N LYS C 192 -4.79 38.06 29.12
CA LYS C 192 -3.95 36.92 29.48
C LYS C 192 -2.71 36.93 28.58
N ALA C 193 -2.90 37.34 27.33
CA ALA C 193 -1.81 37.40 26.37
C ALA C 193 -0.73 38.35 26.87
N VAL C 194 -1.14 39.55 27.30
CA VAL C 194 -0.21 40.54 27.78
C VAL C 194 0.47 40.08 29.08
N ALA C 195 -0.24 39.36 29.93
CA ALA C 195 0.33 38.90 31.18
C ALA C 195 1.10 37.59 31.01
N GLU C 196 1.16 37.09 29.77
CA GLU C 196 1.88 35.87 29.48
C GLU C 196 1.37 34.66 30.27
N GLN C 197 0.05 34.54 30.35
CA GLN C 197 -0.61 33.45 31.06
C GLN C 197 -1.51 32.70 30.10
N PRO C 198 -0.94 31.79 29.31
CA PRO C 198 -1.74 31.04 28.33
C PRO C 198 -2.56 29.94 28.98
N GLU C 199 -3.62 29.51 28.30
CA GLU C 199 -4.47 28.44 28.81
C GLU C 199 -4.01 27.15 28.13
N TYR C 200 -3.58 27.27 26.88
CA TYR C 200 -3.10 26.13 26.13
C TYR C 200 -1.72 26.40 25.56
N VAL C 201 -0.86 25.39 25.62
CA VAL C 201 0.48 25.44 25.07
C VAL C 201 0.51 24.12 24.32
N VAL C 202 0.53 24.21 22.99
CA VAL C 202 0.48 23.00 22.18
C VAL C 202 1.50 22.90 21.07
N PHE C 203 1.59 21.71 20.48
CA PHE C 203 2.46 21.47 19.35
C PHE C 203 1.51 21.38 18.16
N ASN C 204 1.77 22.14 17.09
CA ASN C 204 0.94 22.11 15.92
C ASN C 204 -0.55 22.45 16.10
N GLY C 205 -0.80 23.61 16.68
CA GLY C 205 -2.14 24.14 16.86
C GLY C 205 -3.27 23.55 17.69
N HIS C 206 -3.19 22.29 18.08
CA HIS C 206 -4.28 21.69 18.84
C HIS C 206 -3.76 20.72 19.87
N VAL C 207 -4.56 20.47 20.90
CA VAL C 207 -4.17 19.51 21.91
C VAL C 207 -4.29 18.17 21.17
N GLY C 208 -3.29 17.31 21.30
CA GLY C 208 -3.32 16.02 20.65
C GLY C 208 -2.99 15.98 19.16
N ALA C 209 -2.62 17.12 18.57
CA ALA C 209 -2.30 17.17 17.15
C ALA C 209 -1.25 16.12 16.75
N LEU C 210 -0.33 15.83 17.67
CA LEU C 210 0.74 14.86 17.42
C LEU C 210 0.68 13.71 18.39
N THR C 211 -0.50 13.36 18.84
CA THR C 211 -0.62 12.27 19.82
C THR C 211 -1.73 11.30 19.43
N GLY C 212 -1.83 10.21 20.17
CA GLY C 212 -2.84 9.22 19.92
C GLY C 212 -2.72 8.69 18.51
N ASP C 213 -3.80 8.78 17.75
CA ASP C 213 -3.79 8.30 16.38
C ASP C 213 -2.91 9.16 15.48
N ASN C 214 -2.64 10.39 15.91
CA ASN C 214 -1.83 11.30 15.14
C ASN C 214 -0.36 11.27 15.52
N ALA C 215 0.01 10.31 16.35
CA ALA C 215 1.40 10.18 16.79
C ALA C 215 2.36 10.03 15.61
N LEU C 216 3.57 10.57 15.76
CA LEU C 216 4.58 10.46 14.72
C LEU C 216 5.07 9.02 14.75
N LYS C 217 5.50 8.50 13.60
CA LYS C 217 5.96 7.13 13.56
C LYS C 217 7.35 6.95 12.97
N ALA C 218 8.12 6.04 13.56
CA ALA C 218 9.46 5.74 13.09
C ALA C 218 9.74 4.29 13.41
N LYS C 219 10.82 3.76 12.84
CA LYS C 219 11.17 2.36 13.09
C LYS C 219 12.49 2.34 13.86
N ALA C 220 12.67 1.34 14.71
CA ALA C 220 13.88 1.20 15.50
C ALA C 220 15.11 1.22 14.61
N GLY C 221 16.12 1.96 15.03
CA GLY C 221 17.35 2.06 14.26
C GLY C 221 17.41 3.30 13.38
N GLU C 222 16.27 3.92 13.12
CA GLU C 222 16.25 5.11 12.26
C GLU C 222 16.78 6.36 12.98
N THR C 223 17.42 7.22 12.20
CA THR C 223 17.93 8.48 12.73
C THR C 223 16.81 9.47 12.42
N VAL C 224 16.38 10.19 13.46
CA VAL C 224 15.29 11.14 13.32
C VAL C 224 15.71 12.60 13.50
N ARG C 225 15.23 13.46 12.61
CA ARG C 225 15.52 14.88 12.69
C ARG C 225 14.21 15.62 12.88
N MET C 226 14.16 16.53 13.85
CA MET C 226 12.96 17.30 14.09
C MET C 226 13.25 18.78 13.91
N TYR C 227 12.48 19.43 13.06
CA TYR C 227 12.61 20.86 12.83
C TYR C 227 11.62 21.45 13.81
N VAL C 228 12.14 22.01 14.90
CA VAL C 228 11.30 22.56 15.94
C VAL C 228 11.23 24.08 15.97
N GLY C 229 10.03 24.60 15.79
CA GLY C 229 9.84 26.04 15.83
C GLY C 229 9.06 26.43 17.06
N ASN C 230 9.10 27.71 17.40
CA ASN C 230 8.37 28.22 18.58
C ASN C 230 7.70 29.51 18.14
N GLY C 231 6.42 29.41 17.76
CA GLY C 231 5.69 30.57 17.31
C GLY C 231 5.34 31.56 18.41
N GLY C 232 5.44 31.10 19.66
CA GLY C 232 5.11 31.98 20.74
C GLY C 232 3.60 32.10 20.81
N PRO C 233 3.04 33.32 20.94
CA PRO C 233 3.69 34.63 21.07
C PRO C 233 4.71 34.86 22.18
N ASN C 234 4.42 34.37 23.38
CA ASN C 234 5.27 34.66 24.52
C ASN C 234 6.20 33.64 25.17
N LEU C 235 5.83 32.37 25.19
CA LEU C 235 6.67 31.40 25.87
C LEU C 235 7.96 30.96 25.20
N VAL C 236 8.85 30.46 26.05
CA VAL C 236 10.14 29.95 25.66
C VAL C 236 10.07 28.48 26.04
N SER C 237 10.43 27.61 25.10
CA SER C 237 10.33 26.18 25.31
C SER C 237 11.62 25.49 25.77
N SER C 238 11.46 24.54 26.70
CA SER C 238 12.58 23.74 27.19
C SER C 238 12.27 22.40 26.52
N PHE C 239 12.45 22.35 25.21
CA PHE C 239 12.15 21.14 24.43
C PHE C 239 12.88 19.89 24.87
N HIS C 240 12.15 18.79 25.00
CA HIS C 240 12.70 17.52 25.46
C HIS C 240 11.86 16.36 24.93
N VAL C 241 12.50 15.22 24.70
CA VAL C 241 11.81 14.04 24.25
C VAL C 241 12.03 12.98 25.31
N ILE C 242 10.96 12.60 26.01
CA ILE C 242 11.05 11.61 27.07
C ILE C 242 11.48 10.26 26.52
N GLY C 243 12.54 9.72 27.10
CA GLY C 243 13.05 8.42 26.67
C GLY C 243 14.20 8.50 25.69
N GLU C 244 14.56 9.70 25.27
CA GLU C 244 15.67 9.81 24.32
C GLU C 244 16.58 11.00 24.67
N ILE C 245 17.68 11.10 23.94
CA ILE C 245 18.65 12.17 24.15
C ILE C 245 19.00 12.75 22.78
N PHE C 246 19.22 14.05 22.74
CA PHE C 246 19.55 14.70 21.48
C PHE C 246 21.01 14.47 21.12
N ASP C 247 21.22 13.74 20.03
CA ASP C 247 22.56 13.45 19.55
C ASP C 247 23.15 14.76 19.07
N LYS C 248 22.33 15.54 18.38
CA LYS C 248 22.77 16.82 17.88
C LYS C 248 21.66 17.86 18.02
N VAL C 249 22.07 19.09 18.33
CA VAL C 249 21.17 20.20 18.49
C VAL C 249 21.78 21.40 17.77
N TYR C 250 21.07 21.93 16.78
CA TYR C 250 21.55 23.11 16.10
C TYR C 250 21.05 24.22 17.01
N VAL C 251 21.95 24.71 17.86
CA VAL C 251 21.60 25.74 18.84
C VAL C 251 20.87 26.95 18.26
N GLU C 252 19.65 27.17 18.75
CA GLU C 252 18.79 28.27 18.33
C GLU C 252 18.56 28.31 16.83
N GLY C 253 18.73 27.16 16.18
CA GLY C 253 18.51 27.06 14.75
C GLY C 253 19.67 27.53 13.87
N GLY C 254 20.78 27.91 14.52
CA GLY C 254 21.94 28.38 13.77
C GLY C 254 22.91 27.28 13.34
N LYS C 255 24.12 27.69 12.98
CA LYS C 255 25.17 26.77 12.53
C LYS C 255 25.81 25.95 13.65
N LEU C 256 25.84 26.53 14.85
CA LEU C 256 26.44 25.89 16.01
C LEU C 256 25.75 24.59 16.40
N ILE C 257 26.54 23.54 16.59
CA ILE C 257 25.99 22.24 16.95
C ILE C 257 26.43 21.72 18.30
N ASN C 258 25.44 21.41 19.13
CA ASN C 258 25.72 20.86 20.46
C ASN C 258 25.40 19.38 20.43
N GLU C 259 25.93 18.63 21.38
CA GLU C 259 25.69 17.19 21.43
C GLU C 259 25.39 16.65 22.82
N ASN C 260 24.58 15.60 22.87
CA ASN C 260 24.23 14.97 24.14
C ASN C 260 23.49 15.94 25.05
N VAL C 261 22.42 16.53 24.53
CA VAL C 261 21.62 17.47 25.28
C VAL C 261 20.27 16.83 25.60
N GLN C 262 19.86 16.91 26.86
CA GLN C 262 18.59 16.32 27.28
C GLN C 262 17.43 17.25 27.01
N SER C 263 17.70 18.54 27.12
CA SER C 263 16.63 19.53 26.97
C SER C 263 17.20 20.88 26.51
N THR C 264 16.69 21.40 25.39
CA THR C 264 17.13 22.70 24.86
C THR C 264 16.09 23.80 24.88
N ILE C 265 16.56 25.03 24.98
CA ILE C 265 15.70 26.19 24.96
C ILE C 265 15.39 26.56 23.52
N VAL C 266 14.11 26.77 23.22
CA VAL C 266 13.72 27.21 21.88
C VAL C 266 13.13 28.59 22.15
N PRO C 267 13.82 29.65 21.73
CA PRO C 267 13.38 31.03 21.93
C PRO C 267 12.04 31.36 21.31
N ALA C 268 11.37 32.38 21.83
CA ALA C 268 10.09 32.78 21.30
C ALA C 268 10.44 33.29 19.89
N GLY C 269 9.63 32.94 18.90
CA GLY C 269 9.92 33.37 17.55
C GLY C 269 11.23 32.78 17.08
N GLY C 270 11.65 31.71 17.75
CA GLY C 270 12.91 31.06 17.41
C GLY C 270 12.73 29.58 17.11
N SER C 271 13.85 28.91 16.85
CA SER C 271 13.78 27.50 16.52
C SER C 271 14.98 26.71 17.00
N ALA C 272 14.96 25.44 16.66
CA ALA C 272 16.04 24.52 16.98
C ALA C 272 15.86 23.31 16.08
N ILE C 273 16.98 22.65 15.78
CA ILE C 273 16.94 21.44 14.98
C ILE C 273 17.58 20.40 15.88
N VAL C 274 16.87 19.31 16.11
CA VAL C 274 17.39 18.24 16.93
C VAL C 274 17.40 16.95 16.14
N GLU C 275 18.43 16.16 16.37
CA GLU C 275 18.61 14.88 15.72
C GLU C 275 18.95 13.84 16.75
N PHE C 276 18.28 12.69 16.67
CA PHE C 276 18.55 11.60 17.57
C PHE C 276 18.21 10.30 16.88
N LYS C 277 18.94 9.24 17.24
CA LYS C 277 18.72 7.93 16.66
C LYS C 277 17.87 7.17 17.66
N VAL C 278 16.75 6.62 17.19
CA VAL C 278 15.88 5.85 18.06
C VAL C 278 16.27 4.38 17.90
N ASP C 279 17.06 3.87 18.85
CA ASP C 279 17.52 2.49 18.77
C ASP C 279 16.68 1.39 19.40
N ILE C 280 15.65 1.77 20.14
CA ILE C 280 14.79 0.77 20.78
C ILE C 280 13.31 1.17 20.71
N PRO C 281 12.44 0.22 20.40
CA PRO C 281 10.99 0.42 20.27
C PRO C 281 10.35 1.03 21.54
N GLY C 282 9.19 1.64 21.35
CA GLY C 282 8.48 2.24 22.48
C GLY C 282 7.82 3.56 22.13
N ASN C 283 7.24 4.20 23.13
CA ASN C 283 6.59 5.49 22.94
C ASN C 283 7.41 6.59 23.58
N TYR C 284 7.80 7.56 22.76
CA TYR C 284 8.59 8.68 23.23
C TYR C 284 7.68 9.89 23.16
N THR C 285 7.62 10.65 24.24
CA THR C 285 6.74 11.81 24.24
C THR C 285 7.50 13.13 24.26
N LEU C 286 7.18 14.00 23.30
CA LEU C 286 7.83 15.30 23.24
C LEU C 286 7.10 16.23 24.18
N VAL C 287 7.84 17.05 24.92
CA VAL C 287 7.21 17.97 25.86
C VAL C 287 7.99 19.25 26.03
N ASP C 288 7.33 20.25 26.62
CA ASP C 288 8.02 21.49 26.95
C ASP C 288 8.35 21.03 28.36
N HIS C 289 9.62 20.93 28.72
CA HIS C 289 9.92 20.44 30.06
C HIS C 289 9.56 21.37 31.20
N SER C 290 8.95 22.50 30.88
CA SER C 290 8.43 23.39 31.91
C SER C 290 7.14 22.59 32.02
N ILE C 291 7.35 21.42 32.62
CA ILE C 291 6.40 20.37 32.87
C ILE C 291 4.88 20.56 32.96
N PHE C 292 4.41 21.55 33.68
CA PHE C 292 2.96 21.73 33.77
C PHE C 292 2.34 22.12 32.43
N ARG C 293 3.15 22.67 31.52
CA ARG C 293 2.62 23.04 30.21
C ARG C 293 2.31 21.76 29.46
N ALA C 294 3.20 20.77 29.62
CA ALA C 294 3.05 19.49 28.95
C ALA C 294 1.88 18.66 29.45
N PHE C 295 1.85 18.37 30.74
CA PHE C 295 0.78 17.55 31.26
C PHE C 295 -0.51 18.24 31.70
N ASN C 296 -0.54 19.57 31.64
CA ASN C 296 -1.74 20.30 32.03
C ASN C 296 -2.26 21.26 30.97
N LYS C 297 -1.40 21.70 30.08
CA LYS C 297 -1.80 22.64 29.04
C LYS C 297 -1.73 22.14 27.60
N GLY C 298 -1.34 20.89 27.42
CA GLY C 298 -1.29 20.32 26.07
C GLY C 298 0.01 20.20 25.30
N ALA C 299 1.11 20.68 25.85
CA ALA C 299 2.39 20.58 25.14
C ALA C 299 2.93 19.17 25.23
N LEU C 300 2.22 18.25 24.61
CA LEU C 300 2.59 16.85 24.62
C LEU C 300 2.36 16.17 23.27
N GLY C 301 3.41 15.55 22.75
CA GLY C 301 3.33 14.86 21.47
C GLY C 301 3.92 13.48 21.63
N GLN C 302 3.69 12.60 20.66
CA GLN C 302 4.22 11.25 20.74
C GLN C 302 4.91 10.77 19.48
N LEU C 303 5.98 10.01 19.69
CA LEU C 303 6.73 9.42 18.61
C LEU C 303 6.68 7.92 18.90
N LYS C 304 5.96 7.19 18.06
CA LYS C 304 5.83 5.75 18.23
C LYS C 304 6.90 5.07 17.38
N VAL C 305 7.79 4.32 18.02
CA VAL C 305 8.85 3.63 17.30
C VAL C 305 8.64 2.13 17.28
N GLU C 306 8.67 1.55 16.08
CA GLU C 306 8.49 0.12 15.90
C GLU C 306 9.85 -0.54 15.68
N GLY C 307 9.92 -1.84 15.94
CA GLY C 307 11.17 -2.55 15.77
C GLY C 307 11.25 -3.71 16.73
N ALA C 308 12.45 -4.06 17.15
CA ALA C 308 12.62 -5.18 18.06
C ALA C 308 13.58 -5.00 19.22
N GLU C 309 13.01 -5.22 20.40
CA GLU C 309 13.63 -5.16 21.73
C GLU C 309 15.10 -5.51 21.96
N ASN C 310 15.77 -4.70 22.79
CA ASN C 310 17.16 -4.98 23.17
C ASN C 310 17.34 -4.73 24.67
N PRO C 311 17.33 -5.80 25.47
CA PRO C 311 17.49 -5.76 26.92
C PRO C 311 18.82 -5.18 27.39
N GLU C 312 19.77 -5.06 26.46
CA GLU C 312 21.08 -4.50 26.77
C GLU C 312 21.01 -2.99 26.88
N ILE C 313 19.94 -2.41 26.33
CA ILE C 313 19.72 -0.96 26.39
C ILE C 313 18.86 -0.65 27.63
N MET C 314 17.76 -1.39 27.78
CA MET C 314 16.84 -1.22 28.92
C MET C 314 15.92 -2.44 29.07
N GLU D 13 -41.71 -65.91 -28.68
CA GLU D 13 -41.13 -65.11 -29.81
C GLU D 13 -41.47 -63.63 -29.74
N LEU D 14 -42.10 -63.21 -28.64
CA LEU D 14 -42.43 -61.80 -28.42
C LEU D 14 -43.64 -61.17 -29.12
N PRO D 15 -44.30 -60.24 -28.43
CA PRO D 15 -45.47 -59.56 -28.97
C PRO D 15 -45.00 -58.67 -30.12
N VAL D 16 -45.80 -58.58 -31.18
CA VAL D 16 -45.43 -57.75 -32.32
C VAL D 16 -46.09 -56.39 -32.26
N ILE D 17 -45.29 -55.36 -32.54
CA ILE D 17 -45.78 -53.98 -32.51
C ILE D 17 -45.31 -53.17 -33.71
N ASP D 18 -46.22 -52.48 -34.37
CA ASP D 18 -45.84 -51.66 -35.50
C ASP D 18 -45.43 -50.31 -34.93
N ALA D 19 -44.17 -49.95 -35.15
CA ALA D 19 -43.65 -48.70 -34.64
C ALA D 19 -44.29 -47.46 -35.23
N VAL D 20 -44.46 -46.45 -34.37
CA VAL D 20 -45.02 -45.18 -34.78
C VAL D 20 -43.80 -44.27 -34.93
N THR D 21 -43.45 -43.96 -36.17
CA THR D 21 -42.30 -43.09 -36.43
C THR D 21 -42.84 -41.73 -36.85
N THR D 22 -42.29 -40.68 -36.28
CA THR D 22 -42.76 -39.35 -36.57
C THR D 22 -41.88 -38.44 -37.40
N HIS D 23 -42.50 -37.62 -38.23
CA HIS D 23 -41.71 -36.70 -39.02
C HIS D 23 -41.20 -35.65 -38.06
N ALA D 24 -40.15 -34.94 -38.42
CA ALA D 24 -39.61 -34.04 -37.40
C ALA D 24 -40.21 -32.65 -37.22
N PRO D 25 -40.28 -32.24 -35.95
CA PRO D 25 -40.36 -31.77 -34.56
C PRO D 25 -41.00 -32.80 -33.64
N GLU D 26 -41.89 -33.61 -34.21
CA GLU D 26 -42.64 -34.59 -33.43
C GLU D 26 -41.91 -35.85 -33.01
N VAL D 27 -42.24 -36.28 -31.80
CA VAL D 27 -41.64 -37.46 -31.16
C VAL D 27 -42.74 -38.50 -30.96
N PRO D 28 -42.41 -39.78 -31.11
CA PRO D 28 -43.41 -40.82 -30.92
C PRO D 28 -43.88 -40.85 -29.46
N PRO D 29 -45.05 -41.46 -29.22
CA PRO D 29 -45.60 -41.55 -27.86
C PRO D 29 -44.64 -42.27 -26.93
N ALA D 30 -44.62 -41.87 -25.65
CA ALA D 30 -43.74 -42.51 -24.69
C ALA D 30 -44.17 -43.98 -24.60
N ILE D 31 -43.21 -44.86 -24.39
CA ILE D 31 -43.47 -46.29 -24.28
C ILE D 31 -44.25 -46.64 -23.02
N ASP D 32 -45.50 -47.05 -23.20
CA ASP D 32 -46.34 -47.42 -22.07
C ASP D 32 -46.49 -48.94 -21.95
N ARG D 33 -45.36 -49.63 -21.95
CA ARG D 33 -45.32 -51.09 -21.81
C ARG D 33 -44.05 -51.45 -21.05
N ASP D 34 -44.10 -52.52 -20.27
CA ASP D 34 -42.94 -52.92 -19.51
C ASP D 34 -42.52 -54.35 -19.79
N TYR D 35 -42.54 -54.71 -21.07
CA TYR D 35 -42.12 -56.04 -21.53
C TYR D 35 -41.51 -55.89 -22.91
N PRO D 36 -40.58 -56.79 -23.26
CA PRO D 36 -39.91 -56.77 -24.55
C PRO D 36 -40.85 -57.08 -25.70
N ALA D 37 -40.57 -56.53 -26.86
CA ALA D 37 -41.41 -56.77 -28.03
C ALA D 37 -40.58 -56.68 -29.31
N LYS D 38 -41.16 -57.15 -30.40
CA LYS D 38 -40.52 -57.08 -31.70
C LYS D 38 -41.19 -55.90 -32.35
N VAL D 39 -40.46 -54.80 -32.50
CA VAL D 39 -41.01 -53.60 -33.09
C VAL D 39 -40.74 -53.52 -34.58
N ARG D 40 -41.80 -53.49 -35.37
CA ARG D 40 -41.68 -53.41 -36.83
C ARG D 40 -41.61 -51.97 -37.30
N VAL D 41 -40.56 -51.67 -38.05
CA VAL D 41 -40.36 -50.33 -38.58
C VAL D 41 -40.24 -50.42 -40.09
N LYS D 42 -40.93 -49.51 -40.78
CA LYS D 42 -40.85 -49.47 -42.23
C LYS D 42 -40.14 -48.19 -42.61
N MET D 43 -39.07 -48.32 -43.40
CA MET D 43 -38.31 -47.17 -43.83
C MET D 43 -38.14 -47.21 -45.34
N GLU D 44 -38.26 -46.04 -45.97
CA GLU D 44 -38.07 -45.96 -47.40
C GLU D 44 -37.10 -44.83 -47.69
N THR D 45 -36.16 -45.07 -48.61
CA THR D 45 -35.21 -44.03 -48.96
C THR D 45 -35.62 -43.46 -50.31
N VAL D 46 -35.87 -42.16 -50.35
CA VAL D 46 -36.26 -41.51 -51.58
C VAL D 46 -35.45 -40.25 -51.82
N GLU D 47 -35.05 -40.08 -53.07
CA GLU D 47 -34.27 -38.92 -53.48
C GLU D 47 -35.24 -37.89 -54.03
N LYS D 48 -35.15 -36.65 -53.55
CA LYS D 48 -36.07 -35.63 -54.00
C LYS D 48 -35.51 -34.22 -53.86
N THR D 49 -35.94 -33.33 -54.76
CA THR D 49 -35.50 -31.96 -54.73
C THR D 49 -36.43 -31.17 -53.84
N MET D 50 -35.85 -30.38 -52.95
CA MET D 50 -36.64 -29.56 -52.04
C MET D 50 -35.96 -28.23 -51.86
N LYS D 51 -36.66 -27.35 -51.16
CA LYS D 51 -36.16 -26.01 -50.91
C LYS D 51 -35.25 -26.00 -49.67
N MET D 52 -34.03 -25.49 -49.84
CA MET D 52 -33.07 -25.40 -48.74
C MET D 52 -33.33 -24.07 -48.05
N ASP D 53 -33.53 -23.05 -48.88
CA ASP D 53 -33.78 -21.70 -48.43
C ASP D 53 -34.65 -21.08 -49.51
N ASP D 54 -35.04 -19.81 -49.33
CA ASP D 54 -35.88 -19.15 -50.31
C ASP D 54 -35.17 -19.12 -51.66
N GLY D 55 -35.78 -19.66 -52.68
CA GLY D 55 -35.14 -19.65 -53.99
C GLY D 55 -33.94 -20.60 -54.10
N VAL D 56 -33.64 -21.36 -53.10
CA VAL D 56 -32.51 -22.29 -53.18
C VAL D 56 -33.02 -23.72 -53.11
N GLU D 57 -32.68 -24.52 -54.10
CA GLU D 57 -33.11 -25.92 -54.13
C GLU D 57 -31.91 -26.83 -53.96
N TYR D 58 -32.16 -28.01 -53.42
CA TYR D 58 -31.10 -28.97 -53.18
C TYR D 58 -31.64 -30.37 -53.44
N ARG D 59 -30.80 -31.24 -53.97
CA ARG D 59 -31.22 -32.61 -54.23
C ARG D 59 -30.95 -33.44 -52.99
N TYR D 60 -31.93 -33.54 -52.10
CA TYR D 60 -31.77 -34.33 -50.88
C TYR D 60 -31.93 -35.82 -51.09
N TRP D 61 -31.22 -36.60 -50.27
CA TRP D 61 -31.33 -38.05 -50.28
C TRP D 61 -31.92 -38.25 -48.89
N THR D 62 -33.13 -38.77 -48.83
CA THR D 62 -33.82 -38.89 -47.56
C THR D 62 -34.31 -40.24 -47.09
N PHE D 63 -34.63 -40.27 -45.80
CA PHE D 63 -35.22 -41.42 -45.15
C PHE D 63 -36.66 -40.96 -45.02
N ASP D 64 -37.54 -41.55 -45.80
CA ASP D 64 -38.97 -41.22 -45.77
C ASP D 64 -39.46 -39.83 -46.19
N GLY D 65 -38.79 -39.21 -47.16
CA GLY D 65 -39.26 -37.93 -47.65
C GLY D 65 -38.76 -36.60 -47.14
N ASP D 66 -38.00 -36.61 -46.05
CA ASP D 66 -37.50 -35.34 -45.54
C ASP D 66 -36.27 -35.57 -44.71
N VAL D 67 -35.71 -34.48 -44.21
CA VAL D 67 -34.53 -34.50 -43.36
C VAL D 67 -34.95 -33.85 -42.05
N PRO D 68 -34.75 -34.54 -40.91
CA PRO D 68 -34.14 -35.87 -40.81
C PRO D 68 -35.16 -36.97 -41.07
N GLY D 69 -34.75 -38.23 -40.93
CA GLY D 69 -35.67 -39.31 -41.13
C GLY D 69 -36.67 -39.31 -40.00
N ARG D 70 -37.62 -40.23 -40.05
CA ARG D 70 -38.62 -40.31 -38.99
C ARG D 70 -37.99 -40.85 -37.73
N MET D 71 -38.39 -40.31 -36.60
CA MET D 71 -37.86 -40.75 -35.33
C MET D 71 -38.49 -42.06 -34.91
N ILE D 72 -37.65 -42.99 -34.45
CA ILE D 72 -38.08 -44.31 -33.97
C ILE D 72 -37.93 -44.28 -32.47
N ARG D 73 -38.88 -44.90 -31.77
CA ARG D 73 -38.81 -44.94 -30.32
C ARG D 73 -39.12 -46.36 -29.86
N VAL D 74 -38.15 -46.98 -29.20
CA VAL D 74 -38.32 -48.35 -28.72
C VAL D 74 -37.84 -48.47 -27.27
N ARG D 75 -38.04 -49.65 -26.69
CA ARG D 75 -37.63 -49.89 -25.33
C ARG D 75 -36.38 -50.77 -25.27
N GLU D 76 -35.53 -50.50 -24.30
CA GLU D 76 -34.31 -51.26 -24.09
C GLU D 76 -34.70 -52.75 -24.04
N GLY D 77 -34.07 -53.57 -24.87
CA GLY D 77 -34.39 -54.99 -24.86
C GLY D 77 -35.28 -55.43 -26.01
N ASP D 78 -35.82 -54.47 -26.73
CA ASP D 78 -36.69 -54.77 -27.87
C ASP D 78 -35.91 -55.31 -29.04
N THR D 79 -36.61 -55.98 -29.95
CA THR D 79 -36.00 -56.47 -31.17
C THR D 79 -36.63 -55.57 -32.21
N VAL D 80 -35.79 -54.84 -32.94
CA VAL D 80 -36.29 -53.93 -33.96
C VAL D 80 -36.20 -54.59 -35.32
N GLU D 81 -37.34 -54.80 -35.96
CA GLU D 81 -37.35 -55.42 -37.28
C GLU D 81 -37.60 -54.33 -38.31
N VAL D 82 -36.61 -54.11 -39.17
CA VAL D 82 -36.70 -53.08 -40.18
C VAL D 82 -36.95 -53.58 -41.59
N GLU D 83 -37.99 -53.04 -42.20
CA GLU D 83 -38.31 -53.36 -43.59
C GLU D 83 -37.79 -52.11 -44.30
N PHE D 84 -36.63 -52.27 -44.94
CA PHE D 84 -35.94 -51.19 -45.61
C PHE D 84 -36.16 -51.22 -47.13
N SER D 85 -36.81 -50.20 -47.66
CA SER D 85 -37.07 -50.13 -49.11
C SER D 85 -36.42 -48.95 -49.80
N ASN D 86 -35.78 -49.21 -50.92
CA ASN D 86 -35.15 -48.13 -51.69
C ASN D 86 -36.10 -47.83 -52.84
N ASN D 87 -36.60 -46.59 -52.86
CA ASN D 87 -37.54 -46.19 -53.91
C ASN D 87 -37.05 -46.50 -55.32
N PRO D 88 -37.95 -46.96 -56.21
CA PRO D 88 -37.65 -47.30 -57.59
C PRO D 88 -36.96 -46.19 -58.39
N SER D 89 -37.17 -44.95 -57.98
CA SER D 89 -36.57 -43.82 -58.69
C SER D 89 -35.20 -43.39 -58.19
N SER D 90 -34.70 -44.03 -57.14
CA SER D 90 -33.40 -43.68 -56.61
C SER D 90 -32.33 -43.99 -57.64
N THR D 91 -31.25 -43.24 -57.61
CA THR D 91 -30.15 -43.43 -58.55
C THR D 91 -29.02 -44.27 -58.00
N VAL D 92 -28.98 -44.45 -56.68
CA VAL D 92 -27.93 -45.24 -56.06
C VAL D 92 -28.47 -46.12 -54.95
N PRO D 93 -27.66 -47.08 -54.49
CA PRO D 93 -28.12 -47.96 -53.41
C PRO D 93 -28.14 -47.13 -52.14
N HIS D 94 -28.82 -47.63 -51.11
CA HIS D 94 -28.89 -46.97 -49.82
C HIS D 94 -29.06 -48.05 -48.76
N ASN D 95 -28.54 -47.78 -47.57
CA ASN D 95 -28.68 -48.72 -46.48
C ASN D 95 -28.80 -47.90 -45.20
N VAL D 96 -28.70 -48.55 -44.06
CA VAL D 96 -28.81 -47.83 -42.82
C VAL D 96 -27.90 -48.39 -41.75
N ASP D 97 -27.23 -47.49 -41.06
CA ASP D 97 -26.32 -47.84 -39.97
C ASP D 97 -26.96 -47.24 -38.73
N PHE D 98 -27.41 -48.09 -37.82
CA PHE D 98 -28.03 -47.61 -36.60
C PHE D 98 -26.97 -47.59 -35.50
N HIS D 99 -26.72 -46.44 -34.91
CA HIS D 99 -25.74 -46.38 -33.84
C HIS D 99 -26.28 -47.14 -32.64
N ALA D 100 -27.58 -47.44 -32.66
CA ALA D 100 -28.21 -48.17 -31.57
C ALA D 100 -28.03 -49.67 -31.72
N ALA D 101 -27.62 -50.11 -32.91
CA ALA D 101 -27.43 -51.53 -33.17
C ALA D 101 -26.00 -52.02 -32.94
N THR D 102 -25.87 -53.23 -32.43
CA THR D 102 -24.59 -53.84 -32.18
C THR D 102 -24.34 -54.91 -33.22
N GLY D 103 -23.29 -54.74 -34.01
CA GLY D 103 -22.99 -55.71 -35.05
C GLY D 103 -22.60 -55.05 -36.36
N GLN D 104 -22.04 -55.84 -37.26
CA GLN D 104 -21.58 -55.37 -38.56
C GLN D 104 -22.22 -54.10 -39.10
N GLY D 105 -21.42 -53.05 -39.16
CA GLY D 105 -21.86 -51.76 -39.68
C GLY D 105 -23.18 -51.24 -39.15
N GLY D 106 -23.58 -51.69 -37.96
CA GLY D 106 -24.83 -51.25 -37.39
C GLY D 106 -26.02 -51.57 -38.29
N GLY D 107 -25.88 -52.62 -39.09
CA GLY D 107 -26.95 -53.03 -39.98
C GLY D 107 -26.77 -52.62 -41.44
N ALA D 108 -25.66 -51.95 -41.72
CA ALA D 108 -25.35 -51.48 -43.06
C ALA D 108 -25.24 -52.58 -44.13
N ALA D 109 -24.56 -53.68 -43.79
CA ALA D 109 -24.41 -54.78 -44.73
C ALA D 109 -25.75 -55.44 -45.04
N ALA D 110 -26.53 -55.66 -43.99
CA ALA D 110 -27.84 -56.32 -44.12
C ALA D 110 -28.90 -55.45 -44.81
N THR D 111 -28.70 -54.13 -44.83
CA THR D 111 -29.70 -53.25 -45.44
C THR D 111 -29.30 -52.64 -46.77
N PHE D 112 -28.18 -53.10 -47.33
CA PHE D 112 -27.71 -52.59 -48.62
C PHE D 112 -28.81 -52.90 -49.64
N THR D 113 -29.49 -51.86 -50.12
CA THR D 113 -30.60 -52.05 -51.05
C THR D 113 -30.54 -51.23 -52.35
N ALA D 114 -30.58 -51.91 -53.48
CA ALA D 114 -30.55 -51.25 -54.77
C ALA D 114 -31.93 -50.63 -55.02
N PRO D 115 -32.02 -49.68 -55.96
CA PRO D 115 -33.31 -49.04 -56.24
C PRO D 115 -34.40 -50.06 -56.58
N GLY D 116 -35.61 -49.80 -56.11
CA GLY D 116 -36.73 -50.71 -56.38
C GLY D 116 -36.72 -52.02 -55.62
N ARG D 117 -35.74 -52.19 -54.74
CA ARG D 117 -35.63 -53.43 -53.96
C ARG D 117 -35.97 -53.17 -52.48
N THR D 118 -36.24 -54.24 -51.75
CA THR D 118 -36.54 -54.13 -50.33
C THR D 118 -35.68 -55.09 -49.52
N SER D 119 -35.17 -54.63 -48.40
CA SER D 119 -34.34 -55.47 -47.54
C SER D 119 -35.02 -55.60 -46.19
N THR D 120 -34.75 -56.68 -45.49
CA THR D 120 -35.32 -56.88 -44.16
C THR D 120 -34.25 -57.43 -43.22
N PHE D 121 -34.19 -56.85 -42.03
CA PHE D 121 -33.22 -57.29 -41.05
C PHE D 121 -33.64 -56.82 -39.67
N SER D 122 -33.15 -57.49 -38.64
CA SER D 122 -33.51 -57.10 -37.28
C SER D 122 -32.31 -57.09 -36.37
N PHE D 123 -32.42 -56.28 -35.31
CA PHE D 123 -31.36 -56.15 -34.33
C PHE D 123 -32.00 -55.94 -32.96
N LYS D 124 -31.26 -56.27 -31.91
CA LYS D 124 -31.79 -56.10 -30.55
C LYS D 124 -31.22 -54.83 -29.94
N ALA D 125 -32.10 -53.90 -29.55
CA ALA D 125 -31.69 -52.64 -28.94
C ALA D 125 -31.20 -52.94 -27.53
N LEU D 126 -29.91 -53.28 -27.43
CA LEU D 126 -29.31 -53.64 -26.15
C LEU D 126 -29.11 -52.53 -25.15
N GLN D 127 -28.81 -51.32 -25.62
CA GLN D 127 -28.53 -50.22 -24.72
C GLN D 127 -29.41 -49.00 -24.87
N PRO D 128 -29.85 -48.43 -23.74
CA PRO D 128 -30.70 -47.23 -23.78
C PRO D 128 -29.88 -46.03 -24.27
N GLY D 129 -30.57 -45.02 -24.78
CA GLY D 129 -29.87 -43.84 -25.27
C GLY D 129 -30.54 -43.22 -26.47
N LEU D 130 -30.00 -42.10 -26.95
CA LEU D 130 -30.54 -41.41 -28.12
C LEU D 130 -29.50 -41.59 -29.21
N TYR D 131 -29.83 -42.43 -30.17
CA TYR D 131 -28.90 -42.73 -31.25
C TYR D 131 -29.20 -42.20 -32.64
N ILE D 132 -28.13 -41.86 -33.35
CA ILE D 132 -28.25 -41.39 -34.71
C ILE D 132 -28.20 -42.61 -35.61
N TYR D 133 -28.92 -42.55 -36.72
CA TYR D 133 -28.87 -43.61 -37.70
C TYR D 133 -28.67 -42.86 -39.00
N HIS D 134 -27.83 -43.38 -39.88
CA HIS D 134 -27.55 -42.73 -41.13
C HIS D 134 -27.16 -43.72 -42.21
N CYS D 135 -27.17 -43.27 -43.46
CA CYS D 135 -26.81 -44.11 -44.58
C CYS D 135 -25.30 -44.32 -44.55
N ALA D 136 -24.86 -45.53 -44.92
CA ALA D 136 -23.44 -45.86 -44.91
C ALA D 136 -22.95 -46.47 -46.23
N VAL D 137 -23.54 -46.04 -47.34
CA VAL D 137 -23.15 -46.54 -48.66
C VAL D 137 -22.03 -45.63 -49.16
N ALA D 138 -21.00 -46.20 -49.78
CA ALA D 138 -19.88 -45.42 -50.28
C ALA D 138 -20.29 -44.52 -51.46
N PRO D 139 -19.87 -43.25 -51.46
CA PRO D 139 -19.05 -42.61 -50.42
C PRO D 139 -19.90 -42.17 -49.23
N VAL D 140 -19.59 -42.72 -48.06
CA VAL D 140 -20.33 -42.46 -46.83
C VAL D 140 -20.61 -40.99 -46.52
N GLY D 141 -19.59 -40.15 -46.60
CA GLY D 141 -19.79 -38.74 -46.32
C GLY D 141 -20.83 -38.08 -47.20
N MET D 142 -20.89 -38.48 -48.47
CA MET D 142 -21.86 -37.91 -49.40
C MET D 142 -23.27 -38.31 -49.05
N HIS D 143 -23.48 -39.57 -48.68
CA HIS D 143 -24.83 -40.02 -48.32
C HIS D 143 -25.28 -39.29 -47.06
N ILE D 144 -24.38 -39.04 -46.12
CA ILE D 144 -24.76 -38.32 -44.90
C ILE D 144 -25.01 -36.86 -45.22
N ALA D 145 -24.09 -36.25 -45.95
CA ALA D 145 -24.22 -34.84 -46.32
C ALA D 145 -25.51 -34.51 -47.07
N ASN D 146 -26.00 -35.44 -47.89
CA ASN D 146 -27.22 -35.17 -48.63
C ASN D 146 -28.48 -35.29 -47.77
N GLY D 147 -28.30 -35.55 -46.48
CA GLY D 147 -29.44 -35.63 -45.57
C GLY D 147 -29.91 -36.97 -45.02
N MET D 148 -29.16 -38.04 -45.26
CA MET D 148 -29.59 -39.35 -44.78
C MET D 148 -29.22 -39.68 -43.33
N TYR D 149 -29.98 -39.12 -42.39
CA TYR D 149 -29.77 -39.37 -40.98
C TYR D 149 -31.04 -39.10 -40.19
N GLY D 150 -31.11 -39.68 -39.00
CA GLY D 150 -32.27 -39.51 -38.15
C GLY D 150 -31.91 -40.02 -36.76
N LEU D 151 -32.89 -40.05 -35.88
CA LEU D 151 -32.65 -40.51 -34.52
C LEU D 151 -33.53 -41.65 -34.09
N ILE D 152 -32.94 -42.58 -33.36
CA ILE D 152 -33.70 -43.67 -32.79
C ILE D 152 -33.49 -43.57 -31.29
N LEU D 153 -34.59 -43.38 -30.58
CA LEU D 153 -34.53 -43.27 -29.12
C LEU D 153 -34.80 -44.64 -28.54
N VAL D 154 -33.85 -45.15 -27.75
CA VAL D 154 -34.00 -46.43 -27.10
C VAL D 154 -34.20 -46.12 -25.62
N GLU D 155 -35.46 -46.07 -25.19
CA GLU D 155 -35.80 -45.79 -23.79
C GLU D 155 -35.27 -46.83 -22.82
N PRO D 156 -34.99 -46.41 -21.57
CA PRO D 156 -34.48 -47.31 -20.54
C PRO D 156 -35.64 -48.22 -20.15
N LYS D 157 -35.35 -49.38 -19.55
CA LYS D 157 -36.40 -50.30 -19.13
C LYS D 157 -37.49 -49.54 -18.40
N GLU D 158 -37.09 -48.73 -17.41
CA GLU D 158 -38.02 -47.97 -16.59
C GLU D 158 -38.63 -46.75 -17.28
N GLY D 159 -38.17 -46.44 -18.48
CA GLY D 159 -38.69 -45.30 -19.20
C GLY D 159 -38.11 -43.97 -18.72
N LEU D 160 -38.40 -42.89 -19.45
CA LEU D 160 -37.91 -41.58 -19.08
C LEU D 160 -39.03 -40.81 -18.36
N PRO D 161 -38.66 -39.85 -17.49
CA PRO D 161 -39.63 -39.06 -16.75
C PRO D 161 -40.65 -38.39 -17.68
N LYS D 162 -41.90 -38.31 -17.26
CA LYS D 162 -42.92 -37.67 -18.08
C LYS D 162 -42.54 -36.20 -18.23
N VAL D 163 -42.87 -35.63 -19.38
CA VAL D 163 -42.59 -34.24 -19.67
C VAL D 163 -43.79 -33.72 -20.43
N ASP D 164 -43.98 -32.40 -20.44
CA ASP D 164 -45.13 -31.84 -21.14
C ASP D 164 -44.96 -31.86 -22.64
N LYS D 165 -43.81 -31.41 -23.14
CA LYS D 165 -43.60 -31.39 -24.56
C LYS D 165 -42.25 -31.97 -24.98
N GLU D 166 -42.26 -32.69 -26.10
CA GLU D 166 -41.05 -33.30 -26.63
C GLU D 166 -40.84 -32.91 -28.08
N PHE D 167 -39.60 -32.54 -28.42
CA PHE D 167 -39.30 -32.13 -29.79
C PHE D 167 -38.11 -32.91 -30.36
N TYR D 168 -38.18 -33.17 -31.66
CA TYR D 168 -37.18 -33.88 -32.44
C TYR D 168 -36.42 -32.86 -33.28
N ILE D 169 -35.16 -32.64 -32.92
CA ILE D 169 -34.31 -31.66 -33.61
C ILE D 169 -32.98 -32.29 -34.00
N VAL D 170 -32.60 -32.17 -35.28
CA VAL D 170 -31.32 -32.70 -35.73
C VAL D 170 -30.58 -31.66 -36.55
N GLN D 171 -29.36 -31.35 -36.15
CA GLN D 171 -28.57 -30.35 -36.87
C GLN D 171 -27.73 -31.05 -37.93
N GLY D 172 -27.40 -30.32 -38.99
CA GLY D 172 -26.60 -30.88 -40.06
C GLY D 172 -25.95 -29.79 -40.88
N ASP D 173 -24.74 -30.02 -41.36
CA ASP D 173 -24.05 -29.04 -42.18
C ASP D 173 -24.14 -29.45 -43.65
N PHE D 174 -24.48 -28.49 -44.50
CA PHE D 174 -24.62 -28.77 -45.94
C PHE D 174 -23.61 -28.04 -46.80
N TYR D 175 -23.13 -28.76 -47.81
CA TYR D 175 -22.13 -28.23 -48.71
C TYR D 175 -22.67 -28.02 -50.12
N THR D 176 -22.81 -26.73 -50.43
CA THR D 176 -23.36 -26.27 -51.68
C THR D 176 -22.27 -25.67 -52.57
N LYS D 177 -22.33 -25.95 -53.88
CA LYS D 177 -21.34 -25.42 -54.79
C LYS D 177 -21.35 -23.90 -54.72
N GLY D 178 -22.54 -23.31 -54.84
CA GLY D 178 -22.65 -21.86 -54.75
C GLY D 178 -22.62 -21.48 -53.29
N LYS D 179 -22.42 -20.20 -52.99
CA LYS D 179 -22.40 -19.84 -51.59
C LYS D 179 -23.82 -19.57 -51.11
N LYS D 180 -23.99 -19.60 -49.80
CA LYS D 180 -25.30 -19.38 -49.18
C LYS D 180 -26.02 -18.24 -49.89
N GLY D 181 -27.24 -18.50 -50.35
CA GLY D 181 -28.00 -17.46 -51.03
C GLY D 181 -28.09 -17.61 -52.54
N ALA D 182 -27.06 -18.17 -53.16
CA ALA D 182 -27.06 -18.36 -54.60
C ALA D 182 -28.34 -19.13 -54.97
N GLN D 183 -29.15 -18.53 -55.84
CA GLN D 183 -30.42 -19.12 -56.26
C GLN D 183 -30.27 -20.35 -57.15
N GLY D 184 -31.36 -21.12 -57.23
CA GLY D 184 -31.36 -22.30 -58.07
C GLY D 184 -31.02 -23.61 -57.39
N LEU D 185 -30.98 -24.67 -58.19
CA LEU D 185 -30.63 -25.99 -57.70
C LEU D 185 -29.14 -26.00 -57.43
N GLN D 186 -28.77 -26.15 -56.17
CA GLN D 186 -27.35 -26.18 -55.80
C GLN D 186 -26.83 -27.59 -55.62
N PRO D 187 -25.78 -27.97 -56.37
CA PRO D 187 -25.18 -29.30 -56.30
C PRO D 187 -24.33 -29.48 -55.04
N PHE D 188 -24.09 -30.74 -54.68
CA PHE D 188 -23.27 -31.05 -53.52
C PHE D 188 -21.83 -30.68 -53.90
N ASP D 189 -21.08 -30.09 -52.97
CA ASP D 189 -19.70 -29.70 -53.25
C ASP D 189 -18.73 -30.51 -52.40
N MET D 190 -18.13 -31.52 -53.04
CA MET D 190 -17.17 -32.41 -52.38
C MET D 190 -15.98 -31.68 -51.74
N ASP D 191 -15.46 -30.66 -52.41
CA ASP D 191 -14.30 -29.94 -51.87
C ASP D 191 -14.58 -29.18 -50.58
N LYS D 192 -15.74 -28.54 -50.49
CA LYS D 192 -16.07 -27.81 -49.27
C LYS D 192 -16.32 -28.81 -48.15
N ALA D 193 -16.92 -29.95 -48.50
CA ALA D 193 -17.19 -30.98 -47.51
C ALA D 193 -15.88 -31.44 -46.89
N VAL D 194 -14.94 -31.84 -47.72
CA VAL D 194 -13.64 -32.31 -47.23
C VAL D 194 -12.92 -31.25 -46.41
N ALA D 195 -13.12 -29.98 -46.75
CA ALA D 195 -12.46 -28.90 -46.01
C ALA D 195 -13.28 -28.46 -44.79
N GLU D 196 -14.46 -29.04 -44.64
CA GLU D 196 -15.33 -28.71 -43.51
C GLU D 196 -15.79 -27.24 -43.51
N GLN D 197 -16.15 -26.74 -44.69
CA GLN D 197 -16.61 -25.38 -44.86
C GLN D 197 -18.01 -25.40 -45.45
N PRO D 198 -19.03 -25.62 -44.60
CA PRO D 198 -20.41 -25.66 -45.08
C PRO D 198 -20.97 -24.29 -45.41
N GLU D 199 -21.97 -24.25 -46.28
CA GLU D 199 -22.62 -23.01 -46.64
C GLU D 199 -23.88 -22.87 -45.80
N TYR D 200 -24.49 -24.02 -45.49
CA TYR D 200 -25.68 -24.05 -44.67
C TYR D 200 -25.52 -24.99 -43.49
N VAL D 201 -25.92 -24.52 -42.31
CA VAL D 201 -25.88 -25.32 -41.10
C VAL D 201 -27.31 -25.12 -40.61
N VAL D 202 -28.12 -26.17 -40.68
CA VAL D 202 -29.51 -26.04 -40.30
C VAL D 202 -30.05 -27.09 -39.34
N PHE D 203 -31.24 -26.80 -38.80
CA PHE D 203 -31.92 -27.72 -37.91
C PHE D 203 -33.02 -28.29 -38.78
N ASN D 204 -33.15 -29.61 -38.78
CA ASN D 204 -34.18 -30.28 -39.58
C ASN D 204 -34.22 -29.98 -41.08
N GLY D 205 -33.06 -30.16 -41.71
CA GLY D 205 -32.90 -30.01 -43.15
C GLY D 205 -33.07 -28.76 -43.99
N HIS D 206 -33.70 -27.73 -43.47
CA HIS D 206 -33.89 -26.52 -44.26
C HIS D 206 -33.78 -25.27 -43.39
N VAL D 207 -33.48 -24.15 -44.05
CA VAL D 207 -33.40 -22.90 -43.33
C VAL D 207 -34.85 -22.59 -42.98
N GLY D 208 -35.11 -22.25 -41.72
CA GLY D 208 -36.46 -21.93 -41.31
C GLY D 208 -37.39 -23.11 -41.03
N ALA D 209 -36.89 -24.34 -41.11
CA ALA D 209 -37.72 -25.51 -40.85
C ALA D 209 -38.41 -25.48 -39.48
N LEU D 210 -37.78 -24.80 -38.53
CA LEU D 210 -38.30 -24.66 -37.17
C LEU D 210 -38.47 -23.22 -36.77
N THR D 211 -38.81 -22.36 -37.73
CA THR D 211 -38.96 -20.95 -37.42
C THR D 211 -40.20 -20.38 -38.10
N GLY D 212 -40.56 -19.17 -37.71
CA GLY D 212 -41.72 -18.51 -38.28
C GLY D 212 -42.96 -19.35 -38.08
N ASP D 213 -43.68 -19.61 -39.17
CA ASP D 213 -44.89 -20.40 -39.10
C ASP D 213 -44.59 -21.83 -38.66
N ASN D 214 -43.33 -22.21 -38.72
CA ASN D 214 -42.93 -23.56 -38.33
C ASN D 214 -42.31 -23.66 -36.95
N ALA D 215 -42.35 -22.55 -36.21
CA ALA D 215 -41.78 -22.50 -34.88
C ALA D 215 -42.43 -23.53 -33.95
N LEU D 216 -41.66 -24.08 -33.03
CA LEU D 216 -42.16 -25.04 -32.09
C LEU D 216 -43.04 -24.26 -31.13
N LYS D 217 -43.99 -24.92 -30.47
CA LYS D 217 -44.88 -24.21 -29.55
C LYS D 217 -45.05 -24.92 -28.21
N ALA D 218 -45.11 -24.11 -27.15
CA ALA D 218 -45.30 -24.63 -25.80
C ALA D 218 -46.02 -23.55 -25.01
N LYS D 219 -46.53 -23.92 -23.84
CA LYS D 219 -47.23 -22.96 -23.00
C LYS D 219 -46.41 -22.73 -21.74
N ALA D 220 -46.47 -21.51 -21.21
CA ALA D 220 -45.71 -21.16 -20.01
C ALA D 220 -45.99 -22.17 -18.89
N GLY D 221 -44.93 -22.59 -18.20
CA GLY D 221 -45.08 -23.53 -17.12
C GLY D 221 -44.78 -24.97 -17.53
N GLU D 222 -44.75 -25.24 -18.83
CA GLU D 222 -44.49 -26.60 -19.30
C GLU D 222 -43.00 -26.97 -19.24
N THR D 223 -42.75 -28.25 -19.02
CA THR D 223 -41.39 -28.77 -18.99
C THR D 223 -41.17 -29.30 -20.40
N VAL D 224 -40.07 -28.89 -21.02
CA VAL D 224 -39.76 -29.27 -22.39
C VAL D 224 -38.53 -30.15 -22.53
N ARG D 225 -38.66 -31.22 -23.31
CA ARG D 225 -37.51 -32.12 -23.55
C ARG D 225 -37.18 -32.10 -25.03
N MET D 226 -35.93 -31.84 -25.35
CA MET D 226 -35.52 -31.84 -26.75
C MET D 226 -34.53 -32.95 -27.04
N TYR D 227 -34.85 -33.79 -28.01
CA TYR D 227 -33.95 -34.86 -28.41
C TYR D 227 -33.14 -34.23 -29.52
N VAL D 228 -31.90 -33.86 -29.21
CA VAL D 228 -31.05 -33.19 -30.19
C VAL D 228 -30.01 -34.08 -30.83
N GLY D 229 -30.12 -34.26 -32.14
CA GLY D 229 -29.15 -35.06 -32.86
C GLY D 229 -28.28 -34.19 -33.73
N ASN D 230 -27.08 -34.66 -34.02
CA ASN D 230 -26.17 -33.91 -34.88
C ASN D 230 -25.68 -34.87 -35.96
N GLY D 231 -26.35 -34.85 -37.10
CA GLY D 231 -25.98 -35.73 -38.19
C GLY D 231 -24.65 -35.41 -38.85
N GLY D 232 -24.18 -34.19 -38.63
CA GLY D 232 -22.93 -33.80 -39.25
C GLY D 232 -23.20 -33.42 -40.68
N PRO D 233 -22.39 -33.89 -41.63
CA PRO D 233 -21.21 -34.76 -41.50
C PRO D 233 -20.06 -34.35 -40.60
N ASN D 234 -19.70 -33.07 -40.66
CA ASN D 234 -18.53 -32.61 -39.93
C ASN D 234 -18.59 -31.71 -38.70
N LEU D 235 -19.57 -30.83 -38.61
CA LEU D 235 -19.62 -29.94 -37.47
C LEU D 235 -20.06 -30.45 -36.12
N VAL D 236 -19.51 -29.81 -35.09
CA VAL D 236 -19.81 -30.09 -33.69
C VAL D 236 -20.61 -28.89 -33.23
N SER D 237 -21.78 -29.14 -32.63
CA SER D 237 -22.63 -28.04 -32.20
C SER D 237 -22.49 -27.62 -30.74
N SER D 238 -22.53 -26.32 -30.52
CA SER D 238 -22.50 -25.75 -29.18
C SER D 238 -23.96 -25.37 -29.00
N PHE D 239 -24.81 -26.38 -28.80
CA PHE D 239 -26.24 -26.16 -28.66
C PHE D 239 -26.65 -25.25 -27.50
N HIS D 240 -27.55 -24.31 -27.79
CA HIS D 240 -28.01 -23.34 -26.81
C HIS D 240 -29.39 -22.82 -27.18
N VAL D 241 -30.16 -22.42 -26.17
CA VAL D 241 -31.48 -21.86 -26.40
C VAL D 241 -31.48 -20.47 -25.80
N ILE D 242 -31.55 -19.46 -26.66
CA ILE D 242 -31.53 -18.07 -26.20
C ILE D 242 -32.71 -17.79 -25.29
N GLY D 243 -32.40 -17.33 -24.08
CA GLY D 243 -33.43 -17.01 -23.12
C GLY D 243 -33.74 -18.11 -22.14
N GLU D 244 -33.02 -19.23 -22.23
CA GLU D 244 -33.28 -20.34 -21.32
C GLU D 244 -32.00 -21.03 -20.86
N ILE D 245 -32.13 -21.86 -19.85
CA ILE D 245 -30.99 -22.61 -19.29
C ILE D 245 -31.39 -24.06 -19.21
N PHE D 246 -30.46 -24.96 -19.53
CA PHE D 246 -30.75 -26.38 -19.47
C PHE D 246 -30.77 -26.89 -18.05
N ASP D 247 -31.94 -27.33 -17.59
CA ASP D 247 -32.07 -27.87 -16.24
C ASP D 247 -31.33 -29.18 -16.21
N LYS D 248 -31.55 -30.00 -17.24
CA LYS D 248 -30.88 -31.28 -17.34
C LYS D 248 -30.30 -31.48 -18.73
N VAL D 249 -29.15 -32.14 -18.76
CA VAL D 249 -28.44 -32.44 -20.00
C VAL D 249 -27.91 -33.86 -19.89
N TYR D 250 -28.39 -34.77 -20.75
CA TYR D 250 -27.87 -36.12 -20.76
C TYR D 250 -26.62 -35.96 -21.61
N VAL D 251 -25.48 -35.86 -20.95
CA VAL D 251 -24.20 -35.66 -21.64
C VAL D 251 -23.92 -36.61 -22.79
N GLU D 252 -23.77 -36.03 -23.98
CA GLU D 252 -23.51 -36.76 -25.21
C GLU D 252 -24.52 -37.87 -25.48
N GLY D 253 -25.72 -37.70 -24.94
CA GLY D 253 -26.78 -38.68 -25.14
C GLY D 253 -26.70 -39.91 -24.25
N GLY D 254 -25.74 -39.93 -23.32
CA GLY D 254 -25.59 -41.07 -22.43
C GLY D 254 -26.38 -40.97 -21.14
N LYS D 255 -26.03 -41.82 -20.18
CA LYS D 255 -26.71 -41.89 -18.87
C LYS D 255 -26.38 -40.73 -17.95
N LEU D 256 -25.18 -40.19 -18.08
CA LEU D 256 -24.72 -39.08 -17.26
C LEU D 256 -25.57 -37.82 -17.44
N ILE D 257 -25.94 -37.21 -16.32
CA ILE D 257 -26.78 -36.03 -16.36
C ILE D 257 -26.12 -34.81 -15.74
N ASN D 258 -26.09 -33.72 -16.50
CA ASN D 258 -25.51 -32.47 -16.02
C ASN D 258 -26.66 -31.51 -15.78
N GLU D 259 -26.42 -30.46 -15.02
CA GLU D 259 -27.48 -29.50 -14.71
C GLU D 259 -27.02 -28.05 -14.77
N ASN D 260 -27.94 -27.16 -15.13
CA ASN D 260 -27.65 -25.74 -15.21
C ASN D 260 -26.55 -25.47 -16.24
N VAL D 261 -26.78 -25.90 -17.46
CA VAL D 261 -25.84 -25.71 -18.53
C VAL D 261 -26.44 -24.76 -19.57
N GLN D 262 -25.70 -23.72 -19.94
CA GLN D 262 -26.19 -22.75 -20.91
C GLN D 262 -25.99 -23.23 -22.33
N SER D 263 -24.94 -24.01 -22.54
CA SER D 263 -24.61 -24.47 -23.88
C SER D 263 -23.81 -25.78 -23.83
N THR D 264 -24.28 -26.81 -24.54
CA THR D 264 -23.59 -28.11 -24.58
C THR D 264 -23.07 -28.49 -25.95
N ILE D 265 -22.02 -29.31 -25.94
CA ILE D 265 -21.43 -29.81 -27.18
C ILE D 265 -22.23 -31.03 -27.64
N VAL D 266 -22.61 -31.06 -28.92
CA VAL D 266 -23.30 -32.22 -29.46
C VAL D 266 -22.33 -32.70 -30.53
N PRO D 267 -21.67 -33.85 -30.29
CA PRO D 267 -20.69 -34.43 -31.21
C PRO D 267 -21.25 -34.76 -32.59
N ALA D 268 -20.39 -34.79 -33.59
CA ALA D 268 -20.82 -35.13 -34.94
C ALA D 268 -21.25 -36.59 -34.82
N GLY D 269 -22.37 -36.93 -35.46
CA GLY D 269 -22.86 -38.29 -35.36
C GLY D 269 -23.22 -38.62 -33.93
N GLY D 270 -23.38 -37.58 -33.12
CA GLY D 270 -23.74 -37.78 -31.73
C GLY D 270 -25.04 -37.11 -31.34
N SER D 271 -25.32 -37.06 -30.04
CA SER D 271 -26.56 -36.45 -29.60
C SER D 271 -26.50 -35.92 -28.18
N ALA D 272 -27.61 -35.37 -27.75
CA ALA D 272 -27.78 -34.84 -26.42
C ALA D 272 -29.26 -34.74 -26.15
N ILE D 273 -29.64 -34.80 -24.88
CA ILE D 273 -31.04 -34.67 -24.49
C ILE D 273 -31.01 -33.53 -23.50
N VAL D 274 -31.77 -32.49 -23.80
CA VAL D 274 -31.84 -31.35 -22.90
C VAL D 274 -33.27 -31.16 -22.44
N GLU D 275 -33.41 -30.76 -21.19
CA GLU D 275 -34.69 -30.52 -20.58
C GLU D 275 -34.67 -29.19 -19.87
N PHE D 276 -35.75 -28.43 -20.03
CA PHE D 276 -35.86 -27.15 -19.36
C PHE D 276 -37.33 -26.80 -19.22
N LYS D 277 -37.63 -26.05 -18.18
CA LYS D 277 -38.99 -25.63 -17.91
C LYS D 277 -39.12 -24.20 -18.42
N VAL D 278 -40.11 -23.95 -19.26
CA VAL D 278 -40.32 -22.61 -19.80
C VAL D 278 -41.33 -21.92 -18.89
N ASP D 279 -40.83 -21.14 -17.93
CA ASP D 279 -41.70 -20.48 -16.98
C ASP D 279 -42.25 -19.10 -17.34
N ILE D 280 -41.89 -18.58 -18.51
CA ILE D 280 -42.39 -17.27 -18.91
C ILE D 280 -42.53 -17.16 -20.43
N PRO D 281 -43.65 -16.58 -20.90
CA PRO D 281 -43.94 -16.41 -22.34
C PRO D 281 -42.83 -15.69 -23.11
N GLY D 282 -42.85 -15.86 -24.42
CA GLY D 282 -41.85 -15.21 -25.26
C GLY D 282 -41.31 -16.10 -26.36
N ASN D 283 -40.34 -15.57 -27.11
CA ASN D 283 -39.73 -16.34 -28.19
C ASN D 283 -38.34 -16.78 -27.79
N TYR D 284 -38.11 -18.08 -27.83
CA TYR D 284 -36.82 -18.64 -27.47
C TYR D 284 -36.21 -19.19 -28.76
N THR D 285 -35.01 -18.78 -29.07
CA THR D 285 -34.41 -19.25 -30.31
C THR D 285 -33.26 -20.22 -30.10
N LEU D 286 -33.37 -21.40 -30.72
CA LEU D 286 -32.32 -22.41 -30.58
C LEU D 286 -31.23 -22.06 -31.59
N VAL D 287 -29.97 -22.23 -31.19
CA VAL D 287 -28.87 -21.92 -32.09
C VAL D 287 -27.66 -22.77 -31.82
N ASP D 288 -26.74 -22.78 -32.79
CA ASP D 288 -25.46 -23.46 -32.58
C ASP D 288 -24.78 -22.19 -32.10
N HIS D 289 -24.25 -22.19 -30.88
CA HIS D 289 -23.66 -20.97 -30.39
C HIS D 289 -22.33 -20.58 -31.02
N SER D 290 -21.92 -21.34 -32.03
CA SER D 290 -20.74 -20.97 -32.80
C SER D 290 -21.56 -20.07 -33.72
N ILE D 291 -21.96 -18.98 -33.06
CA ILE D 291 -22.80 -17.90 -33.55
C ILE D 291 -22.98 -17.54 -35.02
N PHE D 292 -21.91 -17.52 -35.80
CA PHE D 292 -22.11 -17.15 -37.20
C PHE D 292 -22.87 -18.22 -37.97
N ARG D 293 -22.91 -19.44 -37.44
CA ARG D 293 -23.66 -20.50 -38.11
C ARG D 293 -25.14 -20.22 -37.95
N ALA D 294 -25.50 -19.72 -36.77
CA ALA D 294 -26.88 -19.41 -36.46
C ALA D 294 -27.46 -18.24 -37.22
N PHE D 295 -26.80 -17.09 -37.17
CA PHE D 295 -27.33 -15.92 -37.86
C PHE D 295 -26.90 -15.72 -39.30
N ASN D 296 -25.96 -16.52 -39.79
CA ASN D 296 -25.51 -16.36 -41.16
C ASN D 296 -25.64 -17.62 -42.01
N LYS D 297 -25.71 -18.78 -41.38
CA LYS D 297 -25.83 -20.02 -42.11
C LYS D 297 -27.12 -20.81 -41.91
N GLY D 298 -28.01 -20.29 -41.06
CA GLY D 298 -29.29 -20.95 -40.84
C GLY D 298 -29.55 -21.80 -39.60
N ALA D 299 -28.56 -21.96 -38.72
CA ALA D 299 -28.77 -22.78 -37.53
C ALA D 299 -29.59 -21.98 -36.51
N LEU D 300 -30.83 -21.70 -36.88
CA LEU D 300 -31.71 -20.93 -36.04
C LEU D 300 -33.14 -21.48 -36.03
N GLY D 301 -33.63 -21.81 -34.83
CA GLY D 301 -34.97 -22.32 -34.69
C GLY D 301 -35.72 -21.48 -33.69
N GLN D 302 -37.02 -21.69 -33.58
CA GLN D 302 -37.82 -20.91 -32.65
C GLN D 302 -38.81 -21.73 -31.83
N LEU D 303 -38.90 -21.38 -30.56
CA LEU D 303 -39.84 -22.01 -29.65
C LEU D 303 -40.68 -20.84 -29.13
N LYS D 304 -41.93 -20.79 -29.56
CA LYS D 304 -42.82 -19.72 -29.14
C LYS D 304 -43.61 -20.21 -27.93
N VAL D 305 -43.56 -19.44 -26.86
CA VAL D 305 -44.25 -19.80 -25.64
C VAL D 305 -45.38 -18.82 -25.32
N GLU D 306 -46.59 -19.36 -25.16
CA GLU D 306 -47.75 -18.56 -24.84
C GLU D 306 -48.03 -18.64 -23.35
N GLY D 307 -49.15 -18.08 -22.92
CA GLY D 307 -49.49 -18.11 -21.52
C GLY D 307 -49.44 -16.71 -20.95
N ALA D 308 -49.33 -16.59 -19.63
CA ALA D 308 -49.30 -15.28 -19.01
C ALA D 308 -48.00 -14.91 -18.27
N GLU D 309 -47.65 -13.65 -18.47
CA GLU D 309 -46.50 -12.94 -17.93
C GLU D 309 -46.24 -12.84 -16.42
N ASN D 310 -44.97 -12.91 -16.03
CA ASN D 310 -44.59 -12.74 -14.63
C ASN D 310 -43.34 -11.86 -14.55
N PRO D 311 -43.51 -10.57 -14.23
CA PRO D 311 -42.45 -9.58 -14.11
C PRO D 311 -41.43 -9.93 -13.03
N GLU D 312 -41.80 -10.81 -12.12
CA GLU D 312 -40.90 -11.23 -11.04
C GLU D 312 -39.67 -11.94 -11.60
N ILE D 313 -39.85 -12.62 -12.71
CA ILE D 313 -38.78 -13.36 -13.33
C ILE D 313 -38.00 -12.49 -14.28
N MET D 314 -38.72 -11.61 -14.97
CA MET D 314 -38.10 -10.66 -15.87
C MET D 314 -39.12 -9.59 -16.26
N GLU E 13 14.01 -46.43 0.62
CA GLU E 13 14.16 -45.47 -0.51
C GLU E 13 13.58 -45.98 -1.83
N LEU E 14 12.34 -46.45 -1.81
CA LEU E 14 11.66 -46.94 -3.02
C LEU E 14 12.35 -47.97 -3.92
N PRO E 15 11.65 -49.08 -4.22
CA PRO E 15 12.20 -50.12 -5.09
C PRO E 15 12.28 -49.57 -6.51
N VAL E 16 13.37 -49.84 -7.21
CA VAL E 16 13.52 -49.34 -8.58
C VAL E 16 13.16 -50.40 -9.61
N ILE E 17 12.23 -50.06 -10.49
CA ILE E 17 11.76 -50.99 -11.51
C ILE E 17 11.89 -50.39 -12.91
N ASP E 18 12.46 -51.15 -13.84
CA ASP E 18 12.58 -50.65 -15.21
C ASP E 18 11.21 -50.88 -15.82
N ALA E 19 10.63 -49.82 -16.34
CA ALA E 19 9.32 -49.89 -16.95
C ALA E 19 9.27 -50.67 -18.25
N VAL E 20 8.07 -51.07 -18.61
CA VAL E 20 7.85 -51.78 -19.87
C VAL E 20 6.94 -50.84 -20.64
N THR E 21 7.48 -50.22 -21.68
CA THR E 21 6.70 -49.31 -22.51
C THR E 21 6.45 -50.00 -23.83
N THR E 22 5.24 -49.85 -24.35
CA THR E 22 4.85 -50.54 -25.58
C THR E 22 4.62 -49.70 -26.82
N HIS E 23 4.93 -50.24 -27.98
CA HIS E 23 4.68 -49.51 -29.21
C HIS E 23 3.18 -49.58 -29.45
N ALA E 24 2.61 -48.67 -30.21
CA ALA E 24 1.16 -48.70 -30.31
C ALA E 24 0.57 -49.66 -31.28
N PRO E 25 -0.58 -50.32 -30.99
CA PRO E 25 -1.82 -50.72 -30.31
C PRO E 25 -1.67 -51.36 -28.94
N GLU E 26 -0.47 -51.84 -28.64
CA GLU E 26 -0.21 -52.50 -27.38
C GLU E 26 -0.10 -51.64 -26.15
N VAL E 27 -0.60 -52.19 -25.05
CA VAL E 27 -0.61 -51.54 -23.76
C VAL E 27 0.25 -52.35 -22.79
N PRO E 28 0.95 -51.65 -21.88
CA PRO E 28 1.79 -52.37 -20.94
C PRO E 28 0.94 -53.23 -19.99
N PRO E 29 1.55 -54.22 -19.33
CA PRO E 29 0.85 -55.11 -18.40
C PRO E 29 0.21 -54.30 -17.27
N ALA E 30 -0.96 -54.73 -16.82
CA ALA E 30 -1.63 -54.05 -15.73
C ALA E 30 -0.70 -54.10 -14.52
N ILE E 31 -0.72 -53.05 -13.72
CA ILE E 31 0.13 -52.97 -12.53
C ILE E 31 -0.29 -53.95 -11.45
N ASP E 32 0.55 -54.95 -11.21
CA ASP E 32 0.26 -55.97 -10.20
C ASP E 32 1.07 -55.76 -8.93
N ARG E 33 1.05 -54.53 -8.42
CA ARG E 33 1.75 -54.17 -7.19
C ARG E 33 0.93 -53.15 -6.46
N ASP E 34 1.00 -53.15 -5.14
CA ASP E 34 0.23 -52.19 -4.37
C ASP E 34 1.10 -51.35 -3.43
N TYR E 35 2.24 -50.92 -3.95
CA TYR E 35 3.17 -50.09 -3.20
C TYR E 35 3.86 -49.15 -4.18
N PRO E 36 4.25 -47.95 -3.73
CA PRO E 36 4.93 -46.95 -4.57
C PRO E 36 6.30 -47.43 -5.01
N ALA E 37 6.72 -46.97 -6.18
CA ALA E 37 8.02 -47.35 -6.70
C ALA E 37 8.59 -46.25 -7.57
N LYS E 38 9.87 -46.35 -7.88
CA LYS E 38 10.54 -45.40 -8.76
C LYS E 38 10.59 -46.14 -10.08
N VAL E 39 9.79 -45.69 -11.04
CA VAL E 39 9.75 -46.35 -12.34
C VAL E 39 10.68 -45.68 -13.35
N ARG E 40 11.65 -46.44 -13.85
CA ARG E 40 12.61 -45.93 -14.82
C ARG E 40 12.12 -46.08 -16.24
N VAL E 41 12.08 -44.96 -16.96
CA VAL E 41 11.64 -44.96 -18.35
C VAL E 41 12.73 -44.40 -19.23
N LYS E 42 12.99 -45.07 -20.34
CA LYS E 42 13.99 -44.59 -21.29
C LYS E 42 13.27 -44.15 -22.54
N MET E 43 13.49 -42.91 -22.95
CA MET E 43 12.87 -42.36 -24.14
C MET E 43 13.91 -41.76 -25.04
N GLU E 44 13.76 -41.99 -26.34
CA GLU E 44 14.67 -41.42 -27.32
C GLU E 44 13.88 -40.72 -28.39
N THR E 45 14.32 -39.54 -28.78
CA THR E 45 13.63 -38.80 -29.84
C THR E 45 14.44 -38.94 -31.11
N VAL E 46 13.82 -39.50 -32.14
CA VAL E 46 14.50 -39.68 -33.41
C VAL E 46 13.65 -39.18 -34.56
N GLU E 47 14.30 -38.49 -35.49
CA GLU E 47 13.64 -37.94 -36.66
C GLU E 47 13.81 -38.94 -37.78
N LYS E 48 12.72 -39.31 -38.45
CA LYS E 48 12.80 -40.27 -39.54
C LYS E 48 11.69 -40.16 -40.55
N THR E 49 12.01 -40.51 -41.78
CA THR E 49 11.04 -40.47 -42.86
C THR E 49 10.29 -41.78 -42.91
N MET E 50 8.97 -41.69 -42.96
CA MET E 50 8.15 -42.89 -43.02
C MET E 50 7.01 -42.66 -43.98
N LYS E 51 6.26 -43.72 -44.21
CA LYS E 51 5.12 -43.67 -45.11
C LYS E 51 3.86 -43.20 -44.37
N MET E 52 3.24 -42.15 -44.89
CA MET E 52 2.01 -41.61 -44.30
C MET E 52 0.86 -42.38 -44.91
N ASP E 53 0.96 -42.58 -46.22
CA ASP E 53 -0.05 -43.27 -46.99
C ASP E 53 0.72 -43.92 -48.14
N ASP E 54 0.02 -44.65 -49.01
CA ASP E 54 0.68 -45.30 -50.14
C ASP E 54 1.38 -44.27 -51.01
N GLY E 55 2.68 -44.41 -51.21
CA GLY E 55 3.38 -43.45 -52.04
C GLY E 55 3.55 -42.07 -51.40
N VAL E 56 3.12 -41.88 -50.21
CA VAL E 56 3.29 -40.58 -49.54
C VAL E 56 4.23 -40.71 -48.36
N GLU E 57 5.29 -39.90 -48.35
CA GLU E 57 6.25 -39.94 -47.26
C GLU E 57 6.19 -38.66 -46.46
N TYR E 58 6.57 -38.75 -45.20
CA TYR E 58 6.53 -37.59 -44.32
C TYR E 58 7.72 -37.67 -43.37
N ARG E 59 8.30 -36.52 -43.05
CA ARG E 59 9.43 -36.49 -42.12
C ARG E 59 8.88 -36.39 -40.71
N TYR E 60 8.69 -37.52 -40.05
CA TYR E 60 8.16 -37.52 -38.69
C TYR E 60 9.24 -37.24 -37.64
N TRP E 61 8.83 -36.61 -36.56
CA TRP E 61 9.70 -36.36 -35.41
C TRP E 61 9.02 -37.24 -34.38
N THR E 62 9.75 -38.25 -33.90
CA THR E 62 9.15 -39.21 -33.00
C THR E 62 9.77 -39.47 -31.63
N PHE E 63 8.97 -40.12 -30.81
CA PHE E 63 9.37 -40.56 -29.49
C PHE E 63 9.56 -42.06 -29.76
N ASP E 64 10.81 -42.51 -29.73
CA ASP E 64 11.14 -43.92 -29.94
C ASP E 64 10.85 -44.59 -31.28
N GLY E 65 10.94 -43.84 -32.38
CA GLY E 65 10.75 -44.46 -33.69
C GLY E 65 9.42 -44.47 -34.42
N ASP E 66 8.34 -44.11 -33.75
CA ASP E 66 7.05 -44.11 -34.43
C ASP E 66 6.11 -43.15 -33.76
N VAL E 67 4.91 -43.05 -34.33
CA VAL E 67 3.87 -42.20 -33.81
C VAL E 67 2.70 -43.12 -33.49
N PRO E 68 2.19 -43.07 -32.26
CA PRO E 68 2.64 -42.21 -31.15
C PRO E 68 3.84 -42.82 -30.44
N GLY E 69 4.30 -42.15 -29.40
CA GLY E 69 5.42 -42.66 -28.65
C GLY E 69 4.97 -43.91 -27.90
N ARG E 70 5.91 -44.56 -27.22
CA ARG E 70 5.58 -45.75 -26.46
C ARG E 70 4.72 -45.37 -25.27
N MET E 71 3.75 -46.22 -24.97
CA MET E 71 2.87 -45.98 -23.84
C MET E 71 3.55 -46.37 -22.54
N ILE E 72 3.44 -45.50 -21.55
CA ILE E 72 3.99 -45.72 -20.21
C ILE E 72 2.83 -46.01 -19.30
N ARG E 73 3.03 -46.95 -18.37
CA ARG E 73 1.96 -47.30 -17.43
C ARG E 73 2.55 -47.36 -16.02
N VAL E 74 2.07 -46.48 -15.15
CA VAL E 74 2.57 -46.43 -13.79
C VAL E 74 1.40 -46.37 -12.81
N ARG E 75 1.71 -46.39 -11.52
CA ARG E 75 0.70 -46.36 -10.48
C ARG E 75 0.70 -45.01 -9.77
N GLU E 76 -0.49 -44.57 -9.40
CA GLU E 76 -0.68 -43.32 -8.68
C GLU E 76 0.27 -43.33 -7.50
N GLY E 77 1.10 -42.29 -7.37
CA GLY E 77 2.03 -42.23 -6.26
C GLY E 77 3.45 -42.59 -6.63
N ASP E 78 3.63 -43.17 -7.82
CA ASP E 78 4.97 -43.55 -8.26
C ASP E 78 5.82 -42.35 -8.60
N THR E 79 7.13 -42.57 -8.61
CA THR E 79 8.07 -41.54 -9.00
C THR E 79 8.54 -42.05 -10.34
N VAL E 80 8.35 -41.24 -11.38
CA VAL E 80 8.76 -41.63 -12.72
C VAL E 80 10.09 -40.99 -13.05
N GLU E 81 11.11 -41.80 -13.27
CA GLU E 81 12.42 -41.29 -13.61
C GLU E 81 12.65 -41.50 -15.09
N VAL E 82 12.79 -40.39 -15.80
CA VAL E 82 12.97 -40.44 -17.25
C VAL E 82 14.38 -40.15 -17.73
N GLU E 83 14.90 -41.08 -18.54
CA GLU E 83 16.21 -40.90 -19.13
C GLU E 83 15.82 -40.52 -20.56
N PHE E 84 15.93 -39.24 -20.83
CA PHE E 84 15.55 -38.66 -22.13
C PHE E 84 16.76 -38.43 -23.03
N SER E 85 16.80 -39.11 -24.18
CA SER E 85 17.92 -38.96 -25.11
C SER E 85 17.49 -38.46 -26.50
N ASN E 86 18.19 -37.45 -27.00
CA ASN E 86 17.90 -36.93 -28.31
C ASN E 86 18.92 -37.57 -29.26
N ASN E 87 18.45 -38.33 -30.24
CA ASN E 87 19.33 -39.00 -31.18
C ASN E 87 20.34 -38.05 -31.82
N PRO E 88 21.59 -38.51 -32.01
CA PRO E 88 22.67 -37.73 -32.61
C PRO E 88 22.35 -37.15 -33.98
N SER E 89 21.43 -37.77 -34.70
CA SER E 89 21.07 -37.30 -36.04
C SER E 89 19.93 -36.30 -36.08
N SER E 90 19.34 -35.98 -34.93
CA SER E 90 18.26 -35.02 -34.91
C SER E 90 18.77 -33.65 -35.33
N THR E 91 17.90 -32.86 -35.93
CA THR E 91 18.25 -31.53 -36.40
C THR E 91 17.89 -30.43 -35.41
N VAL E 92 17.05 -30.73 -34.43
CA VAL E 92 16.64 -29.74 -33.46
C VAL E 92 16.54 -30.32 -32.06
N PRO E 93 16.45 -29.45 -31.04
CA PRO E 93 16.35 -29.96 -29.67
C PRO E 93 14.97 -30.58 -29.52
N HIS E 94 14.79 -31.36 -28.47
CA HIS E 94 13.49 -31.99 -28.18
C HIS E 94 13.40 -32.17 -26.68
N ASN E 95 12.19 -32.09 -26.16
CA ASN E 95 11.98 -32.30 -24.75
C ASN E 95 10.65 -33.00 -24.60
N VAL E 96 10.15 -33.07 -23.37
CA VAL E 96 8.86 -33.71 -23.15
C VAL E 96 8.07 -33.03 -22.07
N ASP E 97 6.79 -32.83 -22.35
CA ASP E 97 5.85 -32.21 -21.43
C ASP E 97 4.85 -33.31 -21.12
N PHE E 98 4.86 -33.80 -19.88
CA PHE E 98 3.92 -34.84 -19.48
C PHE E 98 2.71 -34.17 -18.84
N HIS E 99 1.52 -34.39 -19.37
CA HIS E 99 0.34 -33.80 -18.78
C HIS E 99 0.09 -34.46 -17.42
N ALA E 100 0.79 -35.56 -17.17
CA ALA E 100 0.64 -36.29 -15.90
C ALA E 100 1.54 -35.70 -14.82
N ALA E 101 2.50 -34.88 -15.22
CA ALA E 101 3.44 -34.27 -14.28
C ALA E 101 3.01 -32.89 -13.80
N THR E 102 3.28 -32.62 -12.53
CA THR E 102 2.94 -31.33 -11.92
C THR E 102 4.23 -30.55 -11.75
N GLY E 103 4.30 -29.39 -12.37
CA GLY E 103 5.51 -28.58 -12.26
C GLY E 103 5.93 -28.01 -13.60
N GLN E 104 6.82 -27.03 -13.56
CA GLN E 104 7.31 -26.34 -14.74
C GLN E 104 7.23 -27.11 -16.05
N GLY E 105 6.39 -26.60 -16.96
CA GLY E 105 6.20 -27.19 -18.27
C GLY E 105 6.02 -28.70 -18.32
N GLY E 106 5.56 -29.28 -17.22
CA GLY E 106 5.35 -30.71 -17.17
C GLY E 106 6.63 -31.49 -17.46
N GLY E 107 7.77 -30.87 -17.16
CA GLY E 107 9.05 -31.52 -17.38
C GLY E 107 9.81 -31.03 -18.61
N ALA E 108 9.20 -30.08 -19.32
CA ALA E 108 9.80 -29.52 -20.54
C ALA E 108 11.17 -28.86 -20.32
N ALA E 109 11.29 -28.03 -19.29
CA ALA E 109 12.54 -27.36 -19.01
C ALA E 109 13.65 -28.35 -18.64
N ALA E 110 13.31 -29.31 -17.80
CA ALA E 110 14.27 -30.33 -17.36
C ALA E 110 14.68 -31.32 -18.43
N THR E 111 13.88 -31.46 -19.48
CA THR E 111 14.21 -32.42 -20.53
C THR E 111 14.67 -31.82 -21.86
N PHE E 112 14.91 -30.51 -21.87
CA PHE E 112 15.39 -29.84 -23.08
C PHE E 112 16.71 -30.48 -23.45
N THR E 113 16.73 -31.23 -24.55
CA THR E 113 17.93 -31.95 -24.95
C THR E 113 18.37 -31.73 -26.40
N ALA E 114 19.61 -31.26 -26.58
CA ALA E 114 20.15 -31.02 -27.91
C ALA E 114 20.50 -32.37 -28.52
N PRO E 115 20.69 -32.43 -29.84
CA PRO E 115 21.02 -33.70 -30.49
C PRO E 115 22.27 -34.34 -29.88
N GLY E 116 22.25 -35.67 -29.75
CA GLY E 116 23.40 -36.38 -29.21
C GLY E 116 23.59 -36.26 -27.71
N ARG E 117 22.67 -35.57 -27.04
CA ARG E 117 22.77 -35.38 -25.59
C ARG E 117 21.67 -36.18 -24.88
N THR E 118 21.85 -36.38 -23.57
CA THR E 118 20.87 -37.11 -22.77
C THR E 118 20.51 -36.28 -21.53
N SER E 119 19.23 -36.27 -21.19
CA SER E 119 18.77 -35.54 -20.02
C SER E 119 18.11 -36.54 -19.08
N THR E 120 18.12 -36.22 -17.80
CA THR E 120 17.49 -37.08 -16.80
C THR E 120 16.72 -36.24 -15.81
N PHE E 121 15.49 -36.65 -15.52
CA PHE E 121 14.67 -35.92 -14.57
C PHE E 121 13.55 -36.83 -14.07
N SER E 122 12.98 -36.50 -12.93
CA SER E 122 11.92 -37.32 -12.38
C SER E 122 10.79 -36.48 -11.83
N PHE E 123 9.60 -37.06 -11.81
CA PHE E 123 8.41 -36.40 -11.31
C PHE E 123 7.55 -37.44 -10.63
N LYS E 124 6.68 -36.99 -9.73
CA LYS E 124 5.81 -37.90 -9.00
C LYS E 124 4.42 -37.87 -9.63
N ALA E 125 3.95 -39.04 -10.08
CA ALA E 125 2.62 -39.16 -10.70
C ALA E 125 1.59 -39.02 -9.59
N LEU E 126 1.21 -37.78 -9.30
CA LEU E 126 0.26 -37.49 -8.24
C LEU E 126 -1.18 -37.89 -8.48
N GLN E 127 -1.64 -37.74 -9.72
CA GLN E 127 -3.04 -38.05 -10.02
C GLN E 127 -3.29 -39.13 -11.05
N PRO E 128 -4.26 -40.01 -10.79
CA PRO E 128 -4.59 -41.08 -11.73
C PRO E 128 -5.25 -40.49 -12.97
N GLY E 129 -5.16 -41.19 -14.08
CA GLY E 129 -5.77 -40.71 -15.31
C GLY E 129 -4.99 -41.14 -16.55
N LEU E 130 -5.50 -40.79 -17.73
CA LEU E 130 -4.84 -41.14 -18.98
C LEU E 130 -4.32 -39.81 -19.54
N TYR E 131 -3.01 -39.64 -19.49
CA TYR E 131 -2.40 -38.39 -19.94
C TYR E 131 -1.58 -38.40 -21.20
N ILE E 132 -1.67 -37.29 -21.93
CA ILE E 132 -0.90 -37.13 -23.17
C ILE E 132 0.43 -36.53 -22.75
N TYR E 133 1.46 -36.87 -23.50
CA TYR E 133 2.77 -36.28 -23.28
C TYR E 133 3.21 -35.92 -24.68
N HIS E 134 3.83 -34.76 -24.84
CA HIS E 134 4.25 -34.30 -26.15
C HIS E 134 5.46 -33.38 -26.05
N CYS E 135 6.11 -33.15 -27.17
CA CYS E 135 7.27 -32.28 -27.22
C CYS E 135 6.79 -30.84 -27.06
N ALA E 136 7.58 -30.03 -26.37
CA ALA E 136 7.22 -28.64 -26.14
C ALA E 136 8.33 -27.64 -26.48
N VAL E 137 9.12 -27.98 -27.48
CA VAL E 137 10.20 -27.11 -27.94
C VAL E 137 9.62 -26.18 -28.99
N ALA E 138 10.00 -24.91 -28.96
CA ALA E 138 9.49 -23.93 -29.92
C ALA E 138 10.01 -24.21 -31.33
N PRO E 139 9.12 -24.14 -32.35
CA PRO E 139 7.68 -23.84 -32.23
C PRO E 139 6.89 -25.06 -31.81
N VAL E 140 6.27 -24.98 -30.63
CA VAL E 140 5.49 -26.07 -30.05
C VAL E 140 4.52 -26.79 -31.01
N GLY E 141 3.73 -26.03 -31.75
CA GLY E 141 2.80 -26.64 -32.67
C GLY E 141 3.46 -27.52 -33.71
N MET E 142 4.64 -27.10 -34.18
CA MET E 142 5.34 -27.90 -35.18
C MET E 142 5.84 -29.22 -34.62
N HIS E 143 6.40 -29.18 -33.43
CA HIS E 143 6.89 -30.39 -32.80
C HIS E 143 5.74 -31.37 -32.56
N ILE E 144 4.57 -30.85 -32.21
CA ILE E 144 3.42 -31.74 -31.99
C ILE E 144 2.92 -32.26 -33.33
N ALA E 145 2.75 -31.35 -34.30
CA ALA E 145 2.27 -31.72 -35.62
C ALA E 145 3.12 -32.79 -36.31
N ASN E 146 4.43 -32.76 -36.08
CA ASN E 146 5.27 -33.77 -36.73
C ASN E 146 5.20 -35.15 -36.08
N GLY E 147 4.36 -35.28 -35.07
CA GLY E 147 4.17 -36.56 -34.40
C GLY E 147 4.73 -36.83 -33.02
N MET E 148 5.20 -35.80 -32.33
CA MET E 148 5.76 -36.01 -30.99
C MET E 148 4.75 -36.00 -29.84
N TYR E 149 4.05 -37.12 -29.68
CA TYR E 149 3.08 -37.27 -28.62
C TYR E 149 2.84 -38.74 -28.29
N GLY E 150 2.31 -38.98 -27.10
CA GLY E 150 2.03 -40.32 -26.67
C GLY E 150 1.17 -40.28 -25.43
N LEU E 151 0.94 -41.44 -24.83
CA LEU E 151 0.12 -41.48 -23.63
C LEU E 151 0.79 -42.14 -22.45
N ILE E 152 0.57 -41.56 -21.28
CA ILE E 152 1.08 -42.15 -20.08
C ILE E 152 -0.14 -42.43 -19.23
N LEU E 153 -0.35 -43.71 -18.91
CA LEU E 153 -1.49 -44.08 -18.08
C LEU E 153 -1.04 -44.15 -16.64
N VAL E 154 -1.68 -43.37 -15.78
CA VAL E 154 -1.37 -43.36 -14.37
C VAL E 154 -2.54 -44.04 -13.67
N GLU E 155 -2.39 -45.34 -13.41
CA GLU E 155 -3.44 -46.14 -12.76
C GLU E 155 -3.77 -45.67 -11.35
N PRO E 156 -5.02 -45.87 -10.92
CA PRO E 156 -5.44 -45.47 -9.58
C PRO E 156 -4.78 -46.43 -8.59
N LYS E 157 -4.66 -46.04 -7.33
CA LYS E 157 -4.05 -46.90 -6.32
C LYS E 157 -4.60 -48.33 -6.44
N GLU E 158 -5.93 -48.43 -6.47
CA GLU E 158 -6.61 -49.71 -6.54
C GLU E 158 -6.57 -50.39 -7.91
N GLY E 159 -6.05 -49.70 -8.90
CA GLY E 159 -5.97 -50.27 -10.24
C GLY E 159 -7.30 -50.20 -10.97
N LEU E 160 -7.28 -50.50 -12.28
CA LEU E 160 -8.49 -50.47 -13.08
C LEU E 160 -9.02 -51.91 -13.22
N PRO E 161 -10.33 -52.05 -13.43
CA PRO E 161 -10.95 -53.38 -13.57
C PRO E 161 -10.27 -54.21 -14.65
N LYS E 162 -10.16 -55.51 -14.43
CA LYS E 162 -9.54 -56.39 -15.41
C LYS E 162 -10.40 -56.35 -16.66
N VAL E 163 -9.77 -56.47 -17.81
CA VAL E 163 -10.46 -56.46 -19.09
C VAL E 163 -9.74 -57.50 -19.95
N ASP E 164 -10.41 -58.02 -20.97
CA ASP E 164 -9.79 -59.02 -21.82
C ASP E 164 -8.75 -58.42 -22.76
N LYS E 165 -9.10 -57.34 -23.44
CA LYS E 165 -8.15 -56.72 -24.34
C LYS E 165 -8.02 -55.21 -24.18
N GLU E 166 -6.79 -54.72 -24.31
CA GLU E 166 -6.52 -53.30 -24.18
C GLU E 166 -5.76 -52.79 -25.40
N PHE E 167 -6.19 -51.66 -25.93
CA PHE E 167 -5.54 -51.07 -27.08
C PHE E 167 -5.12 -49.62 -26.87
N TYR E 168 -4.03 -49.25 -27.51
CA TYR E 168 -3.43 -47.92 -27.43
C TYR E 168 -3.70 -47.22 -28.76
N ILE E 169 -4.56 -46.21 -28.72
CA ILE E 169 -4.93 -45.47 -29.91
C ILE E 169 -4.82 -43.95 -29.71
N VAL E 170 -4.11 -43.29 -30.62
CA VAL E 170 -3.94 -41.84 -30.55
C VAL E 170 -4.19 -41.20 -31.90
N GLN E 171 -5.14 -40.27 -31.93
CA GLN E 171 -5.48 -39.56 -33.16
C GLN E 171 -4.62 -38.31 -33.30
N GLY E 172 -4.41 -37.88 -34.53
CA GLY E 172 -3.61 -36.70 -34.78
C GLY E 172 -3.89 -36.13 -36.15
N ASP E 173 -3.88 -34.80 -36.28
CA ASP E 173 -4.10 -34.18 -37.58
C ASP E 173 -2.76 -33.76 -38.18
N PHE E 174 -2.56 -34.06 -39.45
CA PHE E 174 -1.31 -33.73 -40.13
C PHE E 174 -1.47 -32.72 -41.25
N TYR E 175 -0.52 -31.80 -41.30
CA TYR E 175 -0.55 -30.75 -42.31
C TYR E 175 0.55 -30.90 -43.34
N THR E 176 0.11 -31.29 -44.53
CA THR E 176 0.97 -31.55 -45.66
C THR E 176 0.87 -30.43 -46.71
N LYS E 177 2.00 -30.06 -47.30
CA LYS E 177 1.99 -29.02 -48.32
C LYS E 177 1.08 -29.44 -49.45
N GLY E 178 1.29 -30.66 -49.96
CA GLY E 178 0.44 -31.16 -51.03
C GLY E 178 -0.86 -31.62 -50.44
N LYS E 179 -1.89 -31.83 -51.25
CA LYS E 179 -3.12 -32.30 -50.66
C LYS E 179 -3.10 -33.81 -50.54
N LYS E 180 -3.95 -34.34 -49.68
CA LYS E 180 -4.03 -35.78 -49.45
C LYS E 180 -3.88 -36.53 -50.77
N GLY E 181 -2.93 -37.47 -50.80
CA GLY E 181 -2.74 -38.24 -52.03
C GLY E 181 -1.53 -37.86 -52.85
N ALA E 182 -1.17 -36.58 -52.83
CA ALA E 182 0.00 -36.12 -53.58
C ALA E 182 1.18 -37.00 -53.19
N GLN E 183 1.79 -37.64 -54.17
CA GLN E 183 2.91 -38.55 -53.96
C GLN E 183 4.21 -37.86 -53.56
N GLY E 184 5.12 -38.64 -52.98
CA GLY E 184 6.41 -38.13 -52.58
C GLY E 184 6.52 -37.68 -51.14
N LEU E 185 7.69 -37.13 -50.81
CA LEU E 185 7.94 -36.63 -49.47
C LEU E 185 7.20 -35.30 -49.34
N GLN E 186 6.23 -35.26 -48.43
CA GLN E 186 5.43 -34.07 -48.23
C GLN E 186 5.91 -33.28 -47.01
N PRO E 187 6.29 -32.01 -47.20
CA PRO E 187 6.76 -31.14 -46.13
C PRO E 187 5.63 -30.66 -45.23
N PHE E 188 5.97 -30.25 -44.02
CA PHE E 188 4.98 -29.73 -43.08
C PHE E 188 4.50 -28.39 -43.66
N ASP E 189 3.22 -28.08 -43.52
CA ASP E 189 2.67 -26.84 -44.04
C ASP E 189 2.15 -25.96 -42.90
N MET E 190 2.96 -25.00 -42.50
CA MET E 190 2.61 -24.08 -41.43
C MET E 190 1.28 -23.34 -41.62
N ASP E 191 1.00 -22.89 -42.84
CA ASP E 191 -0.24 -22.16 -43.11
C ASP E 191 -1.50 -22.98 -42.89
N LYS E 192 -1.49 -24.24 -43.31
CA LYS E 192 -2.66 -25.08 -43.13
C LYS E 192 -2.82 -25.38 -41.66
N ALA E 193 -1.71 -25.55 -40.96
CA ALA E 193 -1.74 -25.84 -39.53
C ALA E 193 -2.42 -24.70 -38.79
N VAL E 194 -1.96 -23.48 -39.02
CA VAL E 194 -2.53 -22.30 -38.37
C VAL E 194 -4.01 -22.14 -38.70
N ALA E 195 -4.41 -22.52 -39.91
CA ALA E 195 -5.82 -22.40 -40.30
C ALA E 195 -6.63 -23.62 -39.87
N GLU E 196 -5.95 -24.62 -39.31
CA GLU E 196 -6.64 -25.83 -38.84
C GLU E 196 -7.31 -26.61 -39.98
N GLN E 197 -6.59 -26.74 -41.08
CA GLN E 197 -7.05 -27.46 -42.26
C GLN E 197 -6.09 -28.59 -42.59
N PRO E 198 -6.18 -29.71 -41.86
CA PRO E 198 -5.30 -30.85 -42.11
C PRO E 198 -5.64 -31.62 -43.38
N GLU E 199 -4.65 -32.31 -43.93
CA GLU E 199 -4.85 -33.12 -45.12
C GLU E 199 -5.07 -34.55 -44.65
N TYR E 200 -4.42 -34.91 -43.57
CA TYR E 200 -4.54 -36.25 -43.00
C TYR E 200 -4.94 -36.19 -41.53
N VAL E 201 -5.88 -37.04 -41.16
CA VAL E 201 -6.33 -37.15 -39.78
C VAL E 201 -6.24 -38.67 -39.59
N VAL E 202 -5.28 -39.11 -38.80
CA VAL E 202 -5.08 -40.54 -38.64
C VAL E 202 -4.98 -41.04 -37.20
N PHE E 203 -5.10 -42.35 -37.06
CA PHE E 203 -4.97 -43.01 -35.77
C PHE E 203 -3.59 -43.65 -35.85
N ASN E 204 -2.78 -43.43 -34.82
CA ASN E 204 -1.44 -44.00 -34.77
C ASN E 204 -0.49 -43.69 -35.92
N GLY E 205 -0.35 -42.39 -36.20
CA GLY E 205 0.57 -41.89 -37.21
C GLY E 205 0.52 -42.11 -38.71
N HIS E 206 -0.23 -43.09 -39.18
CA HIS E 206 -0.28 -43.34 -40.62
C HIS E 206 -1.65 -43.80 -41.07
N VAL E 207 -1.93 -43.62 -42.35
CA VAL E 207 -3.19 -44.07 -42.90
C VAL E 207 -3.07 -45.59 -42.88
N GLY E 208 -4.08 -46.27 -42.38
CA GLY E 208 -4.05 -47.73 -42.34
C GLY E 208 -3.24 -48.36 -41.22
N ALA E 209 -2.65 -47.57 -40.33
CA ALA E 209 -1.87 -48.13 -39.23
C ALA E 209 -2.63 -49.15 -38.39
N LEU E 210 -3.96 -49.00 -38.35
CA LEU E 210 -4.83 -49.90 -37.59
C LEU E 210 -5.87 -50.55 -38.46
N THR E 211 -5.55 -50.80 -39.72
CA THR E 211 -6.51 -51.40 -40.62
C THR E 211 -5.88 -52.49 -41.47
N GLY E 212 -6.72 -53.25 -42.16
CA GLY E 212 -6.23 -54.31 -43.00
C GLY E 212 -5.42 -55.30 -42.20
N ASP E 213 -4.22 -55.60 -42.67
CA ASP E 213 -3.35 -56.53 -41.99
C ASP E 213 -2.96 -56.03 -40.59
N ASN E 214 -3.16 -54.74 -40.35
CA ASN E 214 -2.81 -54.16 -39.07
C ASN E 214 -4.01 -53.96 -38.15
N ALA E 215 -5.15 -54.49 -38.56
CA ALA E 215 -6.38 -54.35 -37.77
C ALA E 215 -6.22 -54.96 -36.39
N LEU E 216 -6.88 -54.35 -35.41
CA LEU E 216 -6.83 -54.85 -34.04
C LEU E 216 -7.65 -56.13 -34.03
N LYS E 217 -7.37 -57.03 -33.11
CA LYS E 217 -8.11 -58.29 -33.07
C LYS E 217 -8.63 -58.65 -31.68
N ALA E 218 -9.82 -59.21 -31.63
CA ALA E 218 -10.43 -59.64 -30.39
C ALA E 218 -11.35 -60.80 -30.71
N LYS E 219 -11.80 -61.52 -29.68
CA LYS E 219 -12.68 -62.65 -29.90
C LYS E 219 -14.05 -62.31 -29.31
N ALA E 220 -15.11 -62.81 -29.94
CA ALA E 220 -16.46 -62.55 -29.49
C ALA E 220 -16.61 -62.87 -28.00
N GLY E 221 -17.27 -61.97 -27.28
CA GLY E 221 -17.46 -62.18 -25.85
C GLY E 221 -16.47 -61.43 -24.98
N GLU E 222 -15.38 -60.97 -25.58
CA GLU E 222 -14.36 -60.26 -24.82
C GLU E 222 -14.75 -58.82 -24.50
N THR E 223 -14.26 -58.33 -23.37
CA THR E 223 -14.51 -56.95 -22.97
C THR E 223 -13.26 -56.21 -23.44
N VAL E 224 -13.48 -55.12 -24.19
CA VAL E 224 -12.37 -54.34 -24.73
C VAL E 224 -12.23 -52.94 -24.14
N ARG E 225 -11.00 -52.57 -23.80
CA ARG E 225 -10.76 -51.22 -23.28
C ARG E 225 -9.84 -50.49 -24.23
N MET E 226 -10.23 -49.29 -24.66
CA MET E 226 -9.37 -48.54 -25.54
C MET E 226 -8.91 -47.25 -24.87
N TYR E 227 -7.60 -47.06 -24.82
CA TYR E 227 -7.04 -45.84 -24.26
C TYR E 227 -6.90 -44.94 -25.45
N VAL E 228 -7.81 -43.98 -25.58
CA VAL E 228 -7.80 -43.07 -26.72
C VAL E 228 -7.23 -41.69 -26.45
N GLY E 229 -6.11 -41.39 -27.10
CA GLY E 229 -5.51 -40.09 -26.92
C GLY E 229 -5.69 -39.25 -28.18
N ASN E 230 -5.70 -37.93 -28.04
CA ASN E 230 -5.83 -37.04 -29.17
C ASN E 230 -4.69 -36.04 -29.09
N GLY E 231 -3.63 -36.31 -29.85
CA GLY E 231 -2.47 -35.44 -29.84
C GLY E 231 -2.69 -34.11 -30.52
N GLY E 232 -3.72 -34.03 -31.36
CA GLY E 232 -3.95 -32.79 -32.07
C GLY E 232 -3.02 -32.72 -33.25
N PRO E 233 -2.38 -31.58 -33.49
CA PRO E 233 -2.42 -30.32 -32.75
C PRO E 233 -3.75 -29.61 -32.55
N ASN E 234 -4.55 -29.55 -33.60
CA ASN E 234 -5.78 -28.79 -33.53
C ASN E 234 -7.18 -29.42 -33.46
N LEU E 235 -7.37 -30.59 -34.05
CA LEU E 235 -8.70 -31.16 -34.06
C LEU E 235 -9.22 -31.84 -32.79
N VAL E 236 -10.54 -31.82 -32.67
CA VAL E 236 -11.27 -32.43 -31.57
C VAL E 236 -12.01 -33.58 -32.22
N SER E 237 -11.87 -34.77 -31.63
CA SER E 237 -12.46 -35.96 -32.21
C SER E 237 -13.81 -36.38 -31.64
N SER E 238 -14.71 -36.81 -32.53
CA SER E 238 -16.03 -37.32 -32.14
C SER E 238 -15.81 -38.82 -32.27
N PHE E 239 -15.07 -39.39 -31.34
CA PHE E 239 -14.75 -40.82 -31.39
C PHE E 239 -15.95 -41.75 -31.38
N HIS E 240 -15.93 -42.73 -32.27
CA HIS E 240 -17.05 -43.68 -32.41
C HIS E 240 -16.55 -44.98 -33.03
N VAL E 241 -17.20 -46.07 -32.68
CA VAL E 241 -16.86 -47.38 -33.24
C VAL E 241 -18.10 -47.89 -33.97
N ILE E 242 -18.01 -47.98 -35.29
CA ILE E 242 -19.12 -48.42 -36.09
C ILE E 242 -19.50 -49.85 -35.73
N GLY E 243 -20.76 -50.01 -35.32
CA GLY E 243 -21.26 -51.33 -34.95
C GLY E 243 -21.22 -51.62 -33.47
N GLU E 244 -20.81 -50.65 -32.67
CA GLU E 244 -20.75 -50.87 -31.23
C GLU E 244 -21.15 -49.64 -30.42
N ILE E 245 -21.39 -49.84 -29.13
CA ILE E 245 -21.78 -48.76 -28.24
C ILE E 245 -20.86 -48.79 -27.04
N PHE E 246 -20.46 -47.62 -26.55
CA PHE E 246 -19.59 -47.55 -25.39
C PHE E 246 -20.33 -47.85 -24.11
N ASP E 247 -19.96 -48.95 -23.46
CA ASP E 247 -20.58 -49.33 -22.20
C ASP E 247 -20.13 -48.32 -21.15
N LYS E 248 -18.83 -48.03 -21.15
CA LYS E 248 -18.29 -47.06 -20.23
C LYS E 248 -17.39 -46.06 -20.93
N VAL E 249 -17.45 -44.82 -20.47
CA VAL E 249 -16.64 -43.74 -21.02
C VAL E 249 -16.11 -42.93 -19.85
N TYR E 250 -14.79 -42.90 -19.67
CA TYR E 250 -14.21 -42.08 -18.62
C TYR E 250 -14.14 -40.72 -19.30
N VAL E 251 -15.13 -39.89 -19.02
CA VAL E 251 -15.24 -38.57 -19.61
C VAL E 251 -13.96 -37.73 -19.58
N GLU E 252 -13.47 -37.40 -20.77
CA GLU E 252 -12.26 -36.60 -20.96
C GLU E 252 -11.05 -37.18 -20.24
N GLY E 253 -11.06 -38.50 -20.04
CA GLY E 253 -9.95 -39.15 -19.38
C GLY E 253 -9.93 -39.04 -17.86
N GLY E 254 -10.97 -38.44 -17.29
CA GLY E 254 -11.03 -38.28 -15.84
C GLY E 254 -11.73 -39.41 -15.09
N LYS E 255 -12.09 -39.13 -13.84
CA LYS E 255 -12.75 -40.10 -12.96
C LYS E 255 -14.23 -40.35 -13.30
N LEU E 256 -14.87 -39.35 -13.87
CA LEU E 256 -16.27 -39.43 -14.22
C LEU E 256 -16.54 -40.46 -15.29
N ILE E 257 -17.55 -41.30 -15.06
CA ILE E 257 -17.88 -42.35 -16.00
C ILE E 257 -19.28 -42.25 -16.57
N ASN E 258 -19.35 -42.25 -17.89
CA ASN E 258 -20.62 -42.16 -18.59
C ASN E 258 -20.90 -43.54 -19.19
N GLU E 259 -22.16 -43.81 -19.53
CA GLU E 259 -22.53 -45.10 -20.07
C GLU E 259 -23.48 -45.02 -21.25
N ASN E 260 -23.38 -46.00 -22.16
CA ASN E 260 -24.24 -46.05 -23.32
C ASN E 260 -24.07 -44.81 -24.19
N VAL E 261 -22.83 -44.57 -24.60
CA VAL E 261 -22.53 -43.42 -25.43
C VAL E 261 -22.09 -43.93 -26.80
N GLN E 262 -22.68 -43.37 -27.86
CA GLN E 262 -22.35 -43.79 -29.21
C GLN E 262 -21.11 -43.09 -29.74
N SER E 263 -20.90 -41.86 -29.27
CA SER E 263 -19.81 -41.07 -29.76
C SER E 263 -19.38 -40.02 -28.72
N THR E 264 -18.11 -40.00 -28.34
CA THR E 264 -17.58 -39.02 -27.37
C THR E 264 -16.57 -38.05 -27.94
N ILE E 265 -16.52 -36.87 -27.31
CA ILE E 265 -15.57 -35.84 -27.69
C ILE E 265 -14.23 -36.14 -27.01
N VAL E 266 -13.15 -36.16 -27.78
CA VAL E 266 -11.83 -36.34 -27.20
C VAL E 266 -11.15 -35.01 -27.49
N PRO E 267 -10.94 -34.18 -26.45
CA PRO E 267 -10.31 -32.87 -26.58
C PRO E 267 -8.91 -32.91 -27.18
N ALA E 268 -8.51 -31.81 -27.81
CA ALA E 268 -7.17 -31.73 -28.39
C ALA E 268 -6.26 -31.79 -27.16
N GLY E 269 -5.17 -32.54 -27.26
CA GLY E 269 -4.25 -32.65 -26.14
C GLY E 269 -4.97 -33.32 -24.96
N GLY E 270 -6.05 -34.03 -25.25
CA GLY E 270 -6.80 -34.70 -24.22
C GLY E 270 -7.00 -36.18 -24.49
N SER E 271 -7.83 -36.83 -23.69
CA SER E 271 -8.05 -38.25 -23.86
C SER E 271 -9.41 -38.71 -23.41
N ALA E 272 -9.62 -40.02 -23.55
CA ALA E 272 -10.84 -40.67 -23.13
C ALA E 272 -10.52 -42.14 -23.02
N ILE E 273 -11.26 -42.85 -22.18
CA ILE E 273 -11.09 -44.28 -22.02
C ILE E 273 -12.48 -44.84 -22.30
N VAL E 274 -12.56 -45.73 -23.27
CA VAL E 274 -13.84 -46.33 -23.61
C VAL E 274 -13.74 -47.84 -23.46
N GLU E 275 -14.82 -48.42 -22.97
CA GLU E 275 -14.91 -49.86 -22.77
C GLU E 275 -16.20 -50.35 -23.39
N PHE E 276 -16.11 -51.52 -24.01
CA PHE E 276 -17.29 -52.12 -24.61
C PHE E 276 -17.04 -53.61 -24.76
N LYS E 277 -18.11 -54.38 -24.68
CA LYS E 277 -18.02 -55.82 -24.82
C LYS E 277 -18.43 -56.15 -26.25
N VAL E 278 -17.58 -56.88 -26.95
CA VAL E 278 -17.88 -57.27 -28.33
C VAL E 278 -18.54 -58.62 -28.28
N ASP E 279 -19.87 -58.65 -28.32
CA ASP E 279 -20.61 -59.89 -28.23
C ASP E 279 -20.93 -60.65 -29.52
N ILE E 280 -20.50 -60.11 -30.66
CA ILE E 280 -20.76 -60.78 -31.92
C ILE E 280 -19.67 -60.50 -32.94
N PRO E 281 -19.22 -61.53 -33.67
CA PRO E 281 -18.16 -61.43 -34.69
C PRO E 281 -18.43 -60.38 -35.76
N GLY E 282 -17.37 -59.96 -36.45
CA GLY E 282 -17.51 -58.98 -37.50
C GLY E 282 -16.41 -57.94 -37.50
N ASN E 283 -16.53 -56.97 -38.40
CA ASN E 283 -15.54 -55.89 -38.50
C ASN E 283 -16.13 -54.62 -37.91
N TYR E 284 -15.43 -54.05 -36.95
CA TYR E 284 -15.87 -52.81 -36.32
C TYR E 284 -14.86 -51.76 -36.69
N THR E 285 -15.32 -50.64 -37.25
CA THR E 285 -14.37 -49.63 -37.65
C THR E 285 -14.41 -48.39 -36.77
N LEU E 286 -13.25 -48.03 -36.23
CA LEU E 286 -13.17 -46.83 -35.39
C LEU E 286 -13.04 -45.62 -36.30
N VAL E 287 -13.71 -44.54 -35.95
CA VAL E 287 -13.64 -43.34 -36.77
C VAL E 287 -13.81 -42.06 -35.96
N ASP E 288 -13.49 -40.94 -36.58
CA ASP E 288 -13.72 -39.65 -35.96
C ASP E 288 -15.05 -39.48 -36.67
N HIS E 289 -16.14 -39.35 -35.91
CA HIS E 289 -17.43 -39.24 -36.60
C HIS E 289 -17.69 -37.92 -37.32
N SER E 290 -16.67 -37.06 -37.34
CA SER E 290 -16.77 -35.84 -38.13
C SER E 290 -16.31 -36.56 -39.38
N ILE E 291 -17.24 -37.39 -39.81
CA ILE E 291 -17.17 -38.29 -40.96
C ILE E 291 -16.25 -38.12 -42.15
N PHE E 292 -16.10 -36.92 -42.67
CA PHE E 292 -15.20 -36.77 -43.82
C PHE E 292 -13.75 -36.98 -43.45
N ARG E 293 -13.44 -36.90 -42.16
CA ARG E 293 -12.07 -37.13 -41.72
C ARG E 293 -11.80 -38.62 -41.82
N ALA E 294 -12.82 -39.41 -41.49
CA ALA E 294 -12.67 -40.86 -41.52
C ALA E 294 -12.55 -41.47 -42.90
N PHE E 295 -13.52 -41.19 -43.78
CA PHE E 295 -13.46 -41.77 -45.11
C PHE E 295 -12.68 -41.01 -46.18
N ASN E 296 -12.23 -39.81 -45.86
CA ASN E 296 -11.49 -39.03 -46.84
C ASN E 296 -10.10 -38.60 -46.39
N LYS E 297 -9.89 -38.54 -45.07
CA LYS E 297 -8.59 -38.13 -44.55
C LYS E 297 -7.81 -39.19 -43.77
N GLY E 298 -8.38 -40.39 -43.65
CA GLY E 298 -7.68 -41.46 -42.95
C GLY E 298 -8.02 -41.85 -41.52
N ALA E 299 -8.91 -41.13 -40.85
CA ALA E 299 -9.26 -41.47 -39.48
C ALA E 299 -10.13 -42.72 -39.46
N LEU E 300 -9.55 -43.83 -39.87
CA LEU E 300 -10.27 -45.09 -39.93
C LEU E 300 -9.41 -46.26 -39.46
N GLY E 301 -9.91 -46.96 -38.45
CA GLY E 301 -9.20 -48.11 -37.92
C GLY E 301 -10.13 -49.30 -37.93
N GLN E 302 -9.59 -50.49 -37.69
CA GLN E 302 -10.42 -51.68 -37.70
C GLN E 302 -10.16 -52.63 -36.55
N LEU E 303 -11.26 -53.16 -36.02
CA LEU E 303 -11.21 -54.14 -34.94
C LEU E 303 -11.93 -55.34 -35.52
N LYS E 304 -11.17 -56.40 -35.79
CA LYS E 304 -11.74 -57.61 -36.35
C LYS E 304 -12.04 -58.55 -35.19
N VAL E 305 -13.30 -58.94 -35.08
CA VAL E 305 -13.72 -59.83 -34.00
C VAL E 305 -14.12 -61.19 -34.55
N GLU E 306 -13.42 -62.22 -34.06
CA GLU E 306 -13.70 -63.60 -34.47
C GLU E 306 -14.56 -64.26 -33.40
N GLY E 307 -15.30 -65.30 -33.79
CA GLY E 307 -16.14 -65.98 -32.85
C GLY E 307 -17.40 -66.49 -33.54
N ALA E 308 -18.41 -66.83 -32.77
CA ALA E 308 -19.63 -67.33 -33.36
C ALA E 308 -20.84 -66.41 -33.30
N GLU E 309 -21.53 -66.39 -34.43
CA GLU E 309 -22.73 -65.62 -34.76
C GLU E 309 -24.00 -65.72 -33.90
N ASN E 310 -24.36 -64.63 -33.23
CA ASN E 310 -25.60 -64.61 -32.44
C ASN E 310 -26.66 -63.81 -33.23
N PRO E 311 -27.53 -64.51 -33.97
CA PRO E 311 -28.60 -63.93 -34.78
C PRO E 311 -29.63 -63.13 -33.97
N GLU E 312 -29.57 -63.27 -32.64
CA GLU E 312 -30.48 -62.54 -31.75
C GLU E 312 -30.04 -61.09 -31.60
N ILE E 313 -28.73 -60.85 -31.77
CA ILE E 313 -28.17 -59.49 -31.67
C ILE E 313 -28.30 -58.81 -33.04
N MET E 314 -28.15 -59.58 -34.12
CA MET E 314 -28.26 -59.08 -35.50
C MET E 314 -28.23 -60.21 -36.53
N GLU F 13 -40.37 -7.22 0.85
CA GLU F 13 -39.89 -6.74 -0.49
C GLU F 13 -38.38 -6.76 -0.66
N LEU F 14 -37.75 -7.89 -0.37
CA LEU F 14 -36.30 -8.07 -0.53
C LEU F 14 -35.37 -6.90 -0.20
N PRO F 15 -34.27 -7.18 0.51
CA PRO F 15 -33.30 -6.15 0.87
C PRO F 15 -32.60 -5.72 -0.41
N VAL F 16 -32.16 -4.47 -0.48
CA VAL F 16 -31.49 -3.98 -1.67
C VAL F 16 -30.00 -3.82 -1.44
N ILE F 17 -29.20 -4.38 -2.35
CA ILE F 17 -27.76 -4.31 -2.22
C ILE F 17 -27.12 -3.87 -3.51
N ASP F 18 -26.07 -3.05 -3.41
CA ASP F 18 -25.38 -2.62 -4.61
C ASP F 18 -24.32 -3.67 -4.86
N ALA F 19 -24.34 -4.26 -6.05
CA ALA F 19 -23.38 -5.30 -6.40
C ALA F 19 -21.96 -4.78 -6.51
N VAL F 20 -21.00 -5.68 -6.32
CA VAL F 20 -19.59 -5.37 -6.46
C VAL F 20 -19.18 -6.20 -7.66
N THR F 21 -18.85 -5.51 -8.75
CA THR F 21 -18.44 -6.18 -9.97
C THR F 21 -16.97 -5.85 -10.18
N THR F 22 -16.24 -6.75 -10.84
CA THR F 22 -14.82 -6.57 -11.03
C THR F 22 -14.32 -6.62 -12.47
N HIS F 23 -13.22 -5.91 -12.74
CA HIS F 23 -12.66 -5.97 -14.09
C HIS F 23 -11.89 -7.27 -14.16
N ALA F 24 -11.57 -7.75 -15.34
CA ALA F 24 -10.96 -9.07 -15.37
C ALA F 24 -9.47 -9.21 -15.17
N PRO F 25 -9.11 -10.29 -14.46
CA PRO F 25 -8.71 -11.48 -13.69
C PRO F 25 -9.46 -11.57 -12.36
N GLU F 26 -9.83 -10.42 -11.82
CA GLU F 26 -10.50 -10.37 -10.53
C GLU F 26 -11.96 -10.79 -10.47
N VAL F 27 -12.26 -11.46 -9.36
CA VAL F 27 -13.59 -11.99 -9.08
C VAL F 27 -14.17 -11.28 -7.88
N PRO F 28 -15.49 -11.04 -7.89
CA PRO F 28 -16.11 -10.37 -6.74
C PRO F 28 -16.02 -11.22 -5.49
N PRO F 29 -16.15 -10.59 -4.31
CA PRO F 29 -16.08 -11.32 -3.03
C PRO F 29 -17.13 -12.42 -2.97
N ALA F 30 -16.79 -13.54 -2.32
CA ALA F 30 -17.76 -14.63 -2.19
C ALA F 30 -18.95 -14.08 -1.43
N ILE F 31 -20.14 -14.56 -1.77
CA ILE F 31 -21.37 -14.13 -1.14
C ILE F 31 -21.47 -14.59 0.31
N ASP F 32 -21.37 -13.65 1.25
CA ASP F 32 -21.45 -13.96 2.67
C ASP F 32 -22.81 -13.60 3.24
N ARG F 33 -23.87 -14.07 2.59
CA ARG F 33 -25.24 -13.83 3.05
C ARG F 33 -26.06 -15.06 2.67
N ASP F 34 -27.07 -15.37 3.48
CA ASP F 34 -27.90 -16.53 3.19
C ASP F 34 -29.37 -16.18 3.09
N TYR F 35 -29.64 -15.09 2.40
CA TYR F 35 -31.01 -14.62 2.18
C TYR F 35 -31.06 -13.92 0.83
N PRO F 36 -32.23 -13.97 0.16
CA PRO F 36 -32.41 -13.34 -1.15
C PRO F 36 -32.33 -11.82 -1.07
N ALA F 37 -31.87 -11.19 -2.14
CA ALA F 37 -31.76 -9.75 -2.18
C ALA F 37 -31.93 -9.23 -3.58
N LYS F 38 -32.12 -7.92 -3.70
CA LYS F 38 -32.25 -7.28 -5.00
C LYS F 38 -30.87 -6.68 -5.22
N VAL F 39 -30.13 -7.24 -6.15
CA VAL F 39 -28.78 -6.77 -6.43
C VAL F 39 -28.76 -5.78 -7.59
N ARG F 40 -28.30 -4.56 -7.30
CA ARG F 40 -28.22 -3.51 -8.30
C ARG F 40 -26.90 -3.53 -9.04
N VAL F 41 -26.99 -3.63 -10.36
CA VAL F 41 -25.80 -3.65 -11.20
C VAL F 41 -25.86 -2.50 -12.19
N LYS F 42 -24.75 -1.80 -12.35
CA LYS F 42 -24.67 -0.71 -13.30
C LYS F 42 -23.73 -1.13 -14.42
N MET F 43 -24.22 -1.09 -15.64
CA MET F 43 -23.42 -1.47 -16.79
C MET F 43 -23.46 -0.37 -17.84
N GLU F 44 -22.31 -0.11 -18.45
CA GLU F 44 -22.24 0.90 -19.50
C GLU F 44 -21.55 0.29 -20.70
N THR F 45 -22.09 0.53 -21.89
CA THR F 45 -21.47 0.02 -23.09
C THR F 45 -20.75 1.17 -23.78
N VAL F 46 -19.45 1.00 -23.97
CA VAL F 46 -18.65 2.04 -24.60
C VAL F 46 -17.78 1.47 -25.69
N GLU F 47 -17.73 2.17 -26.82
CA GLU F 47 -16.92 1.76 -27.96
C GLU F 47 -15.58 2.47 -27.85
N LYS F 48 -14.49 1.73 -27.95
CA LYS F 48 -13.17 2.34 -27.83
C LYS F 48 -12.08 1.56 -28.54
N THR F 49 -11.07 2.29 -29.01
CA THR F 49 -9.95 1.68 -29.69
C THR F 49 -8.91 1.29 -28.66
N MET F 50 -8.44 0.05 -28.76
CA MET F 50 -7.42 -0.42 -27.83
C MET F 50 -6.43 -1.28 -28.59
N LYS F 51 -5.38 -1.66 -27.88
CA LYS F 51 -4.32 -2.47 -28.45
C LYS F 51 -4.68 -3.95 -28.35
N MET F 52 -4.64 -4.63 -29.48
CA MET F 52 -4.96 -6.07 -29.53
C MET F 52 -3.64 -6.80 -29.30
N ASP F 53 -2.60 -6.27 -29.93
CA ASP F 53 -1.27 -6.82 -29.85
C ASP F 53 -0.33 -5.64 -30.05
N ASP F 54 0.98 -5.88 -29.97
CA ASP F 54 1.95 -4.79 -30.16
C ASP F 54 1.77 -4.13 -31.52
N GLY F 55 1.49 -2.84 -31.55
CA GLY F 55 1.32 -2.18 -32.82
C GLY F 55 0.01 -2.53 -33.53
N VAL F 56 -0.84 -3.31 -32.95
CA VAL F 56 -2.13 -3.65 -33.56
C VAL F 56 -3.27 -3.08 -32.75
N GLU F 57 -4.10 -2.27 -33.39
CA GLU F 57 -5.24 -1.67 -32.72
C GLU F 57 -6.53 -2.25 -33.25
N TYR F 58 -7.57 -2.24 -32.40
CA TYR F 58 -8.85 -2.78 -32.77
C TYR F 58 -9.94 -1.92 -32.15
N ARG F 59 -11.03 -1.73 -32.89
CA ARG F 59 -12.15 -0.97 -32.37
C ARG F 59 -13.06 -1.90 -31.59
N TYR F 60 -12.83 -2.00 -30.28
CA TYR F 60 -13.66 -2.86 -29.44
C TYR F 60 -14.98 -2.22 -29.06
N TRP F 61 -15.98 -3.07 -28.86
CA TRP F 61 -17.31 -2.64 -28.39
C TRP F 61 -17.33 -3.34 -27.04
N THR F 62 -17.34 -2.57 -25.97
CA THR F 62 -17.25 -3.15 -24.64
C THR F 62 -18.34 -2.90 -23.61
N PHE F 63 -18.30 -3.75 -22.58
CA PHE F 63 -19.19 -3.62 -21.44
C PHE F 63 -18.22 -3.04 -20.42
N ASP F 64 -18.43 -1.77 -20.08
CA ASP F 64 -17.61 -1.07 -19.09
C ASP F 64 -16.12 -0.81 -19.36
N GLY F 65 -15.77 -0.58 -20.62
CA GLY F 65 -14.38 -0.25 -20.93
C GLY F 65 -13.35 -1.27 -21.34
N ASP F 66 -13.66 -2.56 -21.21
CA ASP F 66 -12.69 -3.56 -21.60
C ASP F 66 -13.38 -4.87 -21.93
N VAL F 67 -12.58 -5.83 -22.34
CA VAL F 67 -13.06 -7.15 -22.68
C VAL F 67 -12.35 -8.11 -21.73
N PRO F 68 -13.10 -8.95 -21.01
CA PRO F 68 -14.56 -9.05 -21.02
C PRO F 68 -15.20 -8.00 -20.13
N GLY F 69 -16.52 -8.00 -20.05
CA GLY F 69 -17.21 -7.06 -19.19
C GLY F 69 -16.89 -7.40 -17.76
N ARG F 70 -17.35 -6.57 -16.84
CA ARG F 70 -17.13 -6.81 -15.42
C ARG F 70 -17.91 -8.03 -14.96
N MET F 71 -17.28 -8.83 -14.12
CA MET F 71 -17.93 -10.02 -13.60
C MET F 71 -18.93 -9.67 -12.51
N ILE F 72 -20.12 -10.27 -12.61
CA ILE F 72 -21.17 -10.07 -11.63
C ILE F 72 -21.27 -11.34 -10.82
N ARG F 73 -21.50 -11.21 -9.52
CA ARG F 73 -21.60 -12.36 -8.64
C ARG F 73 -22.82 -12.20 -7.76
N VAL F 74 -23.80 -13.09 -7.92
CA VAL F 74 -25.02 -13.04 -7.13
C VAL F 74 -25.34 -14.43 -6.55
N ARG F 75 -26.40 -14.48 -5.77
CA ARG F 75 -26.82 -15.72 -5.14
C ARG F 75 -28.10 -16.24 -5.78
N GLU F 76 -28.18 -17.56 -5.89
CA GLU F 76 -29.35 -18.23 -6.45
C GLU F 76 -30.58 -17.68 -5.74
N GLY F 77 -31.55 -17.19 -6.50
CA GLY F 77 -32.76 -16.65 -5.90
C GLY F 77 -32.80 -15.13 -5.84
N ASP F 78 -31.66 -14.50 -6.12
CA ASP F 78 -31.60 -13.04 -6.09
C ASP F 78 -32.34 -12.44 -7.27
N THR F 79 -32.70 -11.18 -7.13
CA THR F 79 -33.33 -10.44 -8.19
C THR F 79 -32.23 -9.48 -8.61
N VAL F 80 -31.83 -9.54 -9.88
CA VAL F 80 -30.79 -8.69 -10.39
C VAL F 80 -31.39 -7.50 -11.12
N GLU F 81 -31.15 -6.30 -10.61
CA GLU F 81 -31.67 -5.11 -11.25
C GLU F 81 -30.54 -4.42 -11.99
N VAL F 82 -30.68 -4.36 -13.31
CA VAL F 82 -29.66 -3.76 -14.15
C VAL F 82 -29.97 -2.38 -14.69
N GLU F 83 -29.06 -1.45 -14.45
CA GLU F 83 -29.20 -0.11 -14.97
C GLU F 83 -28.21 -0.16 -16.13
N PHE F 84 -28.76 -0.28 -17.33
CA PHE F 84 -27.98 -0.39 -18.56
C PHE F 84 -27.89 0.93 -19.32
N SER F 85 -26.66 1.45 -19.47
CA SER F 85 -26.47 2.72 -20.17
C SER F 85 -25.58 2.60 -21.40
N ASN F 86 -26.03 3.16 -22.53
CA ASN F 86 -25.21 3.14 -23.73
C ASN F 86 -24.55 4.50 -23.84
N ASN F 87 -23.21 4.50 -23.79
CA ASN F 87 -22.46 5.76 -23.86
C ASN F 87 -22.89 6.66 -25.02
N PRO F 88 -22.97 7.98 -24.78
CA PRO F 88 -23.36 8.98 -25.77
C PRO F 88 -22.55 8.94 -27.06
N SER F 89 -21.34 8.41 -27.00
CA SER F 89 -20.48 8.36 -28.18
C SER F 89 -20.58 7.08 -29.00
N SER F 90 -21.40 6.13 -28.53
CA SER F 90 -21.56 4.89 -29.28
C SER F 90 -22.20 5.16 -30.63
N THR F 91 -21.87 4.32 -31.60
CA THR F 91 -22.41 4.48 -32.95
C THR F 91 -23.61 3.58 -33.23
N VAL F 92 -23.87 2.62 -32.37
CA VAL F 92 -24.99 1.72 -32.57
C VAL F 92 -25.67 1.37 -31.26
N PRO F 93 -26.86 0.76 -31.32
CA PRO F 93 -27.54 0.41 -30.08
C PRO F 93 -26.80 -0.77 -29.47
N HIS F 94 -27.08 -1.04 -28.21
CA HIS F 94 -26.46 -2.17 -27.50
C HIS F 94 -27.45 -2.64 -26.44
N ASN F 95 -27.43 -3.93 -26.17
CA ASN F 95 -28.30 -4.47 -25.13
C ASN F 95 -27.53 -5.59 -24.47
N VAL F 96 -28.22 -6.40 -23.68
CA VAL F 96 -27.54 -7.50 -23.01
C VAL F 96 -28.43 -8.71 -22.86
N ASP F 97 -27.87 -9.85 -23.23
CA ASP F 97 -28.56 -11.13 -23.12
C ASP F 97 -27.80 -11.89 -22.05
N PHE F 98 -28.46 -12.14 -20.91
CA PHE F 98 -27.83 -12.87 -19.82
C PHE F 98 -28.24 -14.34 -19.94
N HIS F 99 -27.26 -15.24 -20.05
CA HIS F 99 -27.59 -16.65 -20.15
C HIS F 99 -28.14 -17.12 -18.80
N ALA F 100 -27.97 -16.28 -17.78
CA ALA F 100 -28.44 -16.59 -16.43
C ALA F 100 -29.90 -16.18 -16.25
N ALA F 101 -30.43 -15.40 -17.19
CA ALA F 101 -31.81 -14.94 -17.11
C ALA F 101 -32.78 -15.80 -17.89
N THR F 102 -33.98 -15.95 -17.32
CA THR F 102 -35.04 -16.74 -17.96
C THR F 102 -36.07 -15.77 -18.50
N GLY F 103 -36.28 -15.77 -19.81
CA GLY F 103 -37.24 -14.87 -20.40
C GLY F 103 -36.74 -14.26 -21.68
N GLN F 104 -37.65 -13.66 -22.44
CA GLN F 104 -37.35 -13.03 -23.71
C GLN F 104 -35.91 -12.57 -23.92
N GLY F 105 -35.24 -13.23 -24.85
CA GLY F 105 -33.86 -12.91 -25.19
C GLY F 105 -32.90 -12.70 -24.04
N GLY F 106 -33.20 -13.31 -22.90
CA GLY F 106 -32.33 -13.15 -21.74
C GLY F 106 -32.16 -11.69 -21.33
N GLY F 107 -33.18 -10.88 -21.62
CA GLY F 107 -33.12 -9.47 -21.27
C GLY F 107 -32.77 -8.54 -22.43
N ALA F 108 -32.54 -9.11 -23.59
CA ALA F 108 -32.19 -8.36 -24.78
C ALA F 108 -33.21 -7.30 -25.20
N ALA F 109 -34.49 -7.67 -25.21
CA ALA F 109 -35.54 -6.73 -25.59
C ALA F 109 -35.64 -5.57 -24.61
N ALA F 110 -35.63 -5.89 -23.31
CA ALA F 110 -35.73 -4.89 -22.26
C ALA F 110 -34.52 -3.97 -22.13
N THR F 111 -33.37 -4.41 -22.65
CA THR F 111 -32.17 -3.58 -22.53
C THR F 111 -31.70 -2.92 -23.82
N PHE F 112 -32.53 -2.98 -24.86
CA PHE F 112 -32.17 -2.35 -26.14
C PHE F 112 -32.02 -0.86 -25.87
N THR F 113 -30.79 -0.36 -25.94
CA THR F 113 -30.52 1.04 -25.65
C THR F 113 -29.74 1.81 -26.70
N ALA F 114 -30.33 2.89 -27.21
CA ALA F 114 -29.66 3.73 -28.20
C ALA F 114 -28.58 4.54 -27.51
N PRO F 115 -27.64 5.11 -28.28
CA PRO F 115 -26.57 5.91 -27.67
C PRO F 115 -27.13 7.05 -26.80
N GLY F 116 -26.47 7.31 -25.69
CA GLY F 116 -26.89 8.39 -24.80
C GLY F 116 -28.14 8.11 -23.99
N ARG F 117 -28.67 6.90 -24.09
CA ARG F 117 -29.88 6.53 -23.37
C ARG F 117 -29.58 5.51 -22.28
N THR F 118 -30.51 5.33 -21.33
CA THR F 118 -30.34 4.36 -20.25
C THR F 118 -31.58 3.50 -20.15
N SER F 119 -31.38 2.20 -19.95
CA SER F 119 -32.48 1.26 -19.82
C SER F 119 -32.39 0.62 -18.45
N THR F 120 -33.52 0.18 -17.92
CA THR F 120 -33.54 -0.47 -16.62
C THR F 120 -34.46 -1.68 -16.69
N PHE F 121 -34.00 -2.79 -16.13
CA PHE F 121 -34.79 -4.01 -16.13
C PHE F 121 -34.24 -4.97 -15.09
N SER F 122 -35.06 -5.91 -14.66
CA SER F 122 -34.61 -6.87 -13.66
C SER F 122 -35.07 -8.27 -13.97
N PHE F 123 -34.32 -9.25 -13.47
CA PHE F 123 -34.63 -10.65 -13.68
C PHE F 123 -34.23 -11.41 -12.42
N LYS F 124 -34.83 -12.57 -12.22
CA LYS F 124 -34.53 -13.39 -11.06
C LYS F 124 -33.58 -14.52 -11.43
N ALA F 125 -32.40 -14.54 -10.80
CA ALA F 125 -31.40 -15.57 -11.06
C ALA F 125 -31.91 -16.87 -10.46
N LEU F 126 -32.71 -17.59 -11.25
CA LEU F 126 -33.30 -18.85 -10.80
C LEU F 126 -32.37 -20.04 -10.63
N GLN F 127 -31.35 -20.14 -11.50
CA GLN F 127 -30.44 -21.26 -11.41
C GLN F 127 -28.98 -20.96 -11.18
N PRO F 128 -28.33 -21.73 -10.31
CA PRO F 128 -26.91 -21.53 -10.03
C PRO F 128 -26.08 -21.93 -11.25
N GLY F 129 -24.88 -21.36 -11.36
CA GLY F 129 -24.02 -21.69 -12.48
C GLY F 129 -23.16 -20.51 -12.90
N LEU F 130 -22.30 -20.71 -13.89
CA LEU F 130 -21.44 -19.66 -14.41
C LEU F 130 -21.95 -19.34 -15.79
N TYR F 131 -22.57 -18.17 -15.92
CA TYR F 131 -23.16 -17.77 -17.18
C TYR F 131 -22.53 -16.64 -17.95
N ILE F 132 -22.55 -16.79 -19.27
CA ILE F 132 -22.03 -15.78 -20.16
C ILE F 132 -23.16 -14.79 -20.42
N TYR F 133 -22.81 -13.53 -20.61
CA TYR F 133 -23.77 -12.53 -20.96
C TYR F 133 -23.11 -11.81 -22.13
N HIS F 134 -23.90 -11.43 -23.12
CA HIS F 134 -23.34 -10.78 -24.30
C HIS F 134 -24.37 -9.91 -24.98
N CYS F 135 -23.90 -9.01 -25.83
CA CYS F 135 -24.78 -8.12 -26.57
C CYS F 135 -25.49 -8.94 -27.64
N ALA F 136 -26.76 -8.64 -27.87
CA ALA F 136 -27.56 -9.37 -28.86
C ALA F 136 -28.28 -8.47 -29.86
N VAL F 137 -27.63 -7.37 -30.23
CA VAL F 137 -28.19 -6.43 -31.19
C VAL F 137 -27.73 -6.87 -32.59
N ALA F 138 -28.64 -6.85 -33.56
CA ALA F 138 -28.29 -7.26 -34.91
C ALA F 138 -27.27 -6.32 -35.57
N PRO F 139 -26.23 -6.88 -36.23
CA PRO F 139 -25.97 -8.32 -36.37
C PRO F 139 -25.31 -8.89 -35.13
N VAL F 140 -25.98 -9.83 -34.48
CA VAL F 140 -25.50 -10.46 -33.25
C VAL F 140 -24.04 -10.90 -33.27
N GLY F 141 -23.64 -11.64 -34.28
CA GLY F 141 -22.26 -12.09 -34.36
C GLY F 141 -21.24 -10.97 -34.29
N MET F 142 -21.56 -9.84 -34.92
CA MET F 142 -20.64 -8.71 -34.92
C MET F 142 -20.50 -8.09 -33.54
N HIS F 143 -21.61 -7.95 -32.82
CA HIS F 143 -21.55 -7.38 -31.49
C HIS F 143 -20.75 -8.29 -30.56
N ILE F 144 -20.90 -9.60 -30.72
CA ILE F 144 -20.14 -10.52 -29.87
C ILE F 144 -18.66 -10.49 -30.27
N ALA F 145 -18.41 -10.60 -31.57
CA ALA F 145 -17.05 -10.59 -32.09
C ALA F 145 -16.24 -9.35 -31.70
N ASN F 146 -16.89 -8.19 -31.57
CA ASN F 146 -16.17 -6.99 -31.20
C ASN F 146 -15.84 -6.92 -29.71
N GLY F 147 -16.20 -7.96 -28.96
CA GLY F 147 -15.89 -8.03 -27.54
C GLY F 147 -16.98 -7.85 -26.49
N MET F 148 -18.24 -7.81 -26.89
CA MET F 148 -19.31 -7.62 -25.92
C MET F 148 -19.80 -8.89 -25.21
N TYR F 149 -19.05 -9.32 -24.22
CA TYR F 149 -19.39 -10.50 -23.44
C TYR F 149 -18.70 -10.47 -22.08
N GLY F 150 -19.26 -11.23 -21.15
CA GLY F 150 -18.71 -11.30 -19.80
C GLY F 150 -19.35 -12.47 -19.09
N LEU F 151 -19.06 -12.60 -17.80
CA LEU F 151 -19.61 -13.69 -17.02
C LEU F 151 -20.36 -13.24 -15.80
N ILE F 152 -21.46 -13.91 -15.54
CA ILE F 152 -22.21 -13.64 -14.32
C ILE F 152 -22.23 -14.96 -13.56
N LEU F 153 -21.69 -14.94 -12.35
CA LEU F 153 -21.64 -16.12 -11.53
C LEU F 153 -22.84 -16.11 -10.61
N VAL F 154 -23.68 -17.13 -10.71
CA VAL F 154 -24.86 -17.26 -9.85
C VAL F 154 -24.55 -18.38 -8.88
N GLU F 155 -24.08 -18.02 -7.69
CA GLU F 155 -23.73 -18.96 -6.64
C GLU F 155 -24.91 -19.79 -6.15
N PRO F 156 -24.66 -21.03 -5.71
CA PRO F 156 -25.72 -21.91 -5.20
C PRO F 156 -26.16 -21.33 -3.86
N LYS F 157 -27.36 -21.67 -3.40
CA LYS F 157 -27.85 -21.18 -2.11
C LYS F 157 -26.75 -21.33 -1.05
N GLU F 158 -26.20 -22.54 -0.96
CA GLU F 158 -25.17 -22.86 0.02
C GLU F 158 -23.79 -22.28 -0.27
N GLY F 159 -23.64 -21.66 -1.43
CA GLY F 159 -22.35 -21.09 -1.80
C GLY F 159 -21.35 -22.13 -2.28
N LEU F 160 -20.22 -21.67 -2.82
CA LEU F 160 -19.18 -22.57 -3.31
C LEU F 160 -18.10 -22.69 -2.26
N PRO F 161 -17.37 -23.83 -2.24
CA PRO F 161 -16.30 -24.06 -1.28
C PRO F 161 -15.28 -22.91 -1.29
N LYS F 162 -14.75 -22.58 -0.11
CA LYS F 162 -13.75 -21.51 -0.04
C LYS F 162 -12.52 -21.98 -0.81
N VAL F 163 -11.84 -21.03 -1.43
CA VAL F 163 -10.64 -21.31 -2.20
C VAL F 163 -9.69 -20.16 -1.91
N ASP F 164 -8.40 -20.38 -2.11
CA ASP F 164 -7.44 -19.32 -1.83
C ASP F 164 -7.46 -18.22 -2.88
N LYS F 165 -7.46 -18.60 -4.16
CA LYS F 165 -7.48 -17.59 -5.20
C LYS F 165 -8.48 -17.90 -6.31
N GLU F 166 -9.12 -16.84 -6.80
CA GLU F 166 -10.11 -16.95 -7.87
C GLU F 166 -9.78 -16.02 -9.01
N PHE F 167 -9.88 -16.53 -10.24
CA PHE F 167 -9.58 -15.73 -11.42
C PHE F 167 -10.72 -15.74 -12.43
N TYR F 168 -10.86 -14.63 -13.14
CA TYR F 168 -11.89 -14.42 -14.15
C TYR F 168 -11.20 -14.45 -15.51
N ILE F 169 -11.49 -15.50 -16.29
CA ILE F 169 -10.87 -15.68 -17.60
C ILE F 169 -11.92 -15.99 -18.67
N VAL F 170 -11.88 -15.23 -19.76
CA VAL F 170 -12.80 -15.44 -20.87
C VAL F 170 -12.06 -15.46 -22.20
N GLN F 171 -12.24 -16.54 -22.94
CA GLN F 171 -11.59 -16.68 -24.24
C GLN F 171 -12.51 -16.14 -25.33
N GLY F 172 -11.92 -15.67 -26.42
CA GLY F 172 -12.69 -15.14 -27.52
C GLY F 172 -11.90 -15.14 -28.82
N ASP F 173 -12.56 -15.39 -29.94
CA ASP F 173 -11.87 -15.36 -31.23
C ASP F 173 -12.16 -14.06 -31.95
N PHE F 174 -11.13 -13.44 -32.49
CA PHE F 174 -11.27 -12.17 -33.18
C PHE F 174 -10.95 -12.24 -34.67
N TYR F 175 -11.75 -11.55 -35.46
CA TYR F 175 -11.61 -11.55 -36.90
C TYR F 175 -11.15 -10.21 -37.43
N THR F 176 -9.88 -10.20 -37.84
CA THR F 176 -9.22 -9.02 -38.35
C THR F 176 -9.05 -9.09 -39.87
N LYS F 177 -9.23 -7.95 -40.54
CA LYS F 177 -9.07 -7.93 -41.98
C LYS F 177 -7.65 -8.35 -42.33
N GLY F 178 -6.67 -7.73 -41.69
CA GLY F 178 -5.29 -8.10 -41.94
C GLY F 178 -5.00 -9.37 -41.18
N LYS F 179 -3.88 -10.02 -41.47
CA LYS F 179 -3.60 -11.23 -40.72
C LYS F 179 -2.84 -10.87 -39.45
N LYS F 180 -2.87 -11.79 -38.49
CA LYS F 180 -2.21 -11.59 -37.20
C LYS F 180 -0.85 -10.90 -37.42
N GLY F 181 -0.63 -9.80 -36.72
CA GLY F 181 0.64 -9.10 -36.87
C GLY F 181 0.58 -7.83 -37.69
N ALA F 182 -0.31 -7.78 -38.68
CA ALA F 182 -0.43 -6.60 -39.52
C ALA F 182 -0.67 -5.40 -38.60
N GLN F 183 0.22 -4.42 -38.68
CA GLN F 183 0.16 -3.22 -37.85
C GLN F 183 -1.00 -2.30 -38.17
N GLY F 184 -1.32 -1.42 -37.22
CA GLY F 184 -2.39 -0.47 -37.42
C GLY F 184 -3.76 -0.87 -36.90
N LEU F 185 -4.73 0.01 -37.14
CA LEU F 185 -6.10 -0.24 -36.71
C LEU F 185 -6.67 -1.29 -37.67
N GLN F 186 -6.99 -2.46 -37.13
CA GLN F 186 -7.54 -3.54 -37.93
C GLN F 186 -9.06 -3.63 -37.83
N PRO F 187 -9.76 -3.51 -38.98
CA PRO F 187 -11.22 -3.58 -39.02
C PRO F 187 -11.76 -4.99 -38.84
N PHE F 188 -13.01 -5.09 -38.44
CA PHE F 188 -13.65 -6.40 -38.27
C PHE F 188 -13.81 -7.00 -39.66
N ASP F 189 -13.58 -8.31 -39.80
CA ASP F 189 -13.71 -8.97 -41.10
C ASP F 189 -14.85 -9.97 -41.09
N MET F 190 -15.98 -9.56 -41.64
CA MET F 190 -17.18 -10.40 -41.70
C MET F 190 -16.96 -11.75 -42.38
N ASP F 191 -16.19 -11.77 -43.47
CA ASP F 191 -15.96 -13.03 -44.18
C ASP F 191 -15.20 -14.07 -43.37
N LYS F 192 -14.17 -13.64 -42.65
CA LYS F 192 -13.42 -14.60 -41.85
C LYS F 192 -14.29 -15.10 -40.70
N ALA F 193 -15.11 -14.21 -40.17
CA ALA F 193 -16.00 -14.57 -39.07
C ALA F 193 -16.94 -15.69 -39.52
N VAL F 194 -17.61 -15.47 -40.65
CA VAL F 194 -18.55 -16.45 -41.18
C VAL F 194 -17.85 -17.79 -41.48
N ALA F 195 -16.59 -17.73 -41.88
CA ALA F 195 -15.85 -18.95 -42.20
C ALA F 195 -15.18 -19.55 -40.97
N GLU F 196 -15.29 -18.86 -39.84
CA GLU F 196 -14.70 -19.35 -38.60
C GLU F 196 -13.19 -19.46 -38.66
N GLN F 197 -12.56 -18.44 -39.23
CA GLN F 197 -11.10 -18.38 -39.38
C GLN F 197 -10.58 -17.13 -38.68
N PRO F 198 -10.44 -17.17 -37.35
CA PRO F 198 -9.96 -16.00 -36.61
C PRO F 198 -8.47 -15.78 -36.77
N GLU F 199 -8.04 -14.54 -36.58
CA GLU F 199 -6.63 -14.19 -36.66
C GLU F 199 -6.07 -14.19 -35.24
N TYR F 200 -6.92 -13.81 -34.29
CA TYR F 200 -6.55 -13.78 -32.89
C TYR F 200 -7.52 -14.56 -32.04
N VAL F 201 -6.98 -15.36 -31.13
CA VAL F 201 -7.77 -16.14 -30.19
C VAL F 201 -7.08 -15.77 -28.89
N VAL F 202 -7.77 -14.99 -28.05
CA VAL F 202 -7.15 -14.53 -26.81
C VAL F 202 -7.96 -14.71 -25.54
N PHE F 203 -7.28 -14.54 -24.42
CA PHE F 203 -7.91 -14.63 -23.11
C PHE F 203 -8.00 -13.17 -22.68
N ASN F 204 -9.18 -12.75 -22.24
CA ASN F 204 -9.39 -11.38 -21.79
C ASN F 204 -9.05 -10.26 -22.76
N GLY F 205 -9.63 -10.36 -23.96
CA GLY F 205 -9.50 -9.36 -25.00
C GLY F 205 -8.24 -8.92 -25.73
N HIS F 206 -7.07 -9.27 -25.22
CA HIS F 206 -5.85 -8.82 -25.89
C HIS F 206 -4.76 -9.88 -25.78
N VAL F 207 -3.79 -9.81 -26.68
CA VAL F 207 -2.69 -10.74 -26.64
C VAL F 207 -1.90 -10.27 -25.42
N GLY F 208 -1.50 -11.20 -24.56
CA GLY F 208 -0.74 -10.84 -23.38
C GLY F 208 -1.51 -10.25 -22.20
N ALA F 209 -2.84 -10.15 -22.30
CA ALA F 209 -3.63 -9.59 -21.21
C ALA F 209 -3.41 -10.28 -19.88
N LEU F 210 -3.00 -11.55 -19.93
CA LEU F 210 -2.75 -12.36 -18.73
C LEU F 210 -1.35 -12.93 -18.72
N THR F 211 -0.41 -12.24 -19.34
CA THR F 211 0.95 -12.75 -19.39
C THR F 211 1.95 -11.65 -19.05
N GLY F 212 3.20 -12.05 -18.86
CA GLY F 212 4.25 -11.11 -18.54
C GLY F 212 3.91 -10.35 -17.28
N ASP F 213 4.00 -9.02 -17.35
CA ASP F 213 3.70 -8.19 -16.20
C ASP F 213 2.25 -8.35 -15.76
N ASN F 214 1.42 -8.92 -16.62
CA ASN F 214 0.01 -9.10 -16.31
C ASN F 214 -0.34 -10.52 -15.89
N ALA F 215 0.69 -11.35 -15.72
CA ALA F 215 0.46 -12.74 -15.33
C ALA F 215 -0.28 -12.84 -13.99
N LEU F 216 -1.10 -13.88 -13.86
CA LEU F 216 -1.85 -14.09 -12.63
C LEU F 216 -0.82 -14.55 -11.60
N LYS F 217 -1.10 -14.34 -10.33
CA LYS F 217 -0.15 -14.75 -9.30
C LYS F 217 -0.78 -15.53 -8.16
N ALA F 218 -0.05 -16.53 -7.67
CA ALA F 218 -0.50 -17.34 -6.56
C ALA F 218 0.72 -17.83 -5.82
N LYS F 219 0.52 -18.38 -4.63
CA LYS F 219 1.65 -18.88 -3.85
C LYS F 219 1.52 -20.40 -3.73
N ALA F 220 2.65 -21.09 -3.71
CA ALA F 220 2.66 -22.54 -3.61
C ALA F 220 1.80 -23.01 -2.45
N GLY F 221 0.99 -24.04 -2.70
CA GLY F 221 0.13 -24.56 -1.66
C GLY F 221 -1.30 -24.05 -1.74
N GLU F 222 -1.52 -23.00 -2.51
CA GLU F 222 -2.87 -22.44 -2.63
C GLU F 222 -3.76 -23.24 -3.57
N THR F 223 -5.05 -23.22 -3.29
CA THR F 223 -6.04 -23.89 -4.14
C THR F 223 -6.56 -22.77 -5.02
N VAL F 224 -6.54 -23.00 -6.33
CA VAL F 224 -6.96 -22.00 -7.30
C VAL F 224 -8.23 -22.37 -8.06
N ARG F 225 -9.17 -21.44 -8.15
CA ARG F 225 -10.40 -21.67 -8.89
C ARG F 225 -10.44 -20.69 -10.06
N MET F 226 -10.67 -21.21 -11.26
CA MET F 226 -10.76 -20.35 -12.41
C MET F 226 -12.15 -20.41 -13.02
N TYR F 227 -12.77 -19.25 -13.19
CA TYR F 227 -14.09 -19.16 -13.80
C TYR F 227 -13.75 -18.90 -15.26
N VAL F 228 -13.86 -19.92 -16.09
CA VAL F 228 -13.54 -19.81 -17.50
C VAL F 228 -14.74 -19.69 -18.43
N GLY F 229 -14.83 -18.56 -19.12
CA GLY F 229 -15.91 -18.35 -20.06
C GLY F 229 -15.38 -18.35 -21.47
N ASN F 230 -16.24 -18.69 -22.42
CA ASN F 230 -15.85 -18.71 -23.84
C ASN F 230 -16.89 -17.88 -24.59
N GLY F 231 -16.56 -16.62 -24.84
CA GLY F 231 -17.50 -15.76 -25.54
C GLY F 231 -17.65 -16.08 -27.02
N GLY F 232 -16.71 -16.81 -27.56
CA GLY F 232 -16.78 -17.14 -28.96
C GLY F 232 -16.29 -15.95 -29.76
N PRO F 233 -16.98 -15.56 -30.83
CA PRO F 233 -18.24 -16.10 -31.39
C PRO F 233 -18.29 -17.56 -31.80
N ASN F 234 -17.24 -18.03 -32.45
CA ASN F 234 -17.27 -19.39 -32.99
C ASN F 234 -16.47 -20.55 -32.42
N LEU F 235 -15.29 -20.28 -31.87
CA LEU F 235 -14.47 -21.38 -31.38
C LEU F 235 -14.83 -22.05 -30.06
N VAL F 236 -14.47 -23.33 -30.00
CA VAL F 236 -14.68 -24.19 -28.85
C VAL F 236 -13.28 -24.40 -28.30
N SER F 237 -13.11 -24.18 -27.00
CA SER F 237 -11.78 -24.29 -26.40
C SER F 237 -11.48 -25.62 -25.71
N SER F 238 -10.24 -26.10 -25.88
CA SER F 238 -9.77 -27.30 -25.22
C SER F 238 -8.90 -26.71 -24.13
N PHE F 239 -9.54 -26.13 -23.12
CA PHE F 239 -8.82 -25.49 -22.03
C PHE F 239 -7.86 -26.40 -21.25
N HIS F 240 -6.65 -25.90 -21.02
CA HIS F 240 -5.61 -26.66 -20.33
C HIS F 240 -4.60 -25.72 -19.69
N VAL F 241 -3.99 -26.17 -18.60
CA VAL F 241 -2.98 -25.38 -17.92
C VAL F 241 -1.70 -26.20 -17.94
N ILE F 242 -0.71 -25.73 -18.67
CA ILE F 242 0.55 -26.45 -18.77
C ILE F 242 1.24 -26.56 -17.42
N GLY F 243 1.50 -27.80 -17.02
CA GLY F 243 2.15 -28.04 -15.75
C GLY F 243 1.20 -28.36 -14.62
N GLU F 244 -0.09 -28.44 -14.91
CA GLU F 244 -1.05 -28.74 -13.85
C GLU F 244 -2.18 -29.66 -14.34
N ILE F 245 -2.95 -30.17 -13.38
CA ILE F 245 -4.07 -31.07 -13.68
C ILE F 245 -5.28 -30.54 -12.93
N PHE F 246 -6.43 -30.59 -13.58
CA PHE F 246 -7.66 -30.10 -12.95
C PHE F 246 -8.18 -31.10 -11.93
N ASP F 247 -8.18 -30.68 -10.67
CA ASP F 247 -8.65 -31.52 -9.58
C ASP F 247 -10.16 -31.64 -9.75
N LYS F 248 -10.80 -30.50 -10.00
CA LYS F 248 -12.23 -30.48 -10.22
C LYS F 248 -12.59 -29.67 -11.45
N VAL F 249 -13.61 -30.13 -12.15
CA VAL F 249 -14.11 -29.48 -13.35
C VAL F 249 -15.63 -29.52 -13.30
N TYR F 250 -16.27 -28.36 -13.25
CA TYR F 250 -17.73 -28.30 -13.26
C TYR F 250 -18.00 -28.37 -14.75
N VAL F 251 -18.32 -29.56 -15.22
CA VAL F 251 -18.57 -29.80 -16.64
C VAL F 251 -19.52 -28.81 -17.31
N GLU F 252 -19.01 -28.08 -18.31
CA GLU F 252 -19.77 -27.08 -19.06
C GLU F 252 -20.41 -26.03 -18.16
N GLY F 253 -19.82 -25.82 -16.99
CA GLY F 253 -20.33 -24.84 -16.06
C GLY F 253 -21.53 -25.26 -15.24
N GLY F 254 -21.94 -26.51 -15.36
CA GLY F 254 -23.08 -27.00 -14.60
C GLY F 254 -22.75 -27.62 -13.24
N LYS F 255 -23.71 -28.37 -12.69
CA LYS F 255 -23.56 -29.02 -11.39
C LYS F 255 -22.63 -30.22 -11.38
N LEU F 256 -22.56 -30.90 -12.52
CA LEU F 256 -21.73 -32.10 -12.65
C LEU F 256 -20.24 -31.80 -12.49
N ILE F 257 -19.57 -32.59 -11.65
CA ILE F 257 -18.17 -32.41 -11.40
C ILE F 257 -17.30 -33.56 -11.83
N ASN F 258 -16.26 -33.24 -12.60
CA ASN F 258 -15.32 -34.26 -13.08
C ASN F 258 -14.02 -34.03 -12.33
N GLU F 259 -13.16 -35.03 -12.32
CA GLU F 259 -11.90 -34.92 -11.60
C GLU F 259 -10.72 -35.51 -12.37
N ASN F 260 -9.55 -34.91 -12.15
CA ASN F 260 -8.33 -35.38 -12.81
C ASN F 260 -8.44 -35.26 -14.32
N VAL F 261 -8.74 -34.06 -14.79
CA VAL F 261 -8.87 -33.80 -16.21
C VAL F 261 -7.74 -32.90 -16.64
N GLN F 262 -7.05 -33.27 -17.72
CA GLN F 262 -5.92 -32.49 -18.21
C GLN F 262 -6.39 -31.36 -19.12
N SER F 263 -7.49 -31.59 -19.80
CA SER F 263 -7.98 -30.61 -20.76
C SER F 263 -9.50 -30.77 -20.96
N THR F 264 -10.26 -29.69 -20.76
CA THR F 264 -11.72 -29.72 -20.94
C THR F 264 -12.23 -28.82 -22.06
N ILE F 265 -13.35 -29.23 -22.64
CA ILE F 265 -13.99 -28.48 -23.70
C ILE F 265 -14.83 -27.36 -23.06
N VAL F 266 -14.68 -26.13 -23.56
CA VAL F 266 -15.48 -25.02 -23.08
C VAL F 266 -16.26 -24.61 -24.33
N PRO F 267 -17.58 -24.88 -24.36
CA PRO F 267 -18.44 -24.56 -25.50
C PRO F 267 -18.49 -23.09 -25.84
N ALA F 268 -18.80 -22.79 -27.09
CA ALA F 268 -18.91 -21.41 -27.52
C ALA F 268 -20.11 -20.88 -26.74
N GLY F 269 -20.00 -19.68 -26.21
CA GLY F 269 -21.09 -19.11 -25.43
C GLY F 269 -21.32 -19.95 -24.18
N GLY F 270 -20.32 -20.73 -23.81
CA GLY F 270 -20.44 -21.58 -22.64
C GLY F 270 -19.33 -21.33 -21.63
N SER F 271 -19.25 -22.18 -20.61
CA SER F 271 -18.24 -21.99 -19.60
C SER F 271 -17.81 -23.28 -18.92
N ALA F 272 -16.90 -23.12 -17.97
CA ALA F 272 -16.38 -24.22 -17.19
C ALA F 272 -15.75 -23.61 -15.95
N ILE F 273 -15.74 -24.37 -14.87
CA ILE F 273 -15.12 -23.93 -13.63
C ILE F 273 -14.09 -25.00 -13.34
N VAL F 274 -12.83 -24.61 -13.22
CA VAL F 274 -11.78 -25.55 -12.92
C VAL F 274 -11.09 -25.16 -11.64
N GLU F 275 -10.72 -26.17 -10.86
CA GLU F 275 -10.04 -25.98 -9.59
C GLU F 275 -8.84 -26.87 -9.56
N PHE F 276 -7.74 -26.35 -9.03
CA PHE F 276 -6.53 -27.13 -8.89
C PHE F 276 -5.67 -26.50 -7.81
N LYS F 277 -4.89 -27.34 -7.14
CA LYS F 277 -4.02 -26.88 -6.08
C LYS F 277 -2.63 -26.77 -6.69
N VAL F 278 -2.00 -25.60 -6.55
CA VAL F 278 -0.66 -25.42 -7.09
C VAL F 278 0.33 -25.73 -5.96
N ASP F 279 0.84 -26.95 -5.95
CA ASP F 279 1.75 -27.36 -4.90
C ASP F 279 3.25 -27.10 -5.07
N ILE F 280 3.64 -26.53 -6.20
CA ILE F 280 5.05 -26.26 -6.44
C ILE F 280 5.23 -25.02 -7.31
N PRO F 281 6.19 -24.15 -6.94
CA PRO F 281 6.51 -22.91 -7.65
C PRO F 281 6.81 -23.10 -9.14
N GLY F 282 6.68 -22.02 -9.90
CA GLY F 282 6.95 -22.09 -11.32
C GLY F 282 5.96 -21.31 -12.16
N ASN F 283 6.13 -21.38 -13.48
CA ASN F 283 5.24 -20.69 -14.40
C ASN F 283 4.30 -21.69 -15.05
N TYR F 284 3.01 -21.46 -14.91
CA TYR F 284 2.00 -22.32 -15.50
C TYR F 284 1.32 -21.52 -16.57
N THR F 285 1.25 -22.07 -17.77
CA THR F 285 0.63 -21.32 -18.84
C THR F 285 -0.71 -21.89 -19.29
N LEU F 286 -1.74 -21.04 -19.30
CA LEU F 286 -3.06 -21.49 -19.71
C LEU F 286 -3.11 -21.39 -21.23
N VAL F 287 -3.71 -22.38 -21.87
CA VAL F 287 -3.79 -22.37 -23.33
C VAL F 287 -5.05 -23.05 -23.84
N ASP F 288 -5.34 -22.84 -25.11
CA ASP F 288 -6.46 -23.53 -25.75
C ASP F 288 -5.55 -24.62 -26.31
N HIS F 289 -5.77 -25.88 -25.92
CA HIS F 289 -4.88 -26.91 -26.42
C HIS F 289 -5.00 -27.26 -27.89
N SER F 290 -5.80 -26.48 -28.61
CA SER F 290 -5.88 -26.64 -30.06
C SER F 290 -4.71 -25.69 -30.26
N ILE F 291 -3.57 -26.24 -29.85
CA ILE F 291 -2.25 -25.64 -29.84
C ILE F 291 -1.81 -24.48 -30.71
N PHE F 292 -2.14 -24.48 -32.00
CA PHE F 292 -1.71 -23.36 -32.82
C PHE F 292 -2.40 -22.06 -32.44
N ARG F 293 -3.53 -22.15 -31.74
CA ARG F 293 -4.21 -20.94 -31.31
C ARG F 293 -3.39 -20.31 -30.20
N ALA F 294 -2.85 -21.17 -29.33
CA ALA F 294 -2.07 -20.71 -28.20
C ALA F 294 -0.74 -20.05 -28.57
N PHE F 295 0.10 -20.76 -29.33
CA PHE F 295 1.39 -20.21 -29.68
C PHE F 295 1.47 -19.37 -30.96
N ASN F 296 0.39 -19.32 -31.72
CA ASN F 296 0.39 -18.54 -32.95
C ASN F 296 -0.68 -17.48 -33.03
N LYS F 297 -1.74 -17.65 -32.26
CA LYS F 297 -2.84 -16.69 -32.29
C LYS F 297 -3.10 -15.92 -30.99
N GLY F 298 -2.32 -16.21 -29.96
CA GLY F 298 -2.49 -15.50 -28.69
C GLY F 298 -3.22 -16.11 -27.51
N ALA F 299 -3.76 -17.31 -27.65
CA ALA F 299 -4.48 -17.94 -26.54
C ALA F 299 -3.48 -18.47 -25.52
N LEU F 300 -2.74 -17.56 -24.91
CA LEU F 300 -1.73 -17.92 -23.95
C LEU F 300 -1.73 -16.97 -22.74
N GLY F 301 -1.87 -17.56 -21.55
CA GLY F 301 -1.88 -16.79 -20.33
C GLY F 301 -0.87 -17.38 -19.38
N GLN F 302 -0.56 -16.67 -18.30
CA GLN F 302 0.40 -17.16 -17.34
C GLN F 302 -0.02 -17.03 -15.89
N LEU F 303 0.32 -18.05 -15.11
CA LEU F 303 0.04 -18.08 -13.69
C LEU F 303 1.41 -18.30 -13.07
N LYS F 304 1.92 -17.27 -12.39
CA LYS F 304 3.22 -17.37 -11.75
C LYS F 304 3.00 -17.76 -10.30
N VAL F 305 3.58 -18.89 -9.90
CA VAL F 305 3.44 -19.38 -8.53
C VAL F 305 4.73 -19.22 -7.74
N GLU F 306 4.64 -18.54 -6.60
CA GLU F 306 5.78 -18.33 -5.74
C GLU F 306 5.70 -19.27 -4.55
N GLY F 307 6.86 -19.58 -3.96
CA GLY F 307 6.86 -20.47 -2.83
C GLY F 307 8.17 -21.25 -2.79
N ALA F 308 8.13 -22.44 -2.21
CA ALA F 308 9.34 -23.24 -2.11
C ALA F 308 9.29 -24.65 -2.70
N GLU F 309 10.32 -24.92 -3.49
CA GLU F 309 10.62 -26.16 -4.20
C GLU F 309 10.55 -27.54 -3.51
N ASN F 310 9.86 -28.48 -4.16
CA ASN F 310 9.80 -29.86 -3.65
C ASN F 310 10.21 -30.82 -4.76
N PRO F 311 11.46 -31.32 -4.70
CA PRO F 311 12.02 -32.26 -5.68
C PRO F 311 11.27 -33.58 -5.76
N GLU F 312 10.63 -33.98 -4.67
CA GLU F 312 9.87 -35.23 -4.64
C GLU F 312 8.69 -35.16 -5.61
N ILE F 313 8.34 -33.95 -6.02
CA ILE F 313 7.25 -33.72 -6.97
C ILE F 313 7.83 -33.68 -8.39
N MET F 314 8.94 -32.97 -8.53
CA MET F 314 9.63 -32.83 -9.83
C MET F 314 10.99 -32.14 -9.68
CU CU G . 21.23 51.64 44.43
CU CU H . 24.50 40.46 39.42
CU CU I . 6.77 10.48 42.61
CU CU J . 11.82 14.58 32.18
CU CU K . -2.74 38.05 10.23
CU CU L . 9.14 37.95 14.06
CU CU M . -27.67 -43.47 -49.02
CU CU N . -21.94 -43.63 -37.82
CU CU O . 10.24 -31.98 -30.57
CU CU P . 0.10 -29.93 -23.58
CU CU Q . -23.65 -4.41 -28.99
CU CU R . -26.14 -16.36 -26.09
#